data_5MNT
#
_entry.id   5MNT
#
_cell.length_a   112.789
_cell.length_b   232.515
_cell.length_c   353.473
_cell.angle_alpha   90.00
_cell.angle_beta   90.00
_cell.angle_gamma   90.00
#
_symmetry.space_group_name_H-M   'C 2 2 21'
#
_entity_poly.entity_id   1
_entity_poly.type   'polypeptide(L)'
_entity_poly.pdbx_seq_one_letter_code
;GSPKLPRGLRFGADNEILNDFQELWFPDLFIESSDTHPWYTLKGRVLNAHLDDRLPNVGGRQVRRTPHRVTVPIASSGLR
PVTTVQYDPAALSFLLNARVDWDFGNGDSANLVINDFLFRTFAPKEFDFSNSLVPRYTQAFSAFNAKYGTMIGEGLETIK
YLGLLLRRLREGYRAVKRGDLRALRRVIQSYHNGKWKPATAGNLWLEFRYGLMPLFYDIRDVMLDWQNRHDKIQRLLRFS
VGHGEDYVVEFDNLYPAVAYFKLKGEITLERRHRHGISYANREGYAVFDNGSLRPVSDWKELATAFINPHEVAWELTPYS
FVVDWFLNVGDILAQQGQLYHNIDIVDGFDRRDIRLKSFTIKGERNGRPVNVSASLSAVDLFYSRLHTSNLPFATLDLDT
TFSSFKHVLDSIFLLTQRVKR
;
_entity_poly.pdbx_strand_id   A,B,C,D
#
# COMPACT_ATOMS: atom_id res chain seq x y z
N SER A 2 0.81 -60.15 -11.65
CA SER A 2 -0.36 -59.80 -12.53
C SER A 2 0.10 -59.04 -13.79
N PRO A 3 -0.23 -59.55 -15.01
CA PRO A 3 0.11 -58.84 -16.27
C PRO A 3 -0.14 -57.34 -16.24
N LYS A 4 0.67 -56.62 -17.00
CA LYS A 4 0.83 -55.16 -16.93
C LYS A 4 1.67 -54.66 -15.76
N LEU A 5 2.09 -55.54 -14.85
CA LEU A 5 2.84 -55.11 -13.65
C LEU A 5 4.02 -56.03 -13.31
N PRO A 6 5.10 -55.47 -12.73
CA PRO A 6 6.16 -56.29 -12.16
C PRO A 6 5.68 -57.28 -11.10
N ARG A 7 6.60 -58.12 -10.66
CA ARG A 7 6.25 -59.27 -9.86
C ARG A 7 5.57 -58.85 -8.56
N GLY A 8 6.21 -57.94 -7.84
CA GLY A 8 5.78 -57.58 -6.49
C GLY A 8 4.54 -56.72 -6.41
N LEU A 9 4.22 -56.00 -7.49
CA LEU A 9 3.06 -55.12 -7.52
C LEU A 9 1.76 -55.83 -7.96
N ARG A 10 0.63 -55.12 -7.78
CA ARG A 10 -0.71 -55.60 -8.15
C ARG A 10 -1.66 -54.40 -8.23
N PHE A 11 -2.64 -54.45 -9.14
CA PHE A 11 -3.62 -53.37 -9.24
C PHE A 11 -4.64 -53.49 -8.09
N GLY A 12 -5.03 -52.34 -7.54
CA GLY A 12 -5.99 -52.27 -6.43
C GLY A 12 -7.45 -52.27 -6.88
N ALA A 13 -8.33 -51.82 -6.00
CA ALA A 13 -9.77 -51.73 -6.30
C ALA A 13 -10.09 -50.61 -7.32
N ASP A 14 -9.43 -49.45 -7.19
CA ASP A 14 -9.50 -48.33 -8.17
C ASP A 14 -8.19 -48.22 -8.96
N ASN A 15 -7.68 -49.37 -9.41
CA ASN A 15 -6.44 -49.46 -10.19
C ASN A 15 -5.31 -48.58 -9.62
N GLU A 16 -5.01 -48.83 -8.34
CA GLU A 16 -3.89 -48.24 -7.63
C GLU A 16 -2.65 -49.15 -7.78
N ILE A 17 -1.47 -48.65 -7.41
CA ILE A 17 -0.20 -49.44 -7.47
C ILE A 17 0.12 -50.19 -6.15
N LEU A 18 -0.60 -51.28 -5.87
CA LEU A 18 -0.50 -51.99 -4.57
C LEU A 18 0.43 -53.20 -4.57
N ASN A 19 1.08 -53.43 -3.43
CA ASN A 19 2.00 -54.54 -3.27
C ASN A 19 1.24 -55.84 -3.20
N ASP A 20 1.58 -56.77 -4.09
CA ASP A 20 1.02 -58.12 -4.06
C ASP A 20 1.68 -58.84 -2.91
N PHE A 21 1.01 -58.83 -1.75
CA PHE A 21 1.58 -59.41 -0.55
C PHE A 21 1.68 -60.93 -0.65
N GLN A 22 0.77 -61.57 -1.38
CA GLN A 22 0.84 -63.03 -1.58
C GLN A 22 2.10 -63.43 -2.37
N GLU A 23 2.60 -62.53 -3.23
CA GLU A 23 3.84 -62.76 -3.99
C GLU A 23 5.10 -62.37 -3.24
N LEU A 24 5.05 -61.26 -2.50
CA LEU A 24 6.20 -60.83 -1.68
C LEU A 24 6.49 -61.78 -0.54
N TRP A 25 5.43 -62.16 0.18
CA TRP A 25 5.57 -62.94 1.39
C TRP A 25 5.55 -64.45 1.21
N PHE A 26 4.80 -64.99 0.25
CA PHE A 26 4.76 -66.46 0.06
C PHE A 26 5.08 -66.89 -1.37
N PRO A 27 6.23 -66.44 -1.90
CA PRO A 27 6.54 -66.62 -3.32
C PRO A 27 6.77 -68.06 -3.67
N ASP A 28 6.58 -68.40 -4.93
CA ASP A 28 6.89 -69.73 -5.43
C ASP A 28 8.40 -69.80 -5.59
N LEU A 29 8.97 -70.94 -5.20
CA LEU A 29 10.41 -71.19 -5.23
C LEU A 29 10.78 -72.01 -6.47
N PHE A 30 11.76 -71.53 -7.24
CA PHE A 30 12.31 -72.29 -8.36
C PHE A 30 13.72 -72.77 -8.02
N ILE A 31 14.12 -73.92 -8.56
CA ILE A 31 15.45 -74.47 -8.32
C ILE A 31 16.40 -74.02 -9.42
N GLU A 32 17.55 -73.48 -9.05
CA GLU A 32 18.56 -73.09 -10.04
C GLU A 32 19.78 -73.97 -9.95
N SER A 33 20.04 -74.69 -11.04
CA SER A 33 21.15 -75.62 -11.17
C SER A 33 22.24 -75.12 -12.09
N SER A 34 22.08 -73.90 -12.59
CA SER A 34 23.00 -73.31 -13.55
C SER A 34 24.46 -73.38 -13.03
N ASP A 35 25.33 -74.07 -13.77
CA ASP A 35 26.75 -74.22 -13.38
C ASP A 35 27.54 -72.93 -13.58
N THR A 36 27.72 -72.20 -12.49
CA THR A 36 28.27 -70.87 -12.51
C THR A 36 29.75 -70.80 -12.89
N HIS A 37 30.57 -71.74 -12.41
CA HIS A 37 32.03 -71.68 -12.65
C HIS A 37 32.54 -73.01 -13.20
N PRO A 38 32.14 -73.34 -14.45
CA PRO A 38 32.33 -74.66 -15.03
C PRO A 38 33.77 -75.07 -15.28
N TRP A 39 34.71 -74.12 -15.29
CA TRP A 39 36.12 -74.46 -15.50
C TRP A 39 37.08 -74.01 -14.40
N TYR A 40 38.17 -74.77 -14.31
CA TYR A 40 39.30 -74.52 -13.42
C TYR A 40 40.61 -74.82 -14.12
N THR A 41 41.68 -74.16 -13.68
CA THR A 41 42.97 -74.22 -14.39
C THR A 41 44.12 -74.68 -13.51
N LEU A 42 45.04 -75.43 -14.14
CA LEU A 42 46.35 -75.74 -13.59
C LEU A 42 47.37 -75.07 -14.53
N LYS A 43 48.37 -74.38 -13.98
CA LYS A 43 49.42 -73.73 -14.79
C LYS A 43 50.77 -73.72 -14.06
N GLY A 44 51.47 -74.85 -14.17
CA GLY A 44 52.77 -75.01 -13.52
C GLY A 44 53.61 -76.15 -14.05
N ARG A 45 54.37 -76.77 -13.14
CA ARG A 45 55.23 -77.93 -13.45
C ARG A 45 55.13 -78.94 -12.32
N VAL A 46 55.08 -80.22 -12.69
CA VAL A 46 55.04 -81.33 -11.73
C VAL A 46 55.90 -82.48 -12.25
N LEU A 47 56.88 -82.91 -11.47
CA LEU A 47 57.71 -84.07 -11.81
C LEU A 47 58.24 -84.00 -13.25
N ASN A 48 58.76 -82.82 -13.61
CA ASN A 48 59.25 -82.56 -14.96
C ASN A 48 58.21 -82.91 -16.03
N ALA A 49 57.00 -82.38 -15.85
CA ALA A 49 55.94 -82.42 -16.84
C ALA A 49 55.26 -81.05 -16.81
N HIS A 50 55.59 -80.20 -17.79
CA HIS A 50 55.00 -78.87 -17.88
C HIS A 50 53.54 -78.99 -18.30
N LEU A 51 52.64 -78.68 -17.38
CA LEU A 51 51.21 -78.71 -17.66
C LEU A 51 50.65 -77.30 -17.75
N ASP A 52 49.70 -77.13 -18.67
CA ASP A 52 48.88 -75.93 -18.77
C ASP A 52 47.54 -76.44 -19.25
N ASP A 53 46.78 -77.01 -18.32
CA ASP A 53 45.48 -77.61 -18.62
C ASP A 53 44.34 -76.68 -18.22
N ARG A 54 43.14 -77.04 -18.66
CA ARG A 54 41.89 -76.40 -18.24
C ARG A 54 40.84 -77.49 -18.08
N LEU A 55 40.39 -77.68 -16.84
CA LEU A 55 39.59 -78.84 -16.45
C LEU A 55 38.25 -78.46 -15.90
N PRO A 56 37.27 -79.37 -16.03
CA PRO A 56 35.96 -79.10 -15.48
C PRO A 56 35.93 -79.38 -14.00
N ASN A 57 35.27 -78.50 -13.23
CA ASN A 57 35.03 -78.77 -11.79
C ASN A 57 33.59 -79.24 -11.60
N VAL A 58 33.25 -79.56 -10.36
CA VAL A 58 32.01 -80.26 -10.00
C VAL A 58 30.77 -79.51 -10.49
N GLY A 59 29.71 -80.25 -10.82
CA GLY A 59 28.45 -79.65 -11.22
C GLY A 59 27.35 -80.11 -10.30
N GLY A 60 26.12 -80.03 -10.81
CA GLY A 60 24.95 -80.37 -10.02
C GLY A 60 24.76 -79.41 -8.87
N ARG A 61 25.02 -78.12 -9.10
CA ARG A 61 24.46 -77.07 -8.24
C ARG A 61 22.97 -77.35 -8.16
N GLN A 62 22.41 -77.06 -6.99
CA GLN A 62 20.97 -77.15 -6.81
C GLN A 62 20.66 -76.14 -5.73
N VAL A 63 20.08 -75.01 -6.14
CA VAL A 63 19.81 -73.90 -5.24
C VAL A 63 18.35 -73.45 -5.35
N ARG A 64 17.60 -73.67 -4.27
CA ARG A 64 16.20 -73.28 -4.14
C ARG A 64 16.21 -71.79 -3.87
N ARG A 65 15.52 -71.00 -4.69
CA ARG A 65 15.54 -69.55 -4.48
C ARG A 65 14.32 -68.80 -5.03
N THR A 66 14.18 -67.52 -4.65
CA THR A 66 12.98 -66.74 -4.92
C THR A 66 13.20 -65.77 -6.06
N PRO A 67 12.15 -65.50 -6.86
CA PRO A 67 12.21 -64.60 -8.02
C PRO A 67 12.22 -63.14 -7.65
N HIS A 68 12.96 -62.32 -8.41
CA HIS A 68 13.11 -60.92 -8.03
C HIS A 68 11.80 -60.18 -8.20
N ARG A 69 11.37 -59.54 -7.11
CA ARG A 69 10.14 -58.74 -7.05
C ARG A 69 10.45 -57.32 -6.63
N VAL A 70 9.44 -56.46 -6.67
CA VAL A 70 9.59 -55.06 -6.30
C VAL A 70 8.38 -54.51 -5.51
N THR A 71 8.65 -53.56 -4.62
CA THR A 71 7.64 -52.99 -3.72
C THR A 71 7.45 -51.47 -3.75
N VAL A 72 6.29 -51.05 -3.25
CA VAL A 72 5.92 -49.66 -2.99
C VAL A 72 5.64 -49.56 -1.48
N PRO A 73 5.88 -48.38 -0.85
CA PRO A 73 5.63 -48.13 0.59
C PRO A 73 4.29 -48.60 1.22
N ILE A 74 4.25 -48.78 2.55
CA ILE A 74 3.07 -49.33 3.31
C ILE A 74 2.39 -48.44 4.39
N ALA A 75 2.91 -47.22 4.60
CA ALA A 75 2.31 -46.25 5.52
C ALA A 75 2.80 -44.85 5.12
N SER A 76 2.21 -43.79 5.69
CA SER A 76 2.62 -42.41 5.36
C SER A 76 4.11 -42.21 5.62
N SER A 77 4.88 -41.92 4.57
CA SER A 77 6.35 -42.01 4.59
C SER A 77 6.79 -43.33 5.24
N GLY A 78 6.15 -44.41 4.79
CA GLY A 78 6.43 -45.73 5.29
C GLY A 78 7.52 -46.33 4.46
N LEU A 79 8.45 -47.01 5.12
CA LEU A 79 9.47 -47.76 4.40
C LEU A 79 8.76 -48.98 3.80
N ARG A 80 9.47 -49.58 2.86
CA ARG A 80 8.92 -50.63 2.03
C ARG A 80 8.75 -51.87 2.88
N PRO A 81 7.77 -52.74 2.55
CA PRO A 81 7.58 -53.91 3.38
C PRO A 81 8.68 -54.93 3.15
N VAL A 82 8.90 -55.75 4.15
CA VAL A 82 9.87 -56.82 4.05
C VAL A 82 9.41 -57.84 3.02
N THR A 83 10.35 -58.33 2.20
CA THR A 83 10.06 -59.35 1.19
C THR A 83 10.68 -60.67 1.59
N THR A 84 9.94 -61.75 1.44
CA THR A 84 10.48 -63.09 1.71
C THR A 84 11.51 -63.44 0.66
N VAL A 85 12.68 -63.82 1.11
CA VAL A 85 13.80 -64.10 0.23
C VAL A 85 14.35 -65.46 0.57
N GLN A 86 14.86 -66.14 -0.43
CA GLN A 86 15.41 -67.46 -0.23
C GLN A 86 16.61 -67.65 -1.14
N TYR A 87 17.70 -68.16 -0.58
CA TYR A 87 18.83 -68.65 -1.36
C TYR A 87 19.40 -69.79 -0.53
N ASP A 88 18.95 -71.00 -0.85
CA ASP A 88 19.13 -72.18 -0.03
C ASP A 88 19.76 -73.25 -0.91
N PRO A 89 21.07 -73.45 -0.80
CA PRO A 89 21.73 -74.50 -1.55
C PRO A 89 21.68 -75.84 -0.86
N ALA A 90 21.83 -76.90 -1.67
CA ALA A 90 21.98 -78.25 -1.15
C ALA A 90 23.31 -78.37 -0.42
N ALA A 91 24.30 -77.62 -0.89
CA ALA A 91 25.62 -77.60 -0.27
C ALA A 91 26.38 -76.32 -0.63
N LEU A 92 27.27 -75.89 0.27
CA LEU A 92 28.00 -74.63 0.13
C LEU A 92 29.14 -74.84 -0.85
N SER A 93 29.33 -73.91 -1.78
CA SER A 93 30.31 -74.05 -2.87
C SER A 93 31.36 -73.01 -2.61
N PHE A 94 32.65 -73.36 -2.80
CA PHE A 94 33.78 -72.42 -2.66
C PHE A 94 34.79 -72.53 -3.80
N LEU A 95 35.37 -71.41 -4.17
CA LEU A 95 36.39 -71.33 -5.22
C LEU A 95 37.81 -71.17 -4.66
N LEU A 96 38.70 -72.10 -5.01
CA LEU A 96 40.08 -72.12 -4.53
C LEU A 96 41.05 -71.61 -5.59
N ASN A 97 41.87 -70.63 -5.20
CA ASN A 97 42.97 -70.11 -6.03
C ASN A 97 44.27 -70.38 -5.29
N ALA A 98 44.86 -71.55 -5.52
CA ALA A 98 45.99 -72.02 -4.74
C ALA A 98 47.31 -72.06 -5.51
N ARG A 99 48.40 -71.92 -4.75
CA ARG A 99 49.76 -72.21 -5.20
C ARG A 99 50.24 -73.35 -4.32
N VAL A 100 50.48 -74.51 -4.91
CA VAL A 100 51.08 -75.61 -4.19
C VAL A 100 52.51 -75.73 -4.74
N ASP A 101 53.50 -75.79 -3.84
CA ASP A 101 54.92 -75.86 -4.20
C ASP A 101 55.72 -76.72 -3.21
N TRP A 102 56.72 -77.44 -3.71
CA TRP A 102 57.60 -78.27 -2.87
C TRP A 102 58.82 -78.73 -3.67
N ASP A 103 59.94 -78.91 -2.97
CA ASP A 103 61.16 -79.41 -3.59
C ASP A 103 61.82 -80.42 -2.64
N PHE A 104 61.79 -81.69 -3.00
CA PHE A 104 62.49 -82.72 -2.26
C PHE A 104 62.78 -83.92 -3.15
N GLY A 105 63.59 -84.86 -2.66
CA GLY A 105 63.85 -86.13 -3.36
C GLY A 105 64.68 -85.99 -4.64
N ASN A 106 64.78 -87.09 -5.40
CA ASN A 106 65.57 -87.13 -6.64
C ASN A 106 64.81 -86.44 -7.79
N GLY A 107 64.83 -85.11 -7.80
CA GLY A 107 64.02 -84.33 -8.73
C GLY A 107 62.52 -84.60 -8.62
N ASP A 108 62.02 -84.72 -7.38
CA ASP A 108 60.58 -84.92 -7.07
C ASP A 108 59.98 -83.56 -6.68
N SER A 109 60.11 -82.62 -7.61
CA SER A 109 59.82 -81.21 -7.40
C SER A 109 58.59 -80.83 -8.21
N ALA A 110 57.86 -79.84 -7.69
CA ALA A 110 56.77 -79.21 -8.41
C ALA A 110 56.46 -77.82 -7.84
N ASN A 111 55.86 -76.99 -8.69
CA ASN A 111 55.35 -75.69 -8.30
C ASN A 111 54.27 -75.37 -9.32
N LEU A 112 53.00 -75.50 -8.91
CA LEU A 112 51.88 -75.20 -9.81
C LEU A 112 50.80 -74.31 -9.16
N VAL A 113 50.08 -73.60 -10.04
CA VAL A 113 49.04 -72.65 -9.68
C VAL A 113 47.70 -73.22 -10.08
N ILE A 114 46.89 -73.51 -9.09
CA ILE A 114 45.52 -73.93 -9.29
C ILE A 114 44.71 -72.63 -9.31
N ASN A 115 43.64 -72.58 -10.11
CA ASN A 115 42.76 -71.41 -10.06
C ASN A 115 41.29 -71.77 -10.35
N ASP A 116 40.40 -71.18 -9.58
CA ASP A 116 38.95 -71.35 -9.70
C ASP A 116 38.48 -72.81 -9.62
N PHE A 117 39.22 -73.65 -8.90
CA PHE A 117 38.82 -75.04 -8.67
C PHE A 117 37.83 -75.01 -7.53
N LEU A 118 36.59 -75.45 -7.77
CA LEU A 118 35.62 -75.44 -6.68
C LEU A 118 35.27 -76.81 -6.14
N PHE A 119 34.91 -76.75 -4.86
CA PHE A 119 34.44 -77.87 -4.09
C PHE A 119 33.28 -77.40 -3.22
N ARG A 120 32.51 -78.36 -2.72
CA ARG A 120 31.37 -78.08 -1.85
C ARG A 120 31.59 -78.72 -0.52
N THR A 121 30.86 -78.24 0.48
CA THR A 121 30.86 -78.81 1.82
C THR A 121 29.46 -78.91 2.32
N PHE A 122 29.29 -79.76 3.33
CA PHE A 122 28.01 -79.90 4.00
C PHE A 122 27.54 -78.54 4.49
N ALA A 123 26.26 -78.25 4.25
CA ALA A 123 25.65 -76.98 4.60
C ALA A 123 24.91 -77.15 5.93
N PRO A 124 25.31 -76.38 6.97
CA PRO A 124 24.65 -76.41 8.27
C PRO A 124 23.55 -75.34 8.33
N LYS A 125 22.54 -75.56 7.50
CA LYS A 125 21.49 -74.59 7.26
C LYS A 125 20.56 -74.49 8.46
N GLU A 126 20.38 -75.61 9.16
CA GLU A 126 19.39 -75.71 10.22
C GLU A 126 19.97 -75.36 11.57
N PHE A 127 19.56 -74.19 12.05
CA PHE A 127 19.89 -73.69 13.35
C PHE A 127 18.87 -72.64 13.73
N ASP A 128 18.62 -72.53 15.03
CA ASP A 128 17.75 -71.51 15.60
C ASP A 128 18.44 -70.96 16.83
N PHE A 129 18.47 -69.63 16.95
CA PHE A 129 19.08 -68.96 18.08
C PHE A 129 18.04 -68.21 18.93
N SER A 130 16.81 -68.72 18.97
CA SER A 130 15.70 -68.01 19.64
C SER A 130 16.03 -67.73 21.10
N ASN A 131 16.75 -68.66 21.73
CA ASN A 131 17.17 -68.53 23.13
C ASN A 131 18.10 -67.34 23.39
N SER A 132 18.88 -66.91 22.39
CA SER A 132 19.70 -65.67 22.48
C SER A 132 18.94 -64.40 22.10
N LEU A 133 17.90 -64.57 21.29
CA LEU A 133 17.14 -63.44 20.77
C LEU A 133 16.06 -62.96 21.71
N VAL A 134 15.22 -63.85 22.23
CA VAL A 134 14.04 -63.38 22.99
C VAL A 134 14.41 -62.68 24.32
N PRO A 135 15.52 -63.10 24.97
CA PRO A 135 16.03 -62.22 26.01
C PRO A 135 16.27 -60.82 25.48
N ARG A 136 17.02 -60.71 24.40
CA ARG A 136 17.36 -59.41 23.83
C ARG A 136 16.11 -58.64 23.42
N TYR A 137 15.11 -59.34 22.90
CA TYR A 137 13.86 -58.69 22.57
C TYR A 137 13.23 -58.11 23.82
N THR A 138 13.03 -58.96 24.84
CA THR A 138 12.34 -58.53 26.06
C THR A 138 13.04 -57.37 26.75
N GLN A 139 14.36 -57.45 26.83
CA GLN A 139 15.17 -56.36 27.38
C GLN A 139 14.96 -55.06 26.62
N ALA A 140 14.80 -55.17 25.29
CA ALA A 140 14.52 -54.02 24.43
C ALA A 140 13.16 -53.41 24.72
N PHE A 141 12.16 -54.26 24.94
CA PHE A 141 10.81 -53.79 25.21
C PHE A 141 10.65 -53.14 26.58
N SER A 142 11.14 -53.81 27.61
CA SER A 142 11.06 -53.27 28.97
C SER A 142 11.79 -51.92 29.06
N ALA A 143 12.99 -51.86 28.48
CA ALA A 143 13.83 -50.66 28.54
C ALA A 143 13.33 -49.47 27.70
N PHE A 144 12.52 -49.73 26.69
CA PHE A 144 12.10 -48.72 25.71
C PHE A 144 11.59 -47.39 26.32
N ASN A 145 10.58 -47.49 27.18
CA ASN A 145 9.97 -46.29 27.78
C ASN A 145 10.93 -45.46 28.60
N ALA A 146 11.90 -46.12 29.21
CA ALA A 146 12.96 -45.43 29.92
C ALA A 146 13.86 -44.70 28.95
N LYS A 147 14.33 -45.42 27.93
CA LYS A 147 15.32 -44.88 27.01
C LYS A 147 14.83 -43.66 26.22
N TYR A 148 13.71 -43.82 25.54
CA TYR A 148 13.21 -42.77 24.65
C TYR A 148 12.19 -41.84 25.29
N GLY A 149 11.68 -42.20 26.47
CA GLY A 149 10.61 -41.44 27.13
C GLY A 149 10.81 -39.94 27.10
N THR A 150 12.03 -39.50 27.42
CA THR A 150 12.38 -38.08 27.40
C THR A 150 12.46 -37.56 25.95
N MET A 151 13.06 -38.35 25.05
CA MET A 151 13.15 -37.97 23.63
C MET A 151 11.80 -37.84 22.94
N ILE A 152 10.88 -38.75 23.24
CA ILE A 152 9.53 -38.74 22.66
C ILE A 152 8.74 -37.53 23.13
N GLY A 153 8.62 -37.36 24.45
CA GLY A 153 7.97 -36.17 25.06
C GLY A 153 8.58 -34.84 24.64
N GLU A 154 9.89 -34.85 24.36
CA GLU A 154 10.60 -33.69 23.81
C GLU A 154 10.15 -33.36 22.39
N GLY A 155 10.02 -34.36 21.53
CA GLY A 155 9.41 -34.19 20.22
C GLY A 155 7.93 -33.83 20.27
N LEU A 156 7.21 -34.34 21.27
CA LEU A 156 5.83 -33.93 21.53
C LEU A 156 5.77 -32.45 21.84
N GLU A 157 6.68 -31.98 22.69
CA GLU A 157 6.73 -30.55 23.02
C GLU A 157 6.82 -29.70 21.76
N THR A 158 7.68 -30.12 20.82
CA THR A 158 7.86 -29.43 19.54
C THR A 158 6.58 -29.29 18.74
N ILE A 159 5.85 -30.39 18.58
CA ILE A 159 4.63 -30.35 17.78
C ILE A 159 3.55 -29.44 18.41
N LYS A 160 3.45 -29.41 19.74
CA LYS A 160 2.51 -28.50 20.41
C LYS A 160 2.87 -27.06 20.10
N TYR A 161 4.18 -26.77 20.11
CA TYR A 161 4.71 -25.43 19.82
C TYR A 161 4.48 -25.01 18.37
N LEU A 162 4.51 -25.94 17.43
CA LEU A 162 4.09 -25.61 16.06
C LEU A 162 2.64 -25.14 16.06
N GLY A 163 1.80 -25.83 16.84
CA GLY A 163 0.42 -25.42 17.06
C GLY A 163 0.24 -23.99 17.57
N LEU A 164 1.12 -23.57 18.48
CA LEU A 164 1.10 -22.19 19.00
C LEU A 164 1.44 -21.18 17.92
N LEU A 165 2.42 -21.50 17.09
CA LEU A 165 2.83 -20.60 16.05
C LEU A 165 1.73 -20.51 15.01
N LEU A 166 1.23 -21.66 14.54
CA LEU A 166 0.13 -21.65 13.56
C LEU A 166 -1.10 -20.89 14.08
N ARG A 167 -1.33 -21.01 15.38
CA ARG A 167 -2.39 -20.27 16.03
C ARG A 167 -2.13 -18.77 15.90
N ARG A 168 -0.93 -18.36 16.30
CA ARG A 168 -0.51 -16.94 16.25
C ARG A 168 -0.58 -16.38 14.82
N LEU A 169 -0.11 -17.17 13.85
CA LEU A 169 -0.21 -16.80 12.43
C LEU A 169 -1.64 -16.58 12.05
N ARG A 170 -2.52 -17.50 12.47
CA ARG A 170 -3.92 -17.35 12.16
C ARG A 170 -4.50 -16.04 12.72
N GLU A 171 -4.10 -15.65 13.94
CA GLU A 171 -4.53 -14.36 14.52
C GLU A 171 -4.19 -13.25 13.56
N GLY A 172 -2.97 -13.31 13.04
CA GLY A 172 -2.49 -12.38 12.02
C GLY A 172 -3.32 -12.37 10.76
N TYR A 173 -3.48 -13.53 10.14
CA TYR A 173 -4.32 -13.66 8.95
C TYR A 173 -5.72 -13.12 9.17
N ARG A 174 -6.33 -13.54 10.27
CA ARG A 174 -7.68 -13.11 10.61
C ARG A 174 -7.80 -11.57 10.61
N ALA A 175 -6.82 -10.91 11.22
CA ALA A 175 -6.79 -9.46 11.28
C ALA A 175 -6.82 -8.82 9.89
N VAL A 176 -6.06 -9.38 8.94
CA VAL A 176 -6.05 -8.87 7.56
C VAL A 176 -7.44 -9.05 6.94
N LYS A 177 -8.01 -10.24 7.09
CA LYS A 177 -9.34 -10.53 6.53
C LYS A 177 -10.39 -9.59 7.11
N ARG A 178 -10.28 -9.28 8.40
CA ARG A 178 -11.13 -8.26 9.05
C ARG A 178 -10.85 -6.82 8.62
N GLY A 179 -9.61 -6.55 8.22
CA GLY A 179 -9.18 -5.20 7.85
C GLY A 179 -8.68 -4.39 9.04
N ASP A 180 -8.72 -5.00 10.23
CA ASP A 180 -8.32 -4.34 11.45
C ASP A 180 -6.80 -4.21 11.43
N LEU A 181 -6.33 -3.06 10.97
CA LEU A 181 -4.91 -2.77 10.96
C LEU A 181 -4.30 -2.64 12.37
N ARG A 182 -5.06 -2.08 13.31
CA ARG A 182 -4.68 -2.02 14.74
C ARG A 182 -4.17 -3.38 15.25
N ALA A 183 -5.03 -4.38 15.11
CA ALA A 183 -4.79 -5.74 15.61
C ALA A 183 -3.64 -6.41 14.90
N LEU A 184 -3.49 -6.16 13.60
CA LEU A 184 -2.39 -6.72 12.83
C LEU A 184 -1.06 -6.18 13.36
N ARG A 185 -0.98 -4.87 13.53
CA ARG A 185 0.22 -4.25 14.08
C ARG A 185 0.48 -4.62 15.56
N ARG A 186 -0.58 -4.89 16.32
CA ARG A 186 -0.44 -5.45 17.68
C ARG A 186 0.19 -6.86 17.67
N VAL A 187 -0.13 -7.69 16.68
CA VAL A 187 0.51 -9.01 16.51
C VAL A 187 1.96 -8.89 16.07
N ILE A 188 2.23 -8.00 15.11
CA ILE A 188 3.60 -7.73 14.66
C ILE A 188 4.44 -7.27 15.84
N GLN A 189 3.88 -6.33 16.61
CA GLN A 189 4.61 -5.69 17.71
C GLN A 189 5.37 -6.61 18.64
N SER A 190 4.82 -7.78 18.93
CA SER A 190 5.48 -8.69 19.87
C SER A 190 6.88 -9.12 19.44
N TYR A 191 7.17 -9.18 18.15
CA TYR A 191 8.44 -9.73 17.64
C TYR A 191 9.62 -8.75 17.63
N HIS A 192 9.37 -7.47 17.93
CA HIS A 192 10.43 -6.46 18.12
C HIS A 192 10.24 -5.76 19.47
N ASN A 193 11.21 -5.95 20.37
CA ASN A 193 11.24 -5.29 21.69
C ASN A 193 11.03 -3.77 21.62
N GLY A 194 11.72 -3.10 20.69
CA GLY A 194 11.51 -1.68 20.44
C GLY A 194 10.14 -1.50 19.82
N LYS A 195 9.30 -0.68 20.45
CA LYS A 195 7.89 -0.54 20.05
C LYS A 195 7.72 0.65 19.08
N TRP A 196 7.75 0.38 17.76
CA TRP A 196 7.59 1.42 16.74
C TRP A 196 6.42 1.15 15.78
N LYS A 197 5.79 2.23 15.33
CA LYS A 197 4.63 2.18 14.42
C LYS A 197 4.48 3.54 13.71
N PRO A 198 4.98 3.66 12.47
CA PRO A 198 4.79 4.90 11.68
C PRO A 198 3.35 5.26 11.23
N ALA A 199 2.67 4.37 10.52
CA ALA A 199 1.38 4.68 9.85
C ALA A 199 1.46 5.78 8.78
N THR A 200 2.59 5.84 8.07
CA THR A 200 2.79 6.72 6.88
C THR A 200 1.73 6.46 5.80
N ALA A 201 1.36 5.20 5.62
CA ALA A 201 0.25 4.76 4.77
C ALA A 201 -0.13 3.34 5.21
N GLY A 202 -1.39 3.10 5.53
CA GLY A 202 -1.82 1.74 5.92
C GLY A 202 -1.92 0.77 4.75
N ASN A 203 -1.02 -0.24 4.69
CA ASN A 203 -1.11 -1.35 3.71
C ASN A 203 -1.07 -2.71 4.41
N LEU A 204 -2.23 -3.34 4.55
CA LEU A 204 -2.38 -4.56 5.37
C LEU A 204 -1.50 -5.68 4.88
N TRP A 205 -1.60 -5.98 3.59
CA TRP A 205 -0.88 -7.09 3.01
C TRP A 205 0.65 -6.98 3.02
N LEU A 206 1.18 -5.78 2.78
CA LEU A 206 2.63 -5.59 2.90
C LEU A 206 3.03 -5.77 4.36
N GLU A 207 2.33 -5.09 5.26
CA GLU A 207 2.67 -5.14 6.67
C GLU A 207 2.53 -6.55 7.20
N PHE A 208 1.54 -7.31 6.72
CA PHE A 208 1.45 -8.75 7.01
C PHE A 208 2.71 -9.45 6.54
N ARG A 209 2.96 -9.37 5.23
CA ARG A 209 4.04 -10.15 4.59
C ARG A 209 5.42 -9.94 5.20
N TYR A 210 5.74 -8.67 5.44
CA TYR A 210 7.06 -8.29 5.95
C TYR A 210 7.06 -8.18 7.48
N GLY A 211 5.95 -7.75 8.08
CA GLY A 211 5.89 -7.59 9.53
C GLY A 211 6.06 -8.88 10.28
N LEU A 212 5.46 -9.94 9.73
CA LEU A 212 5.47 -11.29 10.31
C LEU A 212 6.64 -12.18 9.84
N MET A 213 7.69 -11.59 9.31
CA MET A 213 8.91 -12.33 8.99
C MET A 213 9.47 -13.09 10.19
N PRO A 214 9.60 -12.43 11.35
CA PRO A 214 10.12 -13.18 12.52
C PRO A 214 9.33 -14.45 12.81
N LEU A 215 8.00 -14.37 12.67
CA LEU A 215 7.13 -15.53 12.83
C LEU A 215 7.38 -16.61 11.78
N PHE A 216 7.40 -16.21 10.50
CA PHE A 216 7.64 -17.17 9.40
C PHE A 216 8.94 -17.94 9.59
N TYR A 217 9.94 -17.24 10.14
CA TYR A 217 11.24 -17.83 10.50
C TYR A 217 11.07 -18.81 11.67
N ASP A 218 10.38 -18.40 12.74
CA ASP A 218 10.08 -19.29 13.89
C ASP A 218 9.36 -20.56 13.41
N ILE A 219 8.37 -20.38 12.53
CA ILE A 219 7.63 -21.49 11.95
C ILE A 219 8.57 -22.42 11.20
N ARG A 220 9.24 -21.90 10.17
CA ARG A 220 10.20 -22.69 9.39
C ARG A 220 11.07 -23.57 10.29
N ASP A 221 11.76 -22.93 11.23
CA ASP A 221 12.65 -23.66 12.14
C ASP A 221 11.93 -24.80 12.83
N VAL A 222 10.78 -24.49 13.44
CA VAL A 222 10.01 -25.50 14.16
C VAL A 222 9.51 -26.59 13.21
N MET A 223 8.91 -26.19 12.08
CA MET A 223 8.43 -27.14 11.10
C MET A 223 9.52 -28.14 10.76
N LEU A 224 10.71 -27.64 10.42
CA LEU A 224 11.80 -28.53 10.01
C LEU A 224 12.31 -29.39 11.16
N ASP A 225 12.37 -28.81 12.35
CA ASP A 225 12.76 -29.54 13.54
C ASP A 225 11.76 -30.67 13.82
N TRP A 226 10.46 -30.35 13.77
CA TRP A 226 9.41 -31.36 13.93
C TRP A 226 9.56 -32.55 12.98
N GLN A 227 9.66 -32.26 11.68
CA GLN A 227 9.82 -33.31 10.67
C GLN A 227 11.00 -34.19 11.06
N ASN A 228 12.10 -33.57 11.45
CA ASN A 228 13.31 -34.31 11.82
C ASN A 228 13.09 -35.16 13.07
N ARG A 229 12.37 -34.63 14.06
CA ARG A 229 12.04 -35.39 15.28
C ARG A 229 11.02 -36.48 15.06
N HIS A 230 10.03 -36.20 14.21
CA HIS A 230 8.99 -37.15 13.83
C HIS A 230 9.56 -38.33 13.05
N ASP A 231 10.42 -38.04 12.08
CA ASP A 231 11.06 -39.09 11.28
C ASP A 231 11.97 -39.97 12.13
N LYS A 232 12.63 -39.39 13.13
CA LYS A 232 13.40 -40.15 14.11
C LYS A 232 12.51 -41.03 14.99
N ILE A 233 11.40 -40.47 15.44
CA ILE A 233 10.45 -41.22 16.26
C ILE A 233 9.89 -42.45 15.54
N GLN A 234 9.36 -42.28 14.32
CA GLN A 234 8.85 -43.41 13.52
C GLN A 234 9.86 -44.56 13.37
N ARG A 235 11.14 -44.23 13.31
CA ARG A 235 12.17 -45.25 13.27
C ARG A 235 12.15 -46.13 14.52
N LEU A 236 11.64 -45.61 15.65
CA LEU A 236 11.58 -46.41 16.89
C LEU A 236 10.69 -47.65 16.80
N LEU A 237 9.73 -47.60 15.88
CA LEU A 237 8.78 -48.67 15.67
C LEU A 237 9.40 -49.92 15.01
N ARG A 238 10.46 -49.73 14.25
CA ARG A 238 11.27 -50.85 13.77
C ARG A 238 12.09 -51.34 14.96
N PHE A 239 11.97 -52.63 15.29
CA PHE A 239 12.82 -53.26 16.32
C PHE A 239 13.52 -54.45 15.69
N SER A 240 14.83 -54.54 15.90
CA SER A 240 15.61 -55.63 15.31
C SER A 240 16.56 -56.14 16.33
N VAL A 241 16.69 -57.46 16.36
CA VAL A 241 17.49 -58.15 17.34
C VAL A 241 18.05 -59.38 16.68
N GLY A 242 19.28 -59.73 17.02
CA GLY A 242 19.95 -60.87 16.42
C GLY A 242 21.25 -61.24 17.09
N HIS A 243 21.78 -62.37 16.65
CA HIS A 243 22.87 -63.02 17.36
C HIS A 243 23.59 -63.95 16.39
N GLY A 244 24.91 -63.97 16.50
CA GLY A 244 25.78 -64.74 15.61
C GLY A 244 26.65 -65.73 16.36
N GLU A 245 27.10 -66.74 15.65
CA GLU A 245 27.88 -67.81 16.25
C GLU A 245 28.75 -68.41 15.17
N ASP A 246 30.00 -68.77 15.52
CA ASP A 246 30.89 -69.44 14.57
C ASP A 246 30.51 -70.88 14.37
N TYR A 247 31.05 -71.43 13.30
CA TYR A 247 30.88 -72.83 12.99
C TYR A 247 31.95 -73.25 12.01
N VAL A 248 32.40 -74.48 12.21
CA VAL A 248 33.56 -75.00 11.51
C VAL A 248 33.08 -76.17 10.68
N VAL A 249 33.41 -76.13 9.39
CA VAL A 249 33.16 -77.25 8.49
C VAL A 249 34.48 -77.63 7.91
N GLU A 250 34.72 -78.93 7.81
CA GLU A 250 35.97 -79.44 7.31
C GLU A 250 35.77 -80.02 5.92
N PHE A 251 36.67 -79.62 5.01
CA PHE A 251 36.75 -80.17 3.67
C PHE A 251 38.02 -80.98 3.62
N ASP A 252 38.00 -82.08 2.88
CA ASP A 252 39.15 -82.98 2.85
C ASP A 252 39.15 -83.85 1.62
N ASN A 253 40.27 -84.53 1.42
CA ASN A 253 40.53 -85.38 0.24
C ASN A 253 39.88 -84.93 -1.09
N LEU A 254 40.15 -83.67 -1.44
CA LEU A 254 39.92 -83.16 -2.77
C LEU A 254 41.25 -83.15 -3.52
N TYR A 255 41.28 -83.82 -4.69
CA TYR A 255 42.48 -83.88 -5.53
C TYR A 255 42.24 -83.07 -6.80
N PRO A 256 42.81 -81.86 -6.90
CA PRO A 256 43.00 -81.31 -8.24
C PRO A 256 44.20 -82.01 -8.81
N ALA A 257 44.54 -81.68 -10.05
CA ALA A 257 45.72 -82.25 -10.70
C ALA A 257 45.86 -83.78 -10.51
N VAL A 258 45.03 -84.55 -11.21
CA VAL A 258 45.24 -85.98 -11.47
C VAL A 258 45.79 -86.74 -10.25
N ALA A 259 45.25 -86.47 -9.06
CA ALA A 259 45.66 -87.19 -7.84
C ALA A 259 47.19 -87.32 -7.57
N TYR A 260 47.97 -86.29 -7.88
CA TYR A 260 49.39 -86.24 -7.44
C TYR A 260 49.50 -85.93 -5.95
N PHE A 261 48.56 -85.13 -5.44
CA PHE A 261 48.55 -84.75 -4.03
C PHE A 261 47.15 -84.46 -3.51
N LYS A 262 46.98 -84.65 -2.19
CA LYS A 262 45.71 -84.45 -1.47
C LYS A 262 45.72 -83.16 -0.64
N LEU A 263 44.66 -82.37 -0.76
CA LEU A 263 44.45 -81.24 0.15
C LEU A 263 43.41 -81.58 1.21
N LYS A 264 43.47 -80.81 2.28
CA LYS A 264 42.55 -80.96 3.37
C LYS A 264 42.49 -79.59 4.05
N GLY A 265 41.40 -79.32 4.79
CA GLY A 265 41.28 -78.06 5.50
C GLY A 265 40.03 -77.86 6.32
N GLU A 266 39.95 -76.70 6.93
CA GLU A 266 38.82 -76.33 7.74
C GLU A 266 38.41 -74.91 7.38
N ILE A 267 37.10 -74.71 7.21
CA ILE A 267 36.52 -73.41 6.95
C ILE A 267 35.76 -72.98 8.18
N THR A 268 35.95 -71.72 8.56
CA THR A 268 35.25 -71.14 9.68
C THR A 268 34.12 -70.28 9.13
N LEU A 269 32.88 -70.69 9.38
CA LEU A 269 31.71 -69.95 8.91
C LEU A 269 31.16 -69.12 10.05
N GLU A 270 30.34 -68.13 9.72
CA GLU A 270 29.54 -67.39 10.70
C GLU A 270 28.07 -67.68 10.43
N ARG A 271 27.45 -68.48 11.29
CA ARG A 271 26.02 -68.66 11.25
C ARG A 271 25.40 -67.53 12.04
N ARG A 272 24.49 -66.81 11.40
CA ARG A 272 23.84 -65.68 12.04
C ARG A 272 22.34 -65.77 11.90
N HIS A 273 21.66 -65.35 12.94
CA HIS A 273 20.22 -65.32 12.99
C HIS A 273 19.82 -63.95 13.46
N ARG A 274 18.95 -63.28 12.70
CA ARG A 274 18.40 -61.99 13.09
C ARG A 274 16.89 -61.97 12.90
N HIS A 275 16.21 -61.24 13.79
CA HIS A 275 14.76 -61.09 13.73
C HIS A 275 14.33 -59.64 13.88
N GLY A 276 13.42 -59.23 13.00
CA GLY A 276 12.94 -57.86 12.96
C GLY A 276 11.43 -57.85 13.07
N ILE A 277 10.93 -56.74 13.57
CA ILE A 277 9.51 -56.54 13.81
C ILE A 277 9.22 -55.10 13.35
N SER A 278 8.01 -54.85 12.86
CA SER A 278 7.65 -53.57 12.26
C SER A 278 6.29 -53.02 12.76
N TYR A 279 6.33 -51.99 13.60
CA TYR A 279 5.11 -51.39 14.17
C TYR A 279 4.60 -50.29 13.27
N ALA A 280 3.31 -50.28 12.96
CA ALA A 280 2.72 -49.21 12.15
C ALA A 280 1.21 -49.18 12.29
N ASN A 281 0.55 -48.37 11.46
CA ASN A 281 -0.90 -48.29 11.41
C ASN A 281 -1.54 -49.58 10.86
N ARG A 282 -2.37 -50.25 11.67
CA ARG A 282 -2.95 -51.57 11.32
C ARG A 282 -3.85 -51.51 10.09
N GLU A 283 -4.56 -50.40 9.96
CA GLU A 283 -5.33 -50.11 8.74
C GLU A 283 -4.42 -49.87 7.52
N GLY A 284 -3.38 -49.05 7.67
CA GLY A 284 -2.55 -48.53 6.57
C GLY A 284 -1.97 -49.50 5.53
N TYR A 285 -1.37 -50.61 5.97
CA TYR A 285 -0.58 -51.49 5.07
C TYR A 285 -1.33 -52.23 3.94
N ALA A 286 -2.56 -52.66 4.18
CA ALA A 286 -3.31 -53.50 3.21
C ALA A 286 -3.55 -52.83 1.84
N VAL A 287 -4.17 -51.65 1.86
CA VAL A 287 -4.46 -50.84 0.65
C VAL A 287 -3.99 -49.40 0.91
N PHE A 288 -2.68 -49.19 0.98
CA PHE A 288 -2.14 -47.85 1.12
C PHE A 288 -1.93 -47.27 -0.28
N ASP A 289 -2.70 -46.26 -0.64
CA ASP A 289 -2.54 -45.59 -1.93
C ASP A 289 -1.26 -44.73 -1.87
N ASN A 290 -0.31 -45.01 -2.75
CA ASN A 290 0.93 -44.24 -2.86
C ASN A 290 0.72 -42.93 -3.65
N GLY A 291 -0.38 -42.84 -4.40
CA GLY A 291 -0.82 -41.59 -5.02
C GLY A 291 -1.34 -40.55 -4.02
N SER A 292 -2.00 -41.01 -2.95
CA SER A 292 -2.44 -40.11 -1.85
C SER A 292 -1.25 -39.60 -1.01
N LEU A 293 -0.18 -40.39 -0.94
CA LEU A 293 1.09 -40.01 -0.28
C LEU A 293 1.78 -38.83 -0.97
N ARG A 294 2.04 -37.78 -0.19
CA ARG A 294 2.78 -36.62 -0.66
C ARG A 294 4.31 -36.87 -0.61
N PRO A 295 5.08 -36.24 -1.52
CA PRO A 295 6.56 -36.18 -1.39
C PRO A 295 7.08 -35.46 -0.11
N VAL A 296 8.25 -35.88 0.39
CA VAL A 296 8.90 -35.22 1.56
C VAL A 296 9.25 -33.75 1.28
N SER A 297 9.55 -33.44 0.01
CA SER A 297 9.78 -32.07 -0.45
C SER A 297 8.61 -31.13 -0.18
N ASP A 298 7.38 -31.65 -0.28
CA ASP A 298 6.15 -30.86 -0.07
C ASP A 298 6.14 -30.15 1.30
N TRP A 299 6.43 -30.91 2.37
CA TRP A 299 6.53 -30.32 3.73
C TRP A 299 7.67 -29.33 3.84
N LYS A 300 8.82 -29.72 3.32
CA LYS A 300 10.03 -28.89 3.40
C LYS A 300 9.84 -27.57 2.63
N GLU A 301 9.08 -27.62 1.53
CA GLU A 301 8.72 -26.42 0.75
C GLU A 301 7.74 -25.53 1.48
N LEU A 302 6.75 -26.13 2.11
CA LEU A 302 5.77 -25.38 2.90
C LEU A 302 6.38 -24.51 4.01
N ALA A 303 7.46 -24.97 4.61
CA ALA A 303 8.09 -24.24 5.72
C ALA A 303 8.59 -22.84 5.32
N THR A 304 9.17 -22.79 4.12
CA THR A 304 9.80 -21.60 3.58
C THR A 304 8.89 -20.74 2.70
N ALA A 305 7.73 -21.25 2.29
CA ALA A 305 6.89 -20.57 1.29
C ALA A 305 6.68 -19.07 1.54
N PHE A 306 6.59 -18.68 2.80
CA PHE A 306 6.45 -17.27 3.19
C PHE A 306 7.75 -16.48 3.05
N ILE A 307 8.84 -17.16 3.37
CA ILE A 307 10.17 -16.66 3.07
C ILE A 307 10.41 -16.48 1.55
N ASN A 308 9.93 -17.40 0.69
CA ASN A 308 10.23 -17.39 -0.78
C ASN A 308 10.13 -15.98 -1.39
N PRO A 309 11.29 -15.32 -1.64
CA PRO A 309 11.41 -13.90 -1.99
C PRO A 309 10.49 -13.46 -3.10
N HIS A 310 10.55 -14.21 -4.20
CA HIS A 310 9.81 -13.89 -5.40
C HIS A 310 8.65 -14.83 -5.32
N GLU A 311 7.53 -14.28 -4.90
CA GLU A 311 6.30 -15.02 -4.87
C GLU A 311 5.26 -14.14 -5.52
N VAL A 312 4.75 -14.60 -6.63
CA VAL A 312 3.82 -13.81 -7.41
C VAL A 312 2.53 -13.57 -6.63
N ALA A 313 2.09 -14.61 -5.91
CA ALA A 313 0.72 -14.70 -5.40
C ALA A 313 0.33 -13.60 -4.41
N TRP A 314 1.31 -13.07 -3.67
CA TRP A 314 1.08 -11.94 -2.75
C TRP A 314 0.38 -10.81 -3.46
N GLU A 315 0.97 -10.40 -4.58
CA GLU A 315 0.48 -9.27 -5.34
C GLU A 315 -0.97 -9.47 -5.84
N LEU A 316 -1.32 -10.68 -6.28
CA LEU A 316 -2.61 -10.89 -7.00
C LEU A 316 -3.65 -11.92 -6.44
N THR A 317 -3.24 -12.96 -5.72
CA THR A 317 -4.22 -13.87 -5.08
C THR A 317 -3.72 -14.26 -3.71
N PRO A 318 -3.75 -13.32 -2.75
CA PRO A 318 -3.13 -13.56 -1.45
C PRO A 318 -3.98 -14.39 -0.49
N TYR A 319 -5.29 -14.18 -0.46
CA TYR A 319 -6.18 -14.88 0.48
C TYR A 319 -6.14 -16.38 0.17
N SER A 320 -6.34 -16.72 -1.11
CA SER A 320 -6.16 -18.10 -1.58
C SER A 320 -4.82 -18.68 -1.14
N PHE A 321 -3.75 -17.94 -1.41
CA PHE A 321 -2.38 -18.42 -1.17
C PHE A 321 -2.14 -18.92 0.25
N VAL A 322 -2.44 -18.07 1.24
CA VAL A 322 -2.28 -18.42 2.65
C VAL A 322 -3.30 -19.45 3.15
N VAL A 323 -4.54 -19.40 2.67
CA VAL A 323 -5.54 -20.40 3.05
C VAL A 323 -5.12 -21.78 2.57
N ASP A 324 -4.71 -21.86 1.30
CA ASP A 324 -4.15 -23.09 0.73
C ASP A 324 -2.96 -23.62 1.49
N TRP A 325 -2.09 -22.72 1.92
CA TRP A 325 -0.97 -23.11 2.75
C TRP A 325 -1.44 -23.81 4.01
N PHE A 326 -2.36 -23.19 4.73
CA PHE A 326 -2.90 -23.78 5.95
C PHE A 326 -3.49 -25.16 5.69
N LEU A 327 -4.20 -25.32 4.59
CA LEU A 327 -4.84 -26.58 4.30
C LEU A 327 -3.82 -27.67 4.00
N ASN A 328 -2.79 -27.35 3.22
CA ASN A 328 -1.77 -28.34 2.91
C ASN A 328 -1.01 -28.79 4.15
N VAL A 329 -0.73 -27.84 5.04
CA VAL A 329 -0.03 -28.11 6.30
C VAL A 329 -0.88 -29.02 7.18
N GLY A 330 -2.13 -28.64 7.38
CA GLY A 330 -3.05 -29.46 8.15
C GLY A 330 -3.10 -30.87 7.62
N ASP A 331 -3.44 -30.96 6.33
CA ASP A 331 -3.53 -32.23 5.64
C ASP A 331 -2.32 -33.13 5.95
N ILE A 332 -1.11 -32.59 5.82
CA ILE A 332 0.08 -33.38 6.10
C ILE A 332 0.14 -33.79 7.57
N LEU A 333 -0.18 -32.89 8.48
CA LEU A 333 -0.17 -33.21 9.91
C LEU A 333 -1.18 -34.30 10.27
N ALA A 334 -2.36 -34.22 9.67
CA ALA A 334 -3.39 -35.25 9.83
C ALA A 334 -2.88 -36.62 9.34
N GLN A 335 -2.31 -36.65 8.15
CA GLN A 335 -1.68 -37.86 7.59
C GLN A 335 -0.64 -38.48 8.53
N GLN A 336 0.09 -37.63 9.24
CA GLN A 336 1.03 -38.05 10.30
C GLN A 336 0.30 -38.47 11.57
N GLY A 337 -0.76 -37.75 11.92
CA GLY A 337 -1.63 -38.15 13.01
C GLY A 337 -2.04 -39.61 12.98
N GLN A 338 -2.33 -40.11 11.77
CA GLN A 338 -2.68 -41.53 11.58
C GLN A 338 -1.54 -42.48 11.95
N LEU A 339 -0.31 -42.00 11.94
CA LEU A 339 0.84 -42.83 12.32
C LEU A 339 1.02 -43.02 13.82
N TYR A 340 0.21 -42.36 14.64
CA TYR A 340 0.20 -42.63 16.07
C TYR A 340 -1.15 -43.17 16.51
N HIS A 341 -1.96 -43.63 15.55
CA HIS A 341 -3.38 -43.95 15.78
C HIS A 341 -3.56 -45.39 16.31
N ASN A 342 -3.37 -46.38 15.43
CA ASN A 342 -3.65 -47.78 15.74
C ASN A 342 -2.40 -48.55 15.50
N ILE A 343 -1.55 -48.61 16.52
CA ILE A 343 -0.25 -49.23 16.39
C ILE A 343 -0.35 -50.73 16.68
N ASP A 344 0.02 -51.53 15.70
CA ASP A 344 0.27 -52.96 15.92
C ASP A 344 1.42 -53.39 15.01
N ILE A 345 1.85 -54.63 15.17
CA ILE A 345 2.87 -55.23 14.32
C ILE A 345 2.25 -55.51 12.97
N VAL A 346 2.82 -54.94 11.91
CA VAL A 346 2.30 -55.10 10.56
C VAL A 346 3.13 -56.06 9.71
N ASP A 347 4.43 -56.16 10.02
CA ASP A 347 5.41 -56.85 9.18
C ASP A 347 6.61 -57.20 10.06
N GLY A 348 7.43 -58.13 9.61
CA GLY A 348 8.67 -58.46 10.31
C GLY A 348 9.34 -59.61 9.63
N PHE A 349 10.56 -59.93 10.02
CA PHE A 349 11.29 -60.99 9.36
C PHE A 349 12.05 -61.90 10.32
N ASP A 350 12.28 -63.14 9.90
CA ASP A 350 13.14 -64.09 10.61
C ASP A 350 14.21 -64.57 9.63
N ARG A 351 15.37 -63.91 9.69
CA ARG A 351 16.48 -64.15 8.76
C ARG A 351 17.62 -64.93 9.39
N ARG A 352 18.07 -65.96 8.68
CA ARG A 352 19.24 -66.72 9.08
C ARG A 352 20.13 -66.84 7.84
N ASP A 353 21.44 -66.77 8.03
CA ASP A 353 22.38 -66.82 6.91
C ASP A 353 23.71 -67.41 7.33
N ILE A 354 24.57 -67.64 6.34
CA ILE A 354 25.89 -68.19 6.60
C ILE A 354 26.90 -67.40 5.81
N ARG A 355 27.80 -66.72 6.54
CA ARG A 355 28.88 -65.94 5.94
C ARG A 355 30.19 -66.75 6.00
N LEU A 356 31.26 -66.21 5.41
CA LEU A 356 32.60 -66.83 5.43
C LEU A 356 33.68 -66.03 6.23
N LYS A 357 34.21 -66.64 7.30
CA LYS A 357 35.49 -66.23 7.91
C LYS A 357 36.60 -67.14 7.40
N SER A 358 37.85 -66.84 7.73
CA SER A 358 38.97 -67.55 7.09
C SER A 358 39.06 -69.07 7.36
N PHE A 359 40.04 -69.69 6.73
CA PHE A 359 40.18 -71.14 6.57
C PHE A 359 41.65 -71.54 6.66
N THR A 360 41.90 -72.83 6.86
CA THR A 360 43.25 -73.38 6.87
C THR A 360 43.32 -74.48 5.83
N ILE A 361 44.39 -74.49 5.04
CA ILE A 361 44.68 -75.63 4.15
C ILE A 361 45.95 -76.34 4.54
N LYS A 362 45.88 -77.67 4.51
CA LYS A 362 47.00 -78.54 4.75
C LYS A 362 47.07 -79.47 3.53
N GLY A 363 48.23 -79.55 2.89
CA GLY A 363 48.43 -80.40 1.71
C GLY A 363 49.46 -81.48 1.94
N GLU A 364 49.06 -82.75 1.81
CA GLU A 364 49.95 -83.91 2.03
C GLU A 364 50.10 -84.80 0.79
N ARG A 365 51.34 -85.10 0.39
CA ARG A 365 51.64 -85.98 -0.78
C ARG A 365 52.24 -87.35 -0.42
N ASN A 366 51.40 -88.38 -0.45
CA ASN A 366 51.80 -89.78 -0.21
C ASN A 366 52.23 -90.06 1.26
N GLY A 367 51.71 -89.29 2.21
CA GLY A 367 52.16 -89.30 3.60
C GLY A 367 52.99 -88.10 3.99
N ARG A 368 53.61 -87.42 3.01
CA ARG A 368 54.54 -86.30 3.24
C ARG A 368 53.88 -84.91 3.09
N PRO A 369 53.97 -84.06 4.13
CA PRO A 369 53.57 -82.65 4.03
C PRO A 369 54.16 -81.86 2.85
N VAL A 370 53.34 -80.97 2.30
CA VAL A 370 53.65 -80.19 1.10
C VAL A 370 53.21 -78.74 1.30
N ASN A 371 54.04 -77.76 0.92
CA ASN A 371 53.67 -76.33 1.08
C ASN A 371 52.50 -75.96 0.16
N VAL A 372 51.55 -75.21 0.72
CA VAL A 372 50.34 -74.77 0.03
C VAL A 372 50.08 -73.31 0.42
N SER A 373 49.82 -72.45 -0.55
CA SER A 373 49.46 -71.05 -0.28
C SER A 373 48.25 -70.67 -1.12
N ALA A 374 47.11 -70.42 -0.45
CA ALA A 374 45.82 -70.34 -1.14
C ALA A 374 44.89 -69.21 -0.76
N SER A 375 44.00 -68.90 -1.71
CA SER A 375 42.96 -67.90 -1.58
C SER A 375 41.60 -68.60 -1.75
N LEU A 376 40.62 -68.24 -0.94
CA LEU A 376 39.30 -68.84 -0.96
C LEU A 376 38.22 -67.76 -1.10
N SER A 377 37.27 -68.00 -2.00
CA SER A 377 36.10 -67.14 -2.19
C SER A 377 34.89 -68.05 -2.32
N ALA A 378 33.77 -67.65 -1.72
CA ALA A 378 32.61 -68.52 -1.64
C ALA A 378 31.60 -68.27 -2.76
N VAL A 379 31.23 -69.33 -3.48
CA VAL A 379 30.22 -69.27 -4.55
C VAL A 379 28.83 -69.30 -3.96
N ASP A 380 28.49 -70.43 -3.33
CA ASP A 380 27.13 -70.68 -2.81
C ASP A 380 27.14 -70.73 -1.28
N LEU A 381 26.38 -69.83 -0.66
CA LEU A 381 26.16 -69.86 0.77
C LEU A 381 24.70 -69.71 1.06
N PHE A 382 24.30 -70.08 2.26
CA PHE A 382 22.89 -70.13 2.64
C PHE A 382 22.38 -68.78 3.16
N TYR A 383 21.18 -68.41 2.72
CA TYR A 383 20.45 -67.22 3.21
C TYR A 383 18.94 -67.39 3.10
N SER A 384 18.24 -67.30 4.22
CA SER A 384 16.80 -67.54 4.30
C SER A 384 16.16 -66.48 5.18
N ARG A 385 15.45 -65.54 4.55
CA ARG A 385 14.69 -64.52 5.26
C ARG A 385 13.22 -64.67 4.93
N LEU A 386 12.46 -65.05 5.95
CA LEU A 386 11.03 -65.27 5.82
C LEU A 386 10.35 -64.15 6.55
N HIS A 387 9.22 -63.72 6.01
CA HIS A 387 8.38 -62.72 6.66
C HIS A 387 7.61 -63.41 7.79
N THR A 388 7.54 -62.76 8.95
CA THR A 388 6.51 -63.08 9.97
C THR A 388 5.95 -61.81 10.60
N SER A 389 4.66 -61.85 10.91
CA SER A 389 3.90 -60.71 11.42
C SER A 389 3.37 -60.96 12.82
N ASN A 390 3.84 -62.01 13.48
CA ASN A 390 3.48 -62.20 14.86
C ASN A 390 4.78 -62.29 15.62
N LEU A 391 4.73 -61.83 16.87
CA LEU A 391 5.82 -62.02 17.81
C LEU A 391 5.17 -62.13 19.18
N PRO A 392 5.01 -63.36 19.69
CA PRO A 392 4.49 -63.64 21.04
C PRO A 392 5.01 -62.81 22.18
N PHE A 393 6.25 -62.36 22.05
CA PHE A 393 6.97 -61.66 23.11
C PHE A 393 6.77 -60.15 23.12
N ALA A 394 6.03 -59.60 22.16
CA ALA A 394 5.74 -58.17 22.14
C ALA A 394 4.96 -57.68 23.37
N THR A 395 5.62 -56.86 24.16
CA THR A 395 5.11 -56.37 25.42
C THR A 395 4.41 -55.04 25.23
N LEU A 396 4.86 -54.25 24.26
CA LEU A 396 4.56 -52.83 24.24
C LEU A 396 3.14 -52.49 23.88
N ASP A 397 2.63 -51.44 24.51
CA ASP A 397 1.37 -50.81 24.17
C ASP A 397 1.70 -49.40 23.72
N LEU A 398 2.12 -49.28 22.47
CA LEU A 398 2.54 -48.01 21.91
C LEU A 398 1.37 -47.04 21.75
N ASP A 399 0.18 -47.56 21.45
CA ASP A 399 -1.04 -46.73 21.39
C ASP A 399 -1.08 -45.74 22.54
N THR A 400 -0.99 -46.25 23.76
CA THR A 400 -0.96 -45.39 24.95
C THR A 400 0.35 -44.59 25.10
N THR A 401 1.48 -45.09 24.59
CA THR A 401 2.73 -44.28 24.58
C THR A 401 2.55 -43.04 23.73
N PHE A 402 1.95 -43.21 22.56
CA PHE A 402 1.76 -42.10 21.62
C PHE A 402 0.34 -41.54 21.60
N SER A 403 -0.51 -41.90 22.56
CA SER A 403 -1.91 -41.43 22.58
C SER A 403 -1.98 -39.90 22.57
N SER A 404 -1.13 -39.30 23.40
CA SER A 404 -0.99 -37.86 23.49
C SER A 404 -0.69 -37.21 22.12
N PHE A 405 0.23 -37.80 21.36
CA PHE A 405 0.59 -37.26 20.04
C PHE A 405 -0.57 -37.04 19.10
N LYS A 406 -1.41 -38.06 18.92
CA LYS A 406 -2.50 -37.98 17.95
C LYS A 406 -3.52 -36.92 18.30
N HIS A 407 -3.80 -36.77 19.58
CA HIS A 407 -4.75 -35.76 20.03
C HIS A 407 -4.31 -34.35 19.61
N VAL A 408 -3.00 -34.10 19.66
CA VAL A 408 -2.44 -32.79 19.29
C VAL A 408 -2.48 -32.59 17.78
N LEU A 409 -2.05 -33.60 17.02
CA LEU A 409 -2.03 -33.46 15.57
C LEU A 409 -3.42 -33.29 15.00
N ASP A 410 -4.42 -33.95 15.58
CA ASP A 410 -5.81 -33.77 15.16
C ASP A 410 -6.34 -32.42 15.58
N SER A 411 -5.93 -31.93 16.76
CA SER A 411 -6.31 -30.58 17.18
C SER A 411 -5.80 -29.53 16.18
N ILE A 412 -4.53 -29.63 15.80
CA ILE A 412 -3.94 -28.67 14.87
C ILE A 412 -4.63 -28.74 13.52
N PHE A 413 -4.87 -29.96 13.05
CA PHE A 413 -5.56 -30.16 11.78
C PHE A 413 -6.87 -29.40 11.73
N LEU A 414 -7.69 -29.52 12.78
CA LEU A 414 -8.98 -28.80 12.83
C LEU A 414 -8.81 -27.28 12.83
N LEU A 415 -7.76 -26.81 13.51
CA LEU A 415 -7.41 -25.39 13.49
C LEU A 415 -7.19 -24.86 12.08
N THR A 416 -6.48 -25.66 11.29
CA THR A 416 -6.18 -25.31 9.91
C THR A 416 -7.41 -25.38 9.01
N GLN A 417 -8.37 -26.23 9.35
CA GLN A 417 -9.65 -26.26 8.64
C GLN A 417 -10.49 -25.01 8.97
N ARG A 418 -10.37 -24.48 10.19
CA ARG A 418 -11.09 -23.26 10.63
C ARG A 418 -10.57 -21.93 10.00
N VAL A 419 -9.54 -21.99 9.16
CA VAL A 419 -9.11 -20.85 8.34
C VAL A 419 -10.07 -20.68 7.12
N LYS A 420 -10.45 -19.45 6.82
CA LYS A 420 -11.47 -19.14 5.79
C LYS A 420 -10.96 -18.13 4.76
N ARG A 421 -11.48 -18.20 3.54
CA ARG A 421 -11.11 -17.25 2.46
C ARG A 421 -11.79 -15.87 2.58
N GLY B 1 -60.49 2.62 16.90
CA GLY B 1 -59.65 3.70 17.52
C GLY B 1 -59.52 3.55 19.04
N SER B 2 -58.28 3.40 19.51
CA SER B 2 -57.99 3.19 20.94
C SER B 2 -58.29 4.41 21.82
N PRO B 3 -58.67 4.21 23.11
CA PRO B 3 -58.84 5.34 24.05
C PRO B 3 -57.50 5.95 24.48
N LYS B 4 -56.43 5.17 24.33
CA LYS B 4 -55.08 5.68 24.54
C LYS B 4 -54.73 6.70 23.47
N LEU B 5 -55.23 6.49 22.24
CA LEU B 5 -54.88 7.36 21.12
C LEU B 5 -55.90 8.49 20.84
N PRO B 6 -55.42 9.62 20.29
CA PRO B 6 -56.25 10.73 19.85
C PRO B 6 -57.18 10.33 18.75
N ARG B 7 -57.91 11.30 18.24
CA ARG B 7 -59.16 10.99 17.62
C ARG B 7 -59.01 10.16 16.35
N GLY B 8 -58.31 10.71 15.37
CA GLY B 8 -58.25 10.04 14.08
C GLY B 8 -57.38 8.78 14.01
N LEU B 9 -56.70 8.43 15.09
CA LEU B 9 -55.70 7.38 15.09
C LEU B 9 -56.23 6.07 15.69
N ARG B 10 -55.48 5.01 15.42
CA ARG B 10 -55.73 3.69 16.00
C ARG B 10 -54.47 2.85 16.01
N PHE B 11 -54.53 1.74 16.75
CA PHE B 11 -53.39 0.85 16.86
C PHE B 11 -53.45 -0.20 15.78
N GLY B 12 -52.26 -0.63 15.34
CA GLY B 12 -52.13 -1.63 14.30
C GLY B 12 -51.98 -3.01 14.85
N ALA B 13 -51.55 -3.92 13.99
CA ALA B 13 -51.35 -5.29 14.37
C ALA B 13 -50.23 -5.40 15.43
N ASP B 14 -49.07 -4.80 15.16
CA ASP B 14 -47.92 -4.80 16.10
C ASP B 14 -47.80 -3.49 16.87
N ASN B 15 -48.95 -2.91 17.24
CA ASN B 15 -49.04 -1.59 17.89
C ASN B 15 -48.41 -0.41 17.13
N GLU B 16 -48.32 -0.56 15.81
CA GLU B 16 -47.96 0.55 14.94
C GLU B 16 -49.13 1.55 14.96
N ILE B 17 -48.81 2.83 14.87
CA ILE B 17 -49.82 3.87 14.89
C ILE B 17 -50.34 4.09 13.49
N LEU B 18 -51.65 3.95 13.33
CA LEU B 18 -52.30 4.02 12.02
C LEU B 18 -53.51 4.95 12.06
N ASN B 19 -54.02 5.25 10.87
CA ASN B 19 -55.22 6.04 10.73
C ASN B 19 -56.42 5.15 10.97
N ASP B 20 -57.34 5.60 11.82
CA ASP B 20 -58.69 5.05 11.89
C ASP B 20 -59.48 5.63 10.72
N PHE B 21 -59.55 4.89 9.64
CA PHE B 21 -60.11 5.44 8.43
C PHE B 21 -61.61 5.63 8.51
N GLN B 22 -62.30 4.95 9.43
CA GLN B 22 -63.69 5.30 9.70
C GLN B 22 -63.81 6.73 10.19
N GLU B 23 -62.99 7.12 11.16
CA GLU B 23 -63.14 8.45 11.75
C GLU B 23 -62.70 9.57 10.81
N LEU B 24 -61.63 9.33 10.05
CA LEU B 24 -61.16 10.31 9.09
C LEU B 24 -62.20 10.61 8.00
N TRP B 25 -62.73 9.57 7.39
CA TRP B 25 -63.63 9.72 6.24
C TRP B 25 -65.13 9.66 6.54
N PHE B 26 -65.53 8.92 7.55
CA PHE B 26 -66.95 8.81 7.90
C PHE B 26 -67.19 9.08 9.38
N PRO B 27 -67.05 10.35 9.78
CA PRO B 27 -67.23 10.73 11.16
C PRO B 27 -68.69 10.90 11.44
N ASP B 28 -69.06 10.79 12.72
CA ASP B 28 -70.42 11.05 13.17
C ASP B 28 -70.52 12.55 13.38
N LEU B 29 -71.58 13.15 12.87
CA LEU B 29 -71.77 14.60 12.95
C LEU B 29 -72.45 14.94 14.28
N PHE B 30 -72.11 16.10 14.84
CA PHE B 30 -72.82 16.66 16.00
C PHE B 30 -73.27 18.08 15.69
N ILE B 31 -74.32 18.54 16.37
CA ILE B 31 -74.90 19.87 16.14
C ILE B 31 -74.42 20.84 17.21
N GLU B 32 -73.80 21.94 16.78
CA GLU B 32 -73.39 23.03 17.68
C GLU B 32 -74.39 24.17 17.57
N SER B 33 -74.71 24.79 18.71
CA SER B 33 -75.67 25.91 18.76
C SER B 33 -75.31 26.94 19.84
N SER B 34 -74.01 27.23 19.94
CA SER B 34 -73.48 28.17 20.92
C SER B 34 -73.54 29.54 20.31
N ASP B 35 -74.30 30.42 20.94
CA ASP B 35 -74.50 31.78 20.43
C ASP B 35 -73.21 32.60 20.57
N THR B 36 -72.32 32.47 19.57
CA THR B 36 -70.98 33.05 19.61
C THR B 36 -70.93 34.56 19.85
N HIS B 37 -71.94 35.31 19.40
CA HIS B 37 -71.97 36.76 19.60
C HIS B 37 -73.33 37.21 20.12
N PRO B 38 -73.57 37.10 21.44
CA PRO B 38 -74.90 37.41 21.95
C PRO B 38 -75.24 38.90 21.97
N TRP B 39 -74.25 39.78 22.07
CA TRP B 39 -74.51 41.20 22.22
C TRP B 39 -74.22 42.07 21.01
N TYR B 40 -75.14 43.01 20.74
CA TYR B 40 -74.90 44.13 19.82
C TYR B 40 -75.19 45.45 20.50
N THR B 41 -74.50 46.50 20.06
CA THR B 41 -74.54 47.80 20.73
C THR B 41 -74.84 48.96 19.77
N LEU B 42 -75.69 49.88 20.23
CA LEU B 42 -75.93 51.16 19.62
C LEU B 42 -75.28 52.18 20.57
N LYS B 43 -74.38 53.03 20.07
CA LYS B 43 -73.76 54.14 20.87
C LYS B 43 -73.82 55.48 20.12
N GLY B 44 -74.67 56.40 20.59
CA GLY B 44 -74.82 57.71 19.93
C GLY B 44 -76.10 58.45 20.31
N ARG B 45 -76.57 59.33 19.41
CA ARG B 45 -77.83 60.08 19.56
C ARG B 45 -78.82 59.78 18.40
N VAL B 46 -80.10 59.53 18.73
CA VAL B 46 -81.18 59.34 17.73
C VAL B 46 -82.47 60.03 18.22
N LEU B 47 -82.89 61.09 17.51
CA LEU B 47 -84.09 61.88 17.88
C LEU B 47 -84.03 62.46 19.32
N ASN B 48 -82.87 63.04 19.67
CA ASN B 48 -82.60 63.62 21.01
C ASN B 48 -82.73 62.63 22.18
N ALA B 49 -82.55 61.34 21.88
CA ALA B 49 -82.64 60.27 22.88
C ALA B 49 -81.49 59.32 22.59
N HIS B 50 -80.53 59.25 23.51
CA HIS B 50 -79.22 58.68 23.26
C HIS B 50 -79.22 57.27 23.83
N LEU B 51 -79.06 56.26 22.97
CA LEU B 51 -78.90 54.89 23.44
C LEU B 51 -77.39 54.57 23.49
N ASP B 52 -76.91 54.15 24.67
CA ASP B 52 -75.66 53.39 24.85
C ASP B 52 -76.11 52.03 25.37
N ASP B 53 -76.98 51.39 24.60
CA ASP B 53 -77.62 50.13 25.00
C ASP B 53 -76.76 48.97 24.51
N ARG B 54 -76.75 47.90 25.31
CA ARG B 54 -76.12 46.64 24.96
C ARG B 54 -77.26 45.63 24.95
N LEU B 55 -77.54 45.06 23.77
CA LEU B 55 -78.75 44.25 23.56
C LEU B 55 -78.49 42.89 22.91
N PRO B 56 -79.43 41.93 23.07
CA PRO B 56 -79.24 40.61 22.50
C PRO B 56 -79.55 40.64 21.01
N ASN B 57 -78.79 39.90 20.21
CA ASN B 57 -78.89 40.07 18.75
C ASN B 57 -78.98 38.80 17.92
N VAL B 58 -79.26 37.68 18.57
CA VAL B 58 -79.15 36.40 17.89
C VAL B 58 -80.33 35.55 18.20
N GLY B 59 -80.78 34.82 17.19
CA GLY B 59 -81.63 33.65 17.42
C GLY B 59 -80.86 32.43 17.90
N GLY B 60 -81.55 31.29 17.97
CA GLY B 60 -80.89 30.03 18.30
C GLY B 60 -80.11 29.62 17.07
N ARG B 61 -78.81 29.43 17.25
CA ARG B 61 -77.91 29.04 16.16
C ARG B 61 -78.09 27.55 15.90
N GLN B 62 -77.58 27.08 14.77
CA GLN B 62 -77.54 25.64 14.52
C GLN B 62 -76.56 25.31 13.39
N VAL B 63 -75.36 24.89 13.75
CA VAL B 63 -74.39 24.48 12.75
C VAL B 63 -74.04 23.01 12.99
N ARG B 64 -74.10 22.25 11.92
CA ARG B 64 -73.81 20.83 11.97
C ARG B 64 -72.35 20.73 11.66
N ARG B 65 -71.59 19.97 12.45
CA ARG B 65 -70.17 19.87 12.18
C ARG B 65 -69.48 18.65 12.77
N THR B 66 -68.25 18.42 12.32
CA THR B 66 -67.50 17.20 12.63
C THR B 66 -66.54 17.42 13.79
N PRO B 67 -66.20 16.34 14.50
CA PRO B 67 -65.29 16.44 15.62
C PRO B 67 -63.87 16.58 15.12
N HIS B 68 -63.01 17.17 15.94
CA HIS B 68 -61.64 17.42 15.53
C HIS B 68 -60.90 16.09 15.52
N ARG B 69 -60.33 15.72 14.36
CA ARG B 69 -59.52 14.50 14.19
C ARG B 69 -58.08 14.84 13.87
N VAL B 70 -57.25 13.81 13.83
CA VAL B 70 -55.81 13.92 13.61
C VAL B 70 -55.36 12.82 12.64
N THR B 71 -54.32 13.06 11.83
CA THR B 71 -53.87 12.01 10.91
C THR B 71 -52.42 11.64 11.10
N VAL B 72 -52.04 10.59 10.41
CA VAL B 72 -50.68 10.12 10.34
C VAL B 72 -50.49 9.77 8.85
N PRO B 73 -49.32 10.05 8.26
CA PRO B 73 -49.13 9.82 6.83
C PRO B 73 -49.34 8.37 6.40
N ILE B 74 -49.71 8.19 5.14
CA ILE B 74 -50.01 6.87 4.57
C ILE B 74 -48.95 6.36 3.59
N ALA B 75 -47.86 7.10 3.43
CA ALA B 75 -46.79 6.71 2.51
C ALA B 75 -45.48 7.38 2.86
N SER B 76 -44.37 6.77 2.44
CA SER B 76 -43.01 7.28 2.71
C SER B 76 -42.81 8.75 2.27
N SER B 77 -43.55 9.19 1.25
CA SER B 77 -43.50 10.58 0.76
C SER B 77 -44.14 11.51 1.78
N GLY B 78 -45.08 10.96 2.55
CA GLY B 78 -45.67 11.64 3.67
C GLY B 78 -47.01 12.26 3.34
N LEU B 79 -47.65 11.82 2.26
CA LEU B 79 -48.99 12.31 1.94
C LEU B 79 -49.95 11.75 2.97
N ARG B 80 -50.90 12.59 3.35
CA ARG B 80 -51.84 12.27 4.39
C ARG B 80 -53.21 12.07 3.76
N PRO B 81 -54.01 11.17 4.34
CA PRO B 81 -55.39 11.10 3.93
C PRO B 81 -56.10 12.39 4.33
N VAL B 82 -57.02 12.86 3.50
CA VAL B 82 -57.80 14.04 3.84
C VAL B 82 -59.08 13.66 4.56
N THR B 83 -59.33 14.35 5.66
CA THR B 83 -60.49 14.08 6.49
C THR B 83 -61.77 14.61 5.87
N THR B 84 -62.83 13.82 5.94
CA THR B 84 -64.17 14.35 5.70
C THR B 84 -64.42 15.40 6.76
N VAL B 85 -64.64 16.63 6.34
CA VAL B 85 -64.95 17.71 7.28
C VAL B 85 -66.31 18.29 6.93
N GLN B 86 -67.03 18.73 7.95
CA GLN B 86 -68.33 19.32 7.75
C GLN B 86 -68.46 20.53 8.67
N TYR B 87 -69.05 21.59 8.12
CA TYR B 87 -69.46 22.77 8.88
C TYR B 87 -70.65 23.36 8.13
N ASP B 88 -71.85 22.90 8.46
CA ASP B 88 -73.08 23.15 7.68
C ASP B 88 -74.04 23.99 8.54
N PRO B 89 -73.97 25.33 8.43
CA PRO B 89 -74.91 26.15 9.20
C PRO B 89 -76.29 26.06 8.56
N ALA B 90 -77.33 26.04 9.40
CA ALA B 90 -78.71 25.99 8.93
C ALA B 90 -79.08 27.29 8.23
N ALA B 91 -78.42 28.39 8.60
CA ALA B 91 -78.44 29.63 7.82
C ALA B 91 -77.16 30.41 8.10
N LEU B 92 -76.71 31.21 7.13
CA LEU B 92 -75.46 31.97 7.26
C LEU B 92 -75.61 33.13 8.23
N SER B 93 -74.53 33.47 8.93
CA SER B 93 -74.57 34.49 9.98
C SER B 93 -73.55 35.55 9.66
N PHE B 94 -73.95 36.82 9.77
CA PHE B 94 -73.10 37.95 9.41
C PHE B 94 -73.14 39.05 10.45
N LEU B 95 -71.95 39.51 10.90
CA LEU B 95 -71.82 40.61 11.85
C LEU B 95 -71.71 41.94 11.14
N LEU B 96 -72.56 42.89 11.51
CA LEU B 96 -72.54 44.22 10.94
C LEU B 96 -71.99 45.22 11.95
N ASN B 97 -70.83 45.79 11.61
CA ASN B 97 -70.23 46.86 12.38
C ASN B 97 -70.39 48.13 11.53
N ALA B 98 -71.50 48.85 11.75
CA ALA B 98 -71.93 49.95 10.86
C ALA B 98 -72.20 51.28 11.57
N ARG B 99 -72.13 52.37 10.81
CA ARG B 99 -72.55 53.71 11.26
C ARG B 99 -73.71 54.19 10.40
N VAL B 100 -74.85 54.48 11.01
CA VAL B 100 -75.97 55.08 10.31
C VAL B 100 -76.20 56.50 10.83
N ASP B 101 -76.38 57.44 9.90
CA ASP B 101 -76.84 58.80 10.22
C ASP B 101 -77.90 59.26 9.20
N TRP B 102 -78.79 60.15 9.63
CA TRP B 102 -79.75 60.76 8.72
C TRP B 102 -80.21 62.14 9.23
N ASP B 103 -79.89 63.16 8.43
CA ASP B 103 -80.20 64.57 8.70
C ASP B 103 -81.44 64.98 7.88
N PHE B 104 -82.62 64.85 8.49
CA PHE B 104 -83.92 65.00 7.83
C PHE B 104 -84.61 66.24 8.46
N GLY B 105 -85.75 66.68 7.90
CA GLY B 105 -86.49 67.83 8.44
C GLY B 105 -87.15 67.69 9.81
N ASN B 106 -87.59 68.82 10.35
CA ASN B 106 -88.29 68.98 11.67
C ASN B 106 -87.67 68.30 12.93
N GLY B 107 -86.34 68.35 13.05
CA GLY B 107 -85.62 67.82 14.22
C GLY B 107 -85.36 66.32 14.21
N ASP B 108 -85.45 65.69 13.03
CA ASP B 108 -85.18 64.25 12.85
C ASP B 108 -83.71 64.04 12.50
N SER B 109 -82.85 64.16 13.51
CA SER B 109 -81.40 64.06 13.33
C SER B 109 -80.87 62.93 14.22
N ALA B 110 -80.31 61.89 13.59
CA ALA B 110 -79.72 60.75 14.30
C ALA B 110 -78.26 60.50 13.88
N ASN B 111 -77.38 60.31 14.87
CA ASN B 111 -75.97 59.93 14.64
C ASN B 111 -75.50 58.89 15.68
N LEU B 112 -75.32 57.64 15.23
CA LEU B 112 -75.00 56.47 16.11
C LEU B 112 -74.06 55.45 15.46
N VAL B 113 -73.34 54.68 16.29
CA VAL B 113 -72.51 53.54 15.83
C VAL B 113 -73.14 52.20 16.27
N ILE B 114 -73.40 51.32 15.29
CA ILE B 114 -73.85 49.96 15.53
C ILE B 114 -72.61 49.06 15.58
N ASN B 115 -72.50 48.25 16.63
CA ASN B 115 -71.35 47.35 16.78
C ASN B 115 -71.76 45.88 17.01
N ASP B 116 -71.34 45.01 16.10
CA ASP B 116 -71.56 43.56 16.19
C ASP B 116 -73.03 43.12 16.18
N PHE B 117 -73.91 43.85 15.49
CA PHE B 117 -75.26 43.35 15.17
C PHE B 117 -75.11 42.18 14.23
N LEU B 118 -75.93 41.14 14.39
CA LEU B 118 -75.97 40.10 13.35
C LEU B 118 -77.36 39.64 12.94
N PHE B 119 -77.37 39.07 11.74
CA PHE B 119 -78.55 38.65 11.06
C PHE B 119 -78.16 37.48 10.20
N ARG B 120 -79.15 36.69 9.82
CA ARG B 120 -78.91 35.49 9.04
C ARG B 120 -79.60 35.55 7.68
N THR B 121 -79.04 34.81 6.74
CA THR B 121 -79.54 34.73 5.38
C THR B 121 -79.62 33.29 5.01
N PHE B 122 -80.66 32.89 4.29
CA PHE B 122 -80.71 31.56 3.74
C PHE B 122 -79.44 31.39 2.93
N ALA B 123 -78.88 30.21 3.00
CA ALA B 123 -77.68 29.87 2.28
C ALA B 123 -77.99 28.87 1.16
N PRO B 124 -77.28 28.98 0.03
CA PRO B 124 -77.37 27.99 -1.03
C PRO B 124 -76.44 26.83 -0.74
N LYS B 125 -76.82 26.03 0.25
CA LYS B 125 -76.09 24.83 0.68
C LYS B 125 -75.86 23.88 -0.51
N GLU B 126 -76.87 23.76 -1.38
CA GLU B 126 -76.84 22.83 -2.50
C GLU B 126 -76.39 23.51 -3.79
N PHE B 127 -75.30 22.96 -4.34
CA PHE B 127 -74.80 23.27 -5.68
C PHE B 127 -73.83 22.18 -6.07
N ASP B 128 -73.80 21.87 -7.37
CA ASP B 128 -73.00 20.76 -7.89
C ASP B 128 -72.40 21.17 -9.24
N PHE B 129 -71.09 21.31 -9.30
CA PHE B 129 -70.40 21.63 -10.55
C PHE B 129 -69.61 20.43 -11.05
N SER B 130 -70.17 19.23 -10.89
CA SER B 130 -69.51 18.03 -11.43
C SER B 130 -69.31 18.21 -12.93
N ASN B 131 -70.39 18.58 -13.63
CA ASN B 131 -70.37 18.89 -15.07
C ASN B 131 -69.27 19.84 -15.52
N SER B 132 -68.92 20.83 -14.69
CA SER B 132 -67.81 21.75 -14.97
C SER B 132 -66.42 21.13 -14.73
N LEU B 133 -66.34 20.25 -13.73
CA LEU B 133 -65.07 19.63 -13.33
C LEU B 133 -64.69 18.43 -14.17
N VAL B 134 -65.58 17.43 -14.24
CA VAL B 134 -65.27 16.15 -14.90
C VAL B 134 -64.53 16.29 -16.25
N PRO B 135 -64.98 17.20 -17.14
CA PRO B 135 -64.16 17.54 -18.30
C PRO B 135 -62.72 17.85 -17.95
N ARG B 136 -62.53 18.73 -16.98
CA ARG B 136 -61.22 19.25 -16.64
C ARG B 136 -60.27 18.18 -16.06
N TYR B 137 -60.82 17.14 -15.43
CA TYR B 137 -60.05 15.92 -15.12
C TYR B 137 -59.60 15.20 -16.40
N THR B 138 -60.56 14.88 -17.29
CA THR B 138 -60.29 14.12 -18.54
C THR B 138 -59.25 14.81 -19.44
N GLN B 139 -59.44 16.11 -19.61
CA GLN B 139 -58.51 16.99 -20.30
C GLN B 139 -57.12 16.94 -19.67
N ALA B 140 -57.08 17.12 -18.34
CA ALA B 140 -55.82 17.05 -17.60
C ALA B 140 -55.19 15.65 -17.68
N PHE B 141 -56.02 14.62 -17.68
CA PHE B 141 -55.55 13.22 -17.80
C PHE B 141 -54.91 12.91 -19.15
N SER B 142 -55.54 13.32 -20.25
CA SER B 142 -54.99 13.07 -21.59
C SER B 142 -53.66 13.80 -21.79
N ALA B 143 -53.64 15.07 -21.40
CA ALA B 143 -52.45 15.93 -21.49
C ALA B 143 -51.27 15.54 -20.58
N PHE B 144 -51.51 14.66 -19.60
CA PHE B 144 -50.48 14.23 -18.64
C PHE B 144 -49.26 13.63 -19.32
N ASN B 145 -49.47 12.58 -20.12
CA ASN B 145 -48.35 11.87 -20.73
C ASN B 145 -47.52 12.75 -21.67
N ALA B 146 -48.18 13.61 -22.42
CA ALA B 146 -47.51 14.63 -23.23
C ALA B 146 -46.69 15.58 -22.36
N LYS B 147 -47.29 16.04 -21.26
CA LYS B 147 -46.70 17.09 -20.41
C LYS B 147 -45.53 16.62 -19.56
N TYR B 148 -45.68 15.46 -18.92
CA TYR B 148 -44.66 14.97 -18.00
C TYR B 148 -43.85 13.78 -18.55
N GLY B 149 -44.29 13.18 -19.65
CA GLY B 149 -43.70 11.94 -20.18
C GLY B 149 -42.19 11.94 -20.27
N THR B 150 -41.62 13.05 -20.73
CA THR B 150 -40.17 13.18 -20.83
C THR B 150 -39.52 13.20 -19.43
N MET B 151 -40.06 13.97 -18.47
CA MET B 151 -39.49 13.99 -17.09
C MET B 151 -39.50 12.63 -16.39
N ILE B 152 -40.57 11.85 -16.59
CA ILE B 152 -40.70 10.55 -15.96
C ILE B 152 -39.69 9.59 -16.56
N GLY B 153 -39.58 9.61 -17.89
CA GLY B 153 -38.56 8.83 -18.59
C GLY B 153 -37.15 9.23 -18.20
N GLU B 154 -36.92 10.54 -18.11
CA GLU B 154 -35.63 11.10 -17.70
C GLU B 154 -35.27 10.69 -16.27
N GLY B 155 -36.26 10.76 -15.38
CA GLY B 155 -36.11 10.27 -14.01
C GLY B 155 -35.84 8.79 -13.87
N LEU B 156 -36.59 7.96 -14.60
CA LEU B 156 -36.36 6.52 -14.56
C LEU B 156 -34.96 6.21 -15.05
N GLU B 157 -34.57 6.78 -16.18
CA GLU B 157 -33.21 6.58 -16.68
C GLU B 157 -32.15 6.91 -15.61
N THR B 158 -32.38 7.95 -14.80
CA THR B 158 -31.45 8.33 -13.72
C THR B 158 -31.25 7.23 -12.69
N ILE B 159 -32.35 6.68 -12.19
CA ILE B 159 -32.29 5.62 -11.19
C ILE B 159 -31.67 4.33 -11.75
N LYS B 160 -31.94 4.02 -13.03
CA LYS B 160 -31.28 2.91 -13.75
C LYS B 160 -29.79 3.15 -13.79
N TYR B 161 -29.40 4.39 -14.06
CA TYR B 161 -27.99 4.76 -14.12
C TYR B 161 -27.34 4.61 -12.75
N LEU B 162 -28.04 4.98 -11.69
CA LEU B 162 -27.52 4.75 -10.32
C LEU B 162 -27.17 3.27 -10.10
N GLY B 163 -28.03 2.39 -10.61
CA GLY B 163 -27.80 0.95 -10.55
C GLY B 163 -26.47 0.51 -11.14
N LEU B 164 -26.11 1.07 -12.30
CA LEU B 164 -24.84 0.73 -12.93
C LEU B 164 -23.64 1.15 -12.08
N LEU B 165 -23.71 2.35 -11.48
CA LEU B 165 -22.61 2.87 -10.67
C LEU B 165 -22.39 2.05 -9.41
N LEU B 166 -23.48 1.63 -8.76
CA LEU B 166 -23.40 0.73 -7.63
C LEU B 166 -22.89 -0.65 -8.06
N ARG B 167 -23.31 -1.13 -9.23
CA ARG B 167 -22.82 -2.40 -9.76
C ARG B 167 -21.32 -2.32 -9.90
N ARG B 168 -20.85 -1.22 -10.48
CA ARG B 168 -19.42 -1.00 -10.67
C ARG B 168 -18.70 -0.95 -9.33
N LEU B 169 -19.28 -0.22 -8.38
CA LEU B 169 -18.71 -0.10 -7.04
C LEU B 169 -18.64 -1.44 -6.35
N ARG B 170 -19.72 -2.21 -6.45
CA ARG B 170 -19.74 -3.56 -5.90
C ARG B 170 -18.57 -4.39 -6.41
N GLU B 171 -18.34 -4.36 -7.71
CA GLU B 171 -17.28 -5.13 -8.34
C GLU B 171 -15.91 -4.67 -7.83
N GLY B 172 -15.74 -3.36 -7.71
CA GLY B 172 -14.53 -2.81 -7.12
C GLY B 172 -14.33 -3.35 -5.72
N TYR B 173 -15.37 -3.27 -4.91
CA TYR B 173 -15.32 -3.78 -3.54
C TYR B 173 -15.00 -5.28 -3.47
N ARG B 174 -15.73 -6.09 -4.26
CA ARG B 174 -15.47 -7.54 -4.32
C ARG B 174 -14.02 -7.85 -4.66
N ALA B 175 -13.41 -7.04 -5.52
CA ALA B 175 -12.00 -7.20 -5.87
C ALA B 175 -11.08 -7.03 -4.66
N VAL B 176 -11.40 -6.10 -3.77
CA VAL B 176 -10.63 -5.93 -2.55
C VAL B 176 -10.76 -7.15 -1.62
N LYS B 177 -11.96 -7.73 -1.57
CA LYS B 177 -12.22 -8.90 -0.72
C LYS B 177 -11.51 -10.12 -1.30
N ARG B 178 -11.62 -10.32 -2.61
CA ARG B 178 -10.87 -11.37 -3.32
C ARG B 178 -9.35 -11.13 -3.26
N GLY B 179 -8.95 -9.87 -3.26
CA GLY B 179 -7.55 -9.52 -3.15
C GLY B 179 -6.82 -9.29 -4.46
N ASP B 180 -7.44 -9.60 -5.61
CA ASP B 180 -6.73 -9.38 -6.88
C ASP B 180 -6.76 -7.91 -7.33
N LEU B 181 -5.56 -7.35 -7.39
CA LEU B 181 -5.36 -5.98 -7.83
C LEU B 181 -5.72 -5.78 -9.28
N ARG B 182 -5.47 -6.81 -10.07
CA ARG B 182 -5.71 -6.74 -11.49
C ARG B 182 -7.14 -6.28 -11.72
N ALA B 183 -8.08 -7.00 -11.12
CA ALA B 183 -9.50 -6.69 -11.23
C ALA B 183 -9.86 -5.35 -10.66
N LEU B 184 -9.27 -4.98 -9.52
CA LEU B 184 -9.56 -3.67 -8.92
C LEU B 184 -9.08 -2.54 -9.82
N ARG B 185 -7.85 -2.67 -10.31
CA ARG B 185 -7.25 -1.67 -11.19
C ARG B 185 -7.95 -1.57 -12.53
N ARG B 186 -8.53 -2.67 -13.01
CA ARG B 186 -9.43 -2.60 -14.16
C ARG B 186 -10.57 -1.64 -13.91
N VAL B 187 -11.24 -1.77 -12.77
CA VAL B 187 -12.38 -0.91 -12.45
C VAL B 187 -11.96 0.55 -12.35
N ILE B 188 -10.75 0.77 -11.84
CA ILE B 188 -10.15 2.10 -11.74
C ILE B 188 -10.02 2.72 -13.15
N GLN B 189 -9.62 1.88 -14.11
CA GLN B 189 -9.35 2.31 -15.49
C GLN B 189 -10.44 3.05 -16.23
N SER B 190 -11.71 2.71 -15.97
CA SER B 190 -12.88 3.43 -16.57
C SER B 190 -12.75 4.95 -16.45
N TYR B 191 -12.17 5.41 -15.34
CA TYR B 191 -12.13 6.82 -14.96
C TYR B 191 -10.83 7.56 -15.34
N HIS B 192 -9.81 6.82 -15.75
CA HIS B 192 -8.57 7.42 -16.23
C HIS B 192 -8.41 7.43 -17.76
N ASN B 193 -9.37 6.84 -18.47
CA ASN B 193 -9.54 6.97 -19.94
C ASN B 193 -8.27 6.72 -20.75
N GLY B 194 -7.38 5.87 -20.24
CA GLY B 194 -6.04 5.75 -20.79
C GLY B 194 -5.23 4.84 -19.91
N LYS B 195 -4.10 4.35 -20.44
CA LYS B 195 -3.31 3.30 -19.77
C LYS B 195 -2.59 3.88 -18.55
N TRP B 196 -2.58 3.11 -17.44
CA TRP B 196 -1.99 3.57 -16.18
C TRP B 196 -0.92 2.62 -15.73
N LYS B 197 0.03 3.12 -14.96
CA LYS B 197 1.21 2.35 -14.58
C LYS B 197 1.44 2.42 -13.08
N PRO B 198 1.56 1.25 -12.42
CA PRO B 198 1.82 1.23 -11.00
C PRO B 198 3.33 1.23 -10.77
N ALA B 199 3.88 2.40 -10.46
CA ALA B 199 5.30 2.53 -10.13
C ALA B 199 5.69 1.64 -8.94
N THR B 200 4.79 1.55 -7.97
CA THR B 200 5.02 0.82 -6.73
C THR B 200 4.04 -0.37 -6.63
N ALA B 201 4.44 -1.45 -5.95
CA ALA B 201 3.55 -2.56 -5.60
C ALA B 201 2.30 -2.04 -4.87
N GLY B 202 1.16 -2.63 -5.21
CA GLY B 202 -0.12 -2.07 -4.85
C GLY B 202 -0.52 -2.27 -3.41
N ASN B 203 -1.41 -1.39 -2.95
CA ASN B 203 -2.01 -1.38 -1.61
C ASN B 203 -3.54 -1.29 -1.81
N LEU B 204 -4.20 -2.44 -1.71
CA LEU B 204 -5.60 -2.61 -2.15
C LEU B 204 -6.60 -1.55 -1.69
N TRP B 205 -6.63 -1.30 -0.40
CA TRP B 205 -7.56 -0.32 0.17
C TRP B 205 -7.28 1.11 -0.25
N LEU B 206 -6.02 1.49 -0.33
CA LEU B 206 -5.71 2.85 -0.79
C LEU B 206 -6.10 3.06 -2.24
N GLU B 207 -5.93 2.03 -3.06
CA GLU B 207 -6.31 2.11 -4.48
C GLU B 207 -7.83 2.21 -4.58
N PHE B 208 -8.55 1.35 -3.86
CA PHE B 208 -10.00 1.48 -3.71
C PHE B 208 -10.45 2.87 -3.22
N ARG B 209 -9.78 3.36 -2.17
CA ARG B 209 -10.22 4.57 -1.45
C ARG B 209 -10.10 5.87 -2.26
N TYR B 210 -8.95 6.00 -2.92
CA TYR B 210 -8.65 7.16 -3.75
C TYR B 210 -8.94 6.88 -5.20
N GLY B 211 -8.47 5.75 -5.71
CA GLY B 211 -8.57 5.45 -7.14
C GLY B 211 -9.97 5.37 -7.72
N LEU B 212 -10.97 5.08 -6.88
CA LEU B 212 -12.39 5.09 -7.30
C LEU B 212 -13.12 6.38 -6.92
N MET B 213 -12.37 7.42 -6.62
CA MET B 213 -12.95 8.70 -6.23
C MET B 213 -13.81 9.34 -7.31
N PRO B 214 -13.44 9.20 -8.59
CA PRO B 214 -14.37 9.57 -9.65
C PRO B 214 -15.74 8.90 -9.55
N LEU B 215 -15.74 7.62 -9.20
CA LEU B 215 -16.98 6.86 -9.02
C LEU B 215 -17.79 7.37 -7.84
N PHE B 216 -17.12 7.70 -6.72
CA PHE B 216 -17.83 8.25 -5.55
C PHE B 216 -18.51 9.59 -5.89
N TYR B 217 -17.80 10.45 -6.62
CA TYR B 217 -18.33 11.73 -7.12
C TYR B 217 -19.49 11.51 -8.10
N ASP B 218 -19.32 10.58 -9.03
CA ASP B 218 -20.40 10.16 -9.93
C ASP B 218 -21.60 9.58 -9.16
N ILE B 219 -21.32 8.79 -8.12
CA ILE B 219 -22.37 8.24 -7.27
C ILE B 219 -23.08 9.38 -6.58
N ARG B 220 -22.34 10.15 -5.78
CA ARG B 220 -22.91 11.32 -5.12
C ARG B 220 -23.77 12.16 -6.08
N ASP B 221 -23.18 12.69 -7.14
CA ASP B 221 -23.95 13.51 -8.11
C ASP B 221 -25.27 12.87 -8.54
N VAL B 222 -25.24 11.60 -8.95
CA VAL B 222 -26.44 10.88 -9.38
C VAL B 222 -27.42 10.66 -8.24
N MET B 223 -26.90 10.32 -7.06
CA MET B 223 -27.76 10.11 -5.88
C MET B 223 -28.63 11.34 -5.56
N LEU B 224 -28.03 12.53 -5.55
CA LEU B 224 -28.79 13.78 -5.27
C LEU B 224 -29.73 14.08 -6.43
N ASP B 225 -29.22 13.93 -7.65
CA ASP B 225 -30.01 14.17 -8.85
C ASP B 225 -31.22 13.23 -8.95
N TRP B 226 -31.06 12.00 -8.46
CA TRP B 226 -32.18 11.05 -8.40
C TRP B 226 -33.25 11.56 -7.45
N GLN B 227 -32.85 11.89 -6.23
CA GLN B 227 -33.79 12.35 -5.21
C GLN B 227 -34.56 13.58 -5.66
N ASN B 228 -33.85 14.59 -6.18
CA ASN B 228 -34.51 15.80 -6.65
C ASN B 228 -35.54 15.47 -7.70
N ARG B 229 -35.17 14.62 -8.65
CA ARG B 229 -36.08 14.23 -9.74
C ARG B 229 -37.19 13.30 -9.25
N HIS B 230 -36.88 12.49 -8.26
CA HIS B 230 -37.84 11.61 -7.61
C HIS B 230 -38.93 12.38 -6.86
N ASP B 231 -38.51 13.33 -6.04
CA ASP B 231 -39.44 14.14 -5.29
C ASP B 231 -40.39 14.91 -6.21
N LYS B 232 -39.89 15.35 -7.36
CA LYS B 232 -40.71 16.00 -8.39
C LYS B 232 -41.65 15.00 -9.07
N ILE B 233 -41.19 13.78 -9.31
CA ILE B 233 -42.08 12.73 -9.82
C ILE B 233 -43.19 12.40 -8.82
N GLN B 234 -42.85 12.35 -7.54
CA GLN B 234 -43.84 12.03 -6.52
C GLN B 234 -44.99 13.03 -6.43
N ARG B 235 -44.74 14.29 -6.73
CA ARG B 235 -45.80 15.29 -6.77
C ARG B 235 -46.85 15.07 -7.87
N LEU B 236 -46.54 14.24 -8.88
CA LEU B 236 -47.49 14.01 -9.98
C LEU B 236 -48.69 13.13 -9.60
N LEU B 237 -48.57 12.44 -8.45
CA LEU B 237 -49.65 11.59 -7.91
C LEU B 237 -50.82 12.31 -7.23
N ARG B 238 -50.72 13.63 -7.09
CA ARG B 238 -51.86 14.45 -6.65
C ARG B 238 -52.47 15.12 -7.88
N PHE B 239 -53.80 15.18 -7.92
CA PHE B 239 -54.54 15.92 -8.93
C PHE B 239 -55.65 16.71 -8.29
N SER B 240 -55.50 18.02 -8.26
CA SER B 240 -56.51 18.94 -7.78
C SER B 240 -57.08 19.70 -8.99
N VAL B 241 -58.41 19.80 -9.02
CA VAL B 241 -59.12 20.55 -10.04
C VAL B 241 -60.36 21.15 -9.41
N GLY B 242 -60.66 22.42 -9.68
CA GLY B 242 -61.83 23.06 -9.08
C GLY B 242 -62.31 24.27 -9.84
N HIS B 243 -63.58 24.65 -9.63
CA HIS B 243 -64.20 25.77 -10.38
C HIS B 243 -65.04 26.73 -9.53
N GLY B 244 -64.67 28.02 -9.55
CA GLY B 244 -65.39 29.07 -8.84
C GLY B 244 -66.65 29.54 -9.57
N GLU B 245 -67.48 30.29 -8.85
CA GLU B 245 -68.71 30.89 -9.40
C GLU B 245 -69.11 32.02 -8.45
N ASP B 246 -70.20 32.75 -8.76
CA ASP B 246 -70.72 33.79 -7.84
C ASP B 246 -72.18 33.59 -7.49
N TYR B 247 -72.59 34.28 -6.42
CA TYR B 247 -73.97 34.23 -5.92
C TYR B 247 -74.28 35.44 -5.04
N VAL B 248 -75.52 35.92 -5.20
CA VAL B 248 -76.00 37.13 -4.55
C VAL B 248 -77.16 36.71 -3.64
N VAL B 249 -77.14 37.18 -2.39
CA VAL B 249 -78.22 36.94 -1.44
C VAL B 249 -78.68 38.28 -0.89
N GLU B 250 -80.00 38.47 -0.84
CA GLU B 250 -80.60 39.73 -0.40
C GLU B 250 -81.00 39.61 1.07
N PHE B 251 -80.66 40.61 1.88
CA PHE B 251 -80.97 40.55 3.32
C PHE B 251 -82.22 41.29 3.75
N ASP B 252 -82.95 40.60 4.63
CA ASP B 252 -84.31 40.92 5.09
C ASP B 252 -84.46 42.31 5.74
N ASN B 253 -85.71 42.61 6.06
CA ASN B 253 -86.08 43.85 6.66
C ASN B 253 -85.77 43.78 8.15
N LEU B 254 -84.54 44.19 8.50
CA LEU B 254 -84.00 44.09 9.86
C LEU B 254 -83.84 45.47 10.50
N TYR B 255 -84.30 45.62 11.74
CA TYR B 255 -84.20 46.90 12.47
C TYR B 255 -83.28 46.77 13.70
N PRO B 256 -82.09 47.40 13.66
CA PRO B 256 -81.23 47.49 14.87
C PRO B 256 -81.81 48.32 16.02
N ALA B 257 -82.63 49.32 15.70
CA ALA B 257 -83.47 50.01 16.69
C ALA B 257 -84.87 49.43 16.58
N VAL B 258 -85.76 49.77 17.51
CA VAL B 258 -87.13 49.21 17.50
C VAL B 258 -87.96 49.91 16.42
N ALA B 259 -87.90 49.36 15.21
CA ALA B 259 -88.59 49.89 14.02
C ALA B 259 -88.27 51.37 13.65
N TYR B 260 -87.20 51.94 14.23
CA TYR B 260 -86.81 53.34 13.94
C TYR B 260 -86.31 53.48 12.52
N PHE B 261 -85.50 52.50 12.08
CA PHE B 261 -85.17 52.40 10.66
C PHE B 261 -84.89 50.98 10.21
N LYS B 262 -85.37 50.68 9.00
CA LYS B 262 -85.17 49.39 8.34
C LYS B 262 -83.82 49.42 7.62
N LEU B 263 -83.13 48.28 7.58
CA LEU B 263 -81.97 48.10 6.70
C LEU B 263 -82.16 46.82 5.91
N LYS B 264 -81.61 46.83 4.70
CA LYS B 264 -81.69 45.72 3.73
C LYS B 264 -80.43 45.79 2.87
N GLY B 265 -80.37 44.95 1.84
CA GLY B 265 -79.40 45.10 0.76
C GLY B 265 -79.04 43.75 0.19
N GLU B 266 -77.85 43.69 -0.41
CA GLU B 266 -77.38 42.51 -1.15
C GLU B 266 -76.00 42.09 -0.67
N ILE B 267 -75.77 40.78 -0.61
CA ILE B 267 -74.48 40.18 -0.22
C ILE B 267 -74.03 39.24 -1.32
N THR B 268 -72.88 39.56 -1.92
CA THR B 268 -72.28 38.72 -2.97
C THR B 268 -71.17 37.86 -2.37
N LEU B 269 -71.32 36.55 -2.55
CA LEU B 269 -70.38 35.57 -2.03
C LEU B 269 -70.10 34.56 -3.15
N GLU B 270 -68.95 33.89 -3.12
CA GLU B 270 -68.61 32.85 -4.10
C GLU B 270 -68.88 31.43 -3.57
N ARG B 271 -69.52 30.61 -4.39
CA ARG B 271 -69.67 29.19 -4.11
C ARG B 271 -68.66 28.49 -4.99
N ARG B 272 -67.78 27.68 -4.40
CA ARG B 272 -66.83 26.93 -5.22
C ARG B 272 -66.74 25.47 -4.81
N HIS B 273 -66.80 24.60 -5.83
CA HIS B 273 -66.71 23.15 -5.72
C HIS B 273 -65.30 22.79 -6.14
N ARG B 274 -64.60 22.02 -5.32
CA ARG B 274 -63.26 21.57 -5.66
C ARG B 274 -63.16 20.07 -5.42
N HIS B 275 -62.33 19.40 -6.22
CA HIS B 275 -62.16 17.97 -6.14
C HIS B 275 -60.66 17.65 -6.22
N GLY B 276 -60.23 16.68 -5.43
CA GLY B 276 -58.84 16.25 -5.41
C GLY B 276 -58.78 14.74 -5.39
N ILE B 277 -57.68 14.20 -5.90
CA ILE B 277 -57.50 12.77 -6.04
C ILE B 277 -56.07 12.48 -5.65
N SER B 278 -55.84 11.44 -4.86
CA SER B 278 -54.47 11.09 -4.51
C SER B 278 -54.15 9.65 -4.89
N TYR B 279 -53.02 9.51 -5.58
CA TYR B 279 -52.49 8.24 -5.99
C TYR B 279 -51.43 7.83 -4.97
N ALA B 280 -51.42 6.54 -4.68
CA ALA B 280 -50.40 5.95 -3.83
C ALA B 280 -50.51 4.43 -3.98
N ASN B 281 -49.72 3.69 -3.21
CA ASN B 281 -49.85 2.24 -3.17
C ASN B 281 -51.25 1.83 -2.72
N ARG B 282 -51.94 1.05 -3.54
CA ARG B 282 -53.33 0.67 -3.28
C ARG B 282 -53.45 -0.34 -2.14
N GLU B 283 -52.44 -1.19 -1.98
CA GLU B 283 -52.55 -2.23 -0.98
C GLU B 283 -52.07 -1.75 0.37
N GLY B 284 -50.79 -1.43 0.45
CA GLY B 284 -50.16 -1.06 1.72
C GLY B 284 -50.39 0.32 2.35
N TYR B 285 -51.14 1.20 1.71
CA TYR B 285 -51.37 2.56 2.26
C TYR B 285 -52.09 2.61 3.60
N ALA B 286 -53.06 1.72 3.81
CA ALA B 286 -53.88 1.76 5.03
C ALA B 286 -53.13 1.35 6.30
N VAL B 287 -52.10 0.51 6.12
CA VAL B 287 -51.26 -0.05 7.19
C VAL B 287 -49.79 0.44 7.14
N PHE B 288 -49.54 1.53 6.42
CA PHE B 288 -48.19 2.06 6.31
C PHE B 288 -47.65 2.53 7.65
N ASP B 289 -46.49 1.98 8.00
CA ASP B 289 -45.91 2.13 9.34
C ASP B 289 -44.81 3.19 9.31
N ASN B 290 -45.06 4.27 10.03
CA ASN B 290 -44.07 5.34 10.17
C ASN B 290 -43.01 5.09 11.22
N GLY B 291 -43.24 4.10 12.10
CA GLY B 291 -42.41 3.87 13.29
C GLY B 291 -40.90 3.86 13.07
N SER B 292 -40.49 3.23 11.97
CA SER B 292 -39.09 3.19 11.56
C SER B 292 -38.98 3.51 10.06
N LEU B 293 -39.33 4.75 9.74
CA LEU B 293 -38.97 5.36 8.46
C LEU B 293 -37.75 6.25 8.76
N ARG B 294 -36.86 6.37 7.78
CA ARG B 294 -35.61 7.12 7.95
C ARG B 294 -35.87 8.59 7.61
N PRO B 295 -35.03 9.51 8.11
CA PRO B 295 -35.20 10.90 7.69
C PRO B 295 -34.64 11.14 6.29
N VAL B 296 -35.03 12.26 5.69
CA VAL B 296 -34.57 12.63 4.33
C VAL B 296 -33.05 12.85 4.31
N SER B 297 -32.53 13.40 5.41
CA SER B 297 -31.10 13.69 5.54
C SER B 297 -30.22 12.46 5.36
N ASP B 298 -30.67 11.31 5.84
CA ASP B 298 -29.87 10.09 5.75
C ASP B 298 -29.35 9.84 4.32
N TRP B 299 -30.20 10.05 3.32
CA TRP B 299 -29.83 9.80 1.92
C TRP B 299 -28.73 10.73 1.42
N LYS B 300 -28.83 12.00 1.78
CA LYS B 300 -27.81 12.98 1.42
C LYS B 300 -26.49 12.69 2.15
N GLU B 301 -26.60 12.29 3.42
CA GLU B 301 -25.44 11.84 4.20
C GLU B 301 -24.73 10.66 3.54
N LEU B 302 -25.50 9.73 2.97
CA LEU B 302 -24.95 8.56 2.30
C LEU B 302 -24.22 8.86 0.99
N ALA B 303 -24.72 9.84 0.22
CA ALA B 303 -24.06 10.23 -1.05
C ALA B 303 -22.57 10.65 -0.86
N THR B 304 -22.37 11.45 0.17
CA THR B 304 -21.09 12.07 0.47
C THR B 304 -20.21 11.26 1.42
N ALA B 305 -20.62 10.05 1.79
CA ALA B 305 -19.89 9.28 2.79
C ALA B 305 -18.48 8.94 2.34
N PHE B 306 -18.38 8.49 1.09
CA PHE B 306 -17.08 8.15 0.51
C PHE B 306 -16.16 9.35 0.23
N ILE B 307 -16.79 10.45 -0.20
CA ILE B 307 -16.09 11.69 -0.53
C ILE B 307 -15.66 12.47 0.71
N ASN B 308 -16.13 12.12 1.92
CA ASN B 308 -15.80 12.96 3.09
C ASN B 308 -14.42 12.61 3.65
N PRO B 309 -13.48 13.59 3.55
CA PRO B 309 -12.03 13.37 3.59
C PRO B 309 -11.46 12.84 4.89
N HIS B 310 -11.99 13.33 6.02
CA HIS B 310 -11.50 12.95 7.35
C HIS B 310 -12.33 11.78 7.87
N GLU B 311 -12.11 10.62 7.26
CA GLU B 311 -12.83 9.43 7.60
C GLU B 311 -11.84 8.43 8.18
N VAL B 312 -12.07 8.04 9.43
CA VAL B 312 -11.17 7.09 10.11
C VAL B 312 -11.51 5.64 9.80
N ALA B 313 -12.71 5.41 9.29
CA ALA B 313 -13.20 4.07 9.01
C ALA B 313 -12.28 3.25 8.10
N TRP B 314 -11.68 3.93 7.12
CA TRP B 314 -10.74 3.33 6.18
C TRP B 314 -9.61 2.61 6.89
N GLU B 315 -9.11 3.25 7.95
CA GLU B 315 -8.00 2.69 8.72
C GLU B 315 -8.41 1.41 9.48
N LEU B 316 -9.59 1.45 10.12
CA LEU B 316 -9.96 0.49 11.18
C LEU B 316 -10.91 -0.62 10.78
N THR B 317 -12.06 -0.26 10.19
CA THR B 317 -13.12 -1.24 9.83
C THR B 317 -13.66 -1.01 8.42
N PRO B 318 -12.78 -1.13 7.41
CA PRO B 318 -13.18 -0.76 6.05
C PRO B 318 -14.32 -1.61 5.52
N TYR B 319 -14.25 -2.91 5.77
CA TYR B 319 -15.25 -3.84 5.27
C TYR B 319 -16.62 -3.54 5.89
N SER B 320 -16.65 -3.42 7.21
CA SER B 320 -17.82 -2.96 7.90
C SER B 320 -18.39 -1.70 7.23
N PHE B 321 -17.55 -0.66 7.11
CA PHE B 321 -17.91 0.65 6.53
C PHE B 321 -18.60 0.56 5.18
N VAL B 322 -17.95 -0.07 4.20
CA VAL B 322 -18.50 -0.20 2.83
C VAL B 322 -19.75 -1.10 2.76
N VAL B 323 -19.80 -2.16 3.56
CA VAL B 323 -20.98 -3.04 3.56
C VAL B 323 -22.20 -2.35 4.17
N ASP B 324 -22.02 -1.72 5.32
CA ASP B 324 -23.07 -0.93 5.97
C ASP B 324 -23.61 0.18 5.09
N TRP B 325 -22.73 0.82 4.34
CA TRP B 325 -23.14 1.84 3.37
C TRP B 325 -24.12 1.25 2.35
N PHE B 326 -23.73 0.12 1.77
CA PHE B 326 -24.59 -0.54 0.80
C PHE B 326 -25.94 -0.89 1.40
N LEU B 327 -25.95 -1.40 2.62
CA LEU B 327 -27.19 -1.82 3.26
C LEU B 327 -28.08 -0.64 3.52
N ASN B 328 -27.55 0.42 4.13
CA ASN B 328 -28.34 1.64 4.34
C ASN B 328 -28.92 2.18 3.04
N VAL B 329 -28.11 2.19 1.99
CA VAL B 329 -28.58 2.64 0.69
C VAL B 329 -29.68 1.75 0.15
N GLY B 330 -29.42 0.45 0.13
CA GLY B 330 -30.41 -0.53 -0.29
C GLY B 330 -31.71 -0.34 0.46
N ASP B 331 -31.59 -0.29 1.79
CA ASP B 331 -32.72 -0.07 2.69
C ASP B 331 -33.54 1.14 2.26
N ILE B 332 -32.88 2.28 2.00
CA ILE B 332 -33.62 3.44 1.54
C ILE B 332 -34.25 3.18 0.18
N LEU B 333 -33.50 2.61 -0.75
CA LEU B 333 -34.01 2.34 -2.09
C LEU B 333 -35.21 1.40 -2.10
N ALA B 334 -35.20 0.41 -1.21
CA ALA B 334 -36.33 -0.48 -1.01
C ALA B 334 -37.54 0.30 -0.53
N GLN B 335 -37.35 1.03 0.58
CA GLN B 335 -38.37 1.92 1.15
C GLN B 335 -38.90 2.90 0.11
N GLN B 336 -38.00 3.37 -0.74
CA GLN B 336 -38.34 4.26 -1.84
C GLN B 336 -39.13 3.55 -2.92
N GLY B 337 -38.84 2.27 -3.11
CA GLY B 337 -39.60 1.43 -4.03
C GLY B 337 -41.09 1.42 -3.80
N GLN B 338 -41.49 1.36 -2.53
CA GLN B 338 -42.90 1.29 -2.16
C GLN B 338 -43.74 2.47 -2.66
N LEU B 339 -43.09 3.55 -3.03
CA LEU B 339 -43.79 4.71 -3.57
C LEU B 339 -44.19 4.55 -5.04
N TYR B 340 -43.72 3.48 -5.70
CA TYR B 340 -44.12 3.13 -7.09
C TYR B 340 -44.83 1.77 -7.23
N HIS B 341 -45.08 1.09 -6.12
CA HIS B 341 -45.69 -0.24 -6.10
C HIS B 341 -47.23 -0.13 -6.06
N ASN B 342 -47.90 -0.78 -6.99
CA ASN B 342 -49.37 -0.86 -7.02
C ASN B 342 -50.05 0.49 -7.04
N ILE B 343 -49.57 1.40 -7.87
CA ILE B 343 -50.10 2.75 -7.87
C ILE B 343 -51.56 2.84 -8.32
N ASP B 344 -52.36 3.54 -7.52
CA ASP B 344 -53.77 3.70 -7.81
C ASP B 344 -54.35 4.84 -6.96
N ILE B 345 -55.62 5.15 -7.23
CA ILE B 345 -56.33 6.17 -6.48
C ILE B 345 -56.65 5.59 -5.11
N VAL B 346 -56.26 6.31 -4.06
CA VAL B 346 -56.61 5.93 -2.68
C VAL B 346 -57.31 7.01 -1.87
N ASP B 347 -57.47 8.21 -2.40
CA ASP B 347 -58.11 9.26 -1.65
C ASP B 347 -58.72 10.24 -2.62
N GLY B 348 -60.05 10.26 -2.63
CA GLY B 348 -60.83 11.26 -3.34
C GLY B 348 -61.44 12.16 -2.29
N PHE B 349 -61.31 13.45 -2.47
CA PHE B 349 -62.07 14.37 -1.68
C PHE B 349 -62.83 15.32 -2.57
N ASP B 350 -63.98 15.76 -2.07
CA ASP B 350 -64.93 16.60 -2.79
C ASP B 350 -65.24 17.72 -1.81
N ARG B 351 -64.95 18.95 -2.19
CA ARG B 351 -65.00 20.07 -1.26
C ARG B 351 -65.88 21.17 -1.82
N ARG B 352 -66.94 21.51 -1.09
CA ARG B 352 -67.87 22.58 -1.47
C ARG B 352 -67.90 23.58 -0.33
N ASP B 353 -67.61 24.84 -0.61
CA ASP B 353 -67.56 25.89 0.41
C ASP B 353 -68.16 27.19 -0.09
N ILE B 354 -68.23 28.16 0.82
CA ILE B 354 -68.75 29.49 0.55
C ILE B 354 -67.88 30.52 1.26
N ARG B 355 -67.33 31.45 0.49
CA ARG B 355 -66.53 32.56 1.02
C ARG B 355 -67.32 33.83 0.65
N LEU B 356 -67.29 34.89 1.46
CA LEU B 356 -67.93 36.18 1.07
C LEU B 356 -67.03 37.01 0.14
N LYS B 357 -67.66 37.77 -0.76
CA LYS B 357 -66.95 38.66 -1.69
C LYS B 357 -67.21 40.14 -1.33
N SER B 358 -68.43 40.62 -1.56
CA SER B 358 -68.79 42.02 -1.31
C SER B 358 -70.25 42.16 -0.91
N PHE B 359 -70.66 43.38 -0.54
CA PHE B 359 -72.04 43.63 -0.08
C PHE B 359 -72.56 45.06 -0.27
N THR B 360 -73.88 45.15 -0.22
CA THR B 360 -74.63 46.38 -0.48
C THR B 360 -75.53 46.64 0.74
N ILE B 361 -75.50 47.88 1.24
CA ILE B 361 -76.23 48.28 2.46
C ILE B 361 -77.28 49.32 2.09
N LYS B 362 -78.55 48.96 2.22
CA LYS B 362 -79.64 49.84 1.78
C LYS B 362 -80.84 49.74 2.71
N GLY B 363 -81.14 50.81 3.43
CA GLY B 363 -82.29 50.84 4.32
C GLY B 363 -83.23 52.01 4.10
N GLU B 364 -84.52 51.73 4.13
CA GLU B 364 -85.54 52.72 3.80
C GLU B 364 -86.62 52.74 4.87
N ARG B 365 -86.35 53.49 5.94
CA ARG B 365 -87.30 53.64 7.05
C ARG B 365 -88.57 54.38 6.64
N ASN B 366 -88.38 55.54 6.01
CA ASN B 366 -89.44 56.48 5.68
C ASN B 366 -88.92 57.39 4.57
N GLY B 367 -89.17 56.98 3.32
CA GLY B 367 -88.77 57.75 2.16
C GLY B 367 -87.27 57.89 1.98
N ARG B 368 -86.58 56.75 1.95
CA ARG B 368 -85.13 56.67 1.64
C ARG B 368 -84.17 57.64 2.36
N PRO B 369 -84.26 57.73 3.70
CA PRO B 369 -83.54 58.73 4.49
C PRO B 369 -82.13 58.31 4.96
N VAL B 370 -81.84 57.02 4.90
CA VAL B 370 -80.60 56.44 5.41
C VAL B 370 -79.34 57.03 4.76
N ASN B 371 -78.31 57.29 5.57
CA ASN B 371 -76.92 57.38 5.09
C ASN B 371 -76.15 56.32 5.87
N VAL B 372 -75.52 55.37 5.18
CA VAL B 372 -74.94 54.17 5.83
C VAL B 372 -73.48 53.93 5.40
N SER B 373 -72.55 53.96 6.37
CA SER B 373 -71.15 53.55 6.15
C SER B 373 -70.80 52.33 7.03
N ALA B 374 -70.86 51.13 6.43
CA ALA B 374 -70.76 49.85 7.17
C ALA B 374 -69.58 48.94 6.78
N SER B 375 -69.05 48.27 7.81
CA SER B 375 -68.03 47.24 7.69
C SER B 375 -68.71 45.91 8.01
N LEU B 376 -68.60 44.93 7.12
CA LEU B 376 -69.21 43.60 7.31
C LEU B 376 -68.16 42.50 7.52
N SER B 377 -68.44 41.62 8.48
CA SER B 377 -67.66 40.42 8.75
C SER B 377 -68.63 39.26 8.93
N ALA B 378 -68.26 38.09 8.41
CA ALA B 378 -69.16 36.92 8.44
C ALA B 378 -68.77 35.96 9.53
N VAL B 379 -69.76 35.30 10.11
CA VAL B 379 -69.55 34.34 11.18
C VAL B 379 -69.62 32.91 10.61
N ASP B 380 -70.81 32.49 10.23
CA ASP B 380 -71.06 31.11 9.81
C ASP B 380 -71.04 31.06 8.31
N LEU B 381 -70.05 30.37 7.76
CA LEU B 381 -69.97 30.13 6.33
C LEU B 381 -69.96 28.64 6.12
N PHE B 382 -70.78 28.17 5.17
CA PHE B 382 -70.86 26.74 4.83
C PHE B 382 -69.54 26.22 4.27
N TYR B 383 -69.10 25.07 4.77
CA TYR B 383 -67.93 24.35 4.27
C TYR B 383 -68.14 22.85 4.46
N SER B 384 -67.91 22.07 3.41
CA SER B 384 -68.12 20.61 3.43
C SER B 384 -67.19 19.88 2.48
N ARG B 385 -66.16 19.27 3.05
CA ARG B 385 -65.24 18.42 2.32
C ARG B 385 -65.57 16.97 2.63
N LEU B 386 -66.10 16.24 1.65
CA LEU B 386 -66.47 14.83 1.85
C LEU B 386 -65.50 13.93 1.14
N HIS B 387 -65.19 12.81 1.76
CA HIS B 387 -64.44 11.76 1.10
C HIS B 387 -65.35 11.16 0.05
N THR B 388 -64.76 10.86 -1.10
CA THR B 388 -65.47 10.32 -2.23
C THR B 388 -64.65 9.19 -2.84
N SER B 389 -65.02 7.97 -2.45
CA SER B 389 -64.35 6.75 -2.90
C SER B 389 -64.67 6.44 -4.36
N ASN B 390 -65.96 6.30 -4.64
CA ASN B 390 -66.47 5.90 -5.95
C ASN B 390 -66.28 7.05 -6.94
N LEU B 391 -65.52 6.83 -8.02
CA LEU B 391 -65.37 7.86 -9.05
C LEU B 391 -66.09 7.45 -10.32
N PRO B 392 -66.92 8.37 -10.86
CA PRO B 392 -67.75 8.04 -12.03
C PRO B 392 -67.02 8.08 -13.38
N PHE B 393 -65.86 8.73 -13.45
CA PHE B 393 -65.15 8.97 -14.71
C PHE B 393 -63.92 8.07 -14.76
N ALA B 394 -63.52 7.69 -15.98
CA ALA B 394 -62.34 6.85 -16.17
C ALA B 394 -61.10 7.60 -15.69
N THR B 395 -60.35 7.02 -14.76
CA THR B 395 -59.11 7.62 -14.26
C THR B 395 -57.90 7.10 -15.03
N LEU B 396 -56.92 7.98 -15.21
CA LEU B 396 -55.62 7.62 -15.75
C LEU B 396 -55.03 6.52 -14.88
N ASP B 397 -54.54 5.44 -15.49
CA ASP B 397 -53.81 4.42 -14.72
C ASP B 397 -52.32 4.77 -14.71
N LEU B 398 -51.79 5.03 -13.52
CA LEU B 398 -50.39 5.28 -13.38
C LEU B 398 -49.63 4.02 -12.97
N ASP B 399 -50.30 2.92 -12.65
CA ASP B 399 -49.56 1.73 -12.23
C ASP B 399 -48.65 1.20 -13.34
N THR B 400 -49.19 1.05 -14.55
CA THR B 400 -48.44 0.42 -15.64
C THR B 400 -47.21 1.27 -16.02
N THR B 401 -47.39 2.58 -16.10
CA THR B 401 -46.25 3.51 -16.28
C THR B 401 -45.24 3.48 -15.10
N PHE B 402 -45.73 3.49 -13.86
CA PHE B 402 -44.85 3.54 -12.67
C PHE B 402 -44.25 2.21 -12.24
N SER B 403 -44.91 1.08 -12.54
CA SER B 403 -44.45 -0.26 -12.09
C SER B 403 -43.01 -0.51 -12.51
N SER B 404 -42.65 0.04 -13.67
CA SER B 404 -41.29 0.03 -14.20
C SER B 404 -40.22 0.54 -13.21
N PHE B 405 -40.51 1.64 -12.52
CA PHE B 405 -39.63 2.13 -11.45
C PHE B 405 -39.39 1.11 -10.37
N LYS B 406 -40.46 0.39 -10.00
CA LYS B 406 -40.38 -0.63 -8.97
C LYS B 406 -39.42 -1.75 -9.38
N HIS B 407 -39.53 -2.23 -10.61
CA HIS B 407 -38.64 -3.31 -11.06
C HIS B 407 -37.20 -2.90 -10.84
N VAL B 408 -36.87 -1.69 -11.28
CA VAL B 408 -35.51 -1.14 -11.17
C VAL B 408 -35.06 -1.06 -9.71
N LEU B 409 -35.88 -0.47 -8.86
CA LEU B 409 -35.53 -0.33 -7.45
C LEU B 409 -35.39 -1.69 -6.76
N ASP B 410 -36.23 -2.66 -7.10
CA ASP B 410 -36.10 -4.03 -6.54
C ASP B 410 -34.81 -4.72 -6.95
N SER B 411 -34.44 -4.56 -8.21
CA SER B 411 -33.21 -5.16 -8.71
C SER B 411 -31.98 -4.51 -8.07
N ILE B 412 -32.00 -3.18 -7.93
CA ILE B 412 -30.90 -2.46 -7.27
C ILE B 412 -30.79 -2.91 -5.82
N PHE B 413 -31.94 -3.05 -5.17
CA PHE B 413 -31.96 -3.50 -3.79
C PHE B 413 -31.18 -4.81 -3.62
N LEU B 414 -31.47 -5.80 -4.46
CA LEU B 414 -30.76 -7.08 -4.42
C LEU B 414 -29.26 -6.93 -4.52
N LEU B 415 -28.82 -6.03 -5.37
CA LEU B 415 -27.42 -5.74 -5.52
C LEU B 415 -26.80 -5.36 -4.19
N THR B 416 -27.48 -4.52 -3.43
CA THR B 416 -26.99 -4.08 -2.12
C THR B 416 -26.91 -5.22 -1.13
N GLN B 417 -27.81 -6.18 -1.28
CA GLN B 417 -27.88 -7.33 -0.40
C GLN B 417 -26.76 -8.34 -0.64
N ARG B 418 -26.26 -8.41 -1.88
CA ARG B 418 -25.18 -9.36 -2.22
C ARG B 418 -23.76 -8.80 -1.95
N VAL B 419 -23.68 -7.70 -1.19
CA VAL B 419 -22.43 -7.22 -0.65
C VAL B 419 -22.33 -7.74 0.75
N LYS B 420 -21.20 -8.35 1.10
CA LYS B 420 -21.03 -9.03 2.39
C LYS B 420 -19.65 -8.79 2.97
N ARG B 421 -19.50 -9.03 4.28
CA ARG B 421 -18.31 -8.63 5.05
C ARG B 421 -17.06 -9.51 4.82
N SER C 2 31.08 16.67 -39.81
CA SER C 2 30.53 16.46 -41.19
C SER C 2 30.78 15.02 -41.72
N PRO C 3 32.06 14.57 -41.86
CA PRO C 3 32.34 13.16 -42.19
C PRO C 3 31.66 12.09 -41.32
N LYS C 4 31.26 12.46 -40.12
CA LYS C 4 30.47 11.58 -39.30
C LYS C 4 28.96 11.58 -39.65
N LEU C 5 28.49 12.56 -40.42
CA LEU C 5 27.04 12.74 -40.69
C LEU C 5 26.63 12.69 -42.17
N PRO C 6 25.32 12.53 -42.44
CA PRO C 6 24.68 12.66 -43.75
C PRO C 6 24.83 14.00 -44.40
N ARG C 7 24.57 14.04 -45.71
CA ARG C 7 24.85 15.21 -46.52
C ARG C 7 24.25 16.48 -45.97
N GLY C 8 22.98 16.44 -45.58
CA GLY C 8 22.30 17.65 -45.13
C GLY C 8 22.74 18.19 -43.77
N LEU C 9 23.34 17.35 -42.94
CA LEU C 9 23.53 17.69 -41.55
C LEU C 9 24.97 18.05 -41.26
N ARG C 10 25.18 18.71 -40.13
CA ARG C 10 26.50 18.94 -39.58
C ARG C 10 26.35 19.14 -38.10
N PHE C 11 27.45 19.05 -37.37
CA PHE C 11 27.42 19.32 -35.93
C PHE C 11 27.37 20.82 -35.65
N GLY C 12 26.71 21.16 -34.55
CA GLY C 12 26.62 22.53 -34.06
C GLY C 12 27.74 22.81 -33.09
N ALA C 13 27.54 23.86 -32.29
CA ALA C 13 28.59 24.37 -31.42
C ALA C 13 28.90 23.46 -30.23
N ASP C 14 27.87 22.81 -29.69
CA ASP C 14 28.01 21.87 -28.58
C ASP C 14 27.78 20.42 -29.01
N ASN C 15 27.91 20.17 -30.32
CA ASN C 15 27.64 18.89 -30.97
C ASN C 15 26.13 18.56 -31.13
N GLU C 16 25.29 19.58 -30.98
CA GLU C 16 23.89 19.45 -31.34
C GLU C 16 23.78 19.23 -32.85
N ILE C 17 23.05 18.19 -33.26
CA ILE C 17 22.87 17.89 -34.69
C ILE C 17 21.98 18.92 -35.39
N LEU C 18 22.53 19.56 -36.41
CA LEU C 18 21.90 20.69 -37.08
C LEU C 18 22.02 20.64 -38.58
N ASN C 19 21.20 21.45 -39.23
CA ASN C 19 21.20 21.51 -40.67
C ASN C 19 22.46 22.20 -41.18
N ASP C 20 22.96 21.74 -42.33
CA ASP C 20 24.03 22.41 -43.09
C ASP C 20 23.39 23.18 -44.25
N PHE C 21 22.86 24.35 -43.93
CA PHE C 21 22.12 25.21 -44.87
C PHE C 21 22.80 25.54 -46.21
N GLN C 22 24.13 25.43 -46.27
CA GLN C 22 24.86 25.47 -47.52
C GLN C 22 24.32 24.36 -48.40
N GLU C 23 24.45 23.14 -47.90
CA GLU C 23 24.02 21.96 -48.63
C GLU C 23 22.56 21.94 -48.97
N LEU C 24 21.71 22.46 -48.10
CA LEU C 24 20.28 22.41 -48.34
C LEU C 24 19.87 23.38 -49.43
N TRP C 25 20.27 24.64 -49.32
CA TRP C 25 19.79 25.67 -50.25
C TRP C 25 20.63 25.89 -51.51
N PHE C 26 21.96 25.75 -51.39
CA PHE C 26 22.88 25.97 -52.50
C PHE C 26 23.73 24.73 -52.70
N PRO C 27 23.10 23.64 -53.13
CA PRO C 27 23.83 22.40 -53.26
C PRO C 27 24.69 22.39 -54.52
N ASP C 28 25.74 21.56 -54.49
CA ASP C 28 26.55 21.33 -55.67
C ASP C 28 25.67 20.56 -56.62
N LEU C 29 25.66 20.92 -57.91
CA LEU C 29 25.02 20.10 -58.94
C LEU C 29 26.00 19.11 -59.54
N PHE C 30 25.49 18.00 -60.05
CA PHE C 30 26.30 17.08 -60.81
C PHE C 30 25.52 16.55 -61.99
N ILE C 31 26.22 16.08 -63.01
CA ILE C 31 25.61 15.68 -64.27
C ILE C 31 25.61 14.15 -64.34
N GLU C 32 24.42 13.58 -64.55
CA GLU C 32 24.30 12.14 -64.77
C GLU C 32 24.09 11.92 -66.25
N SER C 33 24.91 11.03 -66.81
CA SER C 33 24.79 10.57 -68.19
C SER C 33 24.65 9.05 -68.28
N SER C 34 24.38 8.41 -67.14
CA SER C 34 24.20 6.97 -67.08
C SER C 34 23.02 6.60 -67.99
N ASP C 35 23.30 5.81 -69.04
CA ASP C 35 22.29 5.36 -70.02
C ASP C 35 21.35 4.33 -69.40
N THR C 36 20.28 4.84 -68.78
CA THR C 36 19.30 4.03 -68.09
C THR C 36 18.75 2.91 -68.98
N HIS C 37 18.36 3.22 -70.23
CA HIS C 37 17.79 2.20 -71.14
C HIS C 37 18.57 2.15 -72.44
N PRO C 38 19.67 1.39 -72.44
CA PRO C 38 20.59 1.35 -73.56
C PRO C 38 20.08 0.55 -74.75
N TRP C 39 19.32 -0.52 -74.51
CA TRP C 39 18.75 -1.33 -75.58
C TRP C 39 17.25 -1.12 -75.76
N TYR C 40 16.78 -1.62 -76.90
CA TYR C 40 15.36 -1.76 -77.24
C TYR C 40 15.20 -2.99 -78.16
N THR C 41 13.98 -3.52 -78.29
CA THR C 41 13.74 -4.79 -79.01
C THR C 41 12.74 -4.65 -80.15
N LEU C 42 13.01 -5.37 -81.25
CA LEU C 42 12.14 -5.47 -82.42
C LEU C 42 11.80 -6.93 -82.64
N LYS C 43 10.54 -7.30 -82.41
CA LYS C 43 10.07 -8.69 -82.55
C LYS C 43 8.83 -8.71 -83.42
N GLY C 44 8.87 -9.48 -84.51
CA GLY C 44 7.72 -9.61 -85.39
C GLY C 44 8.04 -10.08 -86.78
N ARG C 45 7.26 -9.60 -87.75
CA ARG C 45 7.46 -9.91 -89.15
C ARG C 45 7.08 -8.71 -90.00
N VAL C 46 7.93 -8.43 -90.99
CA VAL C 46 7.72 -7.33 -91.94
C VAL C 46 8.04 -7.83 -93.35
N LEU C 47 6.99 -7.98 -94.17
CA LEU C 47 7.13 -8.36 -95.58
C LEU C 47 7.88 -9.68 -95.73
N ASN C 48 7.36 -10.72 -95.06
CA ASN C 48 7.98 -12.04 -95.05
C ASN C 48 9.49 -11.94 -94.73
N ALA C 49 9.78 -11.24 -93.62
CA ALA C 49 11.12 -11.13 -93.05
C ALA C 49 10.97 -11.05 -91.53
N HIS C 50 11.44 -12.08 -90.83
CA HIS C 50 11.19 -12.23 -89.39
C HIS C 50 12.28 -11.56 -88.56
N LEU C 51 11.84 -10.84 -87.52
CA LEU C 51 12.72 -10.06 -86.66
C LEU C 51 12.58 -10.48 -85.19
N ASP C 52 13.70 -10.81 -84.55
CA ASP C 52 13.83 -10.86 -83.10
C ASP C 52 15.20 -10.29 -82.79
N ASP C 53 15.31 -8.98 -83.02
CA ASP C 53 16.57 -8.24 -82.87
C ASP C 53 16.59 -7.45 -81.57
N ARG C 54 17.80 -7.09 -81.17
CA ARG C 54 18.04 -6.24 -80.00
C ARG C 54 18.96 -5.10 -80.43
N LEU C 55 18.40 -3.91 -80.50
CA LEU C 55 19.09 -2.77 -81.08
C LEU C 55 19.30 -1.65 -80.07
N PRO C 56 20.46 -0.98 -80.15
CA PRO C 56 20.74 0.11 -79.22
C PRO C 56 19.96 1.34 -79.61
N ASN C 57 19.53 2.12 -78.62
CA ASN C 57 18.89 3.44 -78.88
C ASN C 57 19.73 4.60 -78.33
N VAL C 58 19.27 5.81 -78.67
CA VAL C 58 19.90 7.10 -78.39
C VAL C 58 20.71 7.23 -77.09
N GLY C 59 21.87 7.88 -77.16
CA GLY C 59 22.83 7.91 -76.05
C GLY C 59 23.16 9.27 -75.42
N GLY C 60 22.60 10.35 -75.94
CA GLY C 60 22.97 11.71 -75.49
C GLY C 60 22.31 12.18 -74.21
N ARG C 61 22.53 11.42 -73.13
CA ARG C 61 21.82 11.67 -71.89
C ARG C 61 22.60 12.70 -71.13
N GLN C 62 21.97 13.82 -70.82
CA GLN C 62 22.57 14.81 -69.95
C GLN C 62 21.53 15.36 -68.98
N VAL C 63 21.74 15.16 -67.68
CA VAL C 63 20.82 15.67 -66.66
C VAL C 63 21.58 16.12 -65.40
N ARG C 64 21.26 17.33 -64.93
CA ARG C 64 21.85 17.90 -63.73
C ARG C 64 21.00 17.52 -62.54
N ARG C 65 21.66 17.00 -61.49
CA ARG C 65 20.96 16.58 -60.29
C ARG C 65 21.61 17.16 -59.06
N THR C 66 20.77 17.27 -58.04
CA THR C 66 21.19 17.66 -56.73
C THR C 66 21.36 16.38 -55.93
N PRO C 67 22.44 16.26 -55.15
CA PRO C 67 22.62 15.06 -54.33
C PRO C 67 21.59 14.95 -53.21
N HIS C 68 21.40 13.71 -52.73
CA HIS C 68 20.42 13.44 -51.69
C HIS C 68 20.94 13.93 -50.35
N ARG C 69 20.13 14.75 -49.69
CA ARG C 69 20.46 15.29 -48.39
C ARG C 69 19.25 15.07 -47.51
N VAL C 70 19.46 15.15 -46.21
CA VAL C 70 18.41 14.93 -45.23
C VAL C 70 18.36 16.13 -44.32
N THR C 71 17.24 16.40 -43.69
CA THR C 71 17.12 17.54 -42.79
C THR C 71 16.64 17.12 -41.42
N VAL C 72 16.80 18.03 -40.47
CA VAL C 72 16.21 17.88 -39.15
C VAL C 72 15.32 19.08 -38.95
N PRO C 73 14.40 18.99 -37.98
CA PRO C 73 13.51 20.11 -37.80
C PRO C 73 14.24 21.41 -37.42
N ILE C 74 13.62 22.49 -37.85
CA ILE C 74 14.12 23.81 -37.64
C ILE C 74 13.54 24.42 -36.35
N ALA C 75 12.48 23.82 -35.81
CA ALA C 75 11.76 24.37 -34.65
C ALA C 75 10.94 23.30 -33.93
N SER C 76 10.52 23.62 -32.71
CA SER C 76 9.78 22.65 -31.89
C SER C 76 8.43 22.33 -32.49
N SER C 77 7.85 23.26 -33.28
CA SER C 77 6.60 22.98 -33.99
C SER C 77 6.68 21.75 -34.91
N GLY C 78 7.91 21.31 -35.21
CA GLY C 78 8.13 20.18 -36.10
C GLY C 78 8.33 20.63 -37.53
N LEU C 79 8.48 21.95 -37.73
CA LEU C 79 8.72 22.54 -39.05
C LEU C 79 10.06 22.07 -39.59
N ARG C 80 10.14 21.93 -40.91
CA ARG C 80 11.39 21.57 -41.60
C ARG C 80 11.80 22.60 -42.68
N PRO C 81 13.12 22.78 -42.86
CA PRO C 81 13.56 23.65 -43.91
C PRO C 81 13.39 22.93 -45.23
N VAL C 82 12.86 23.63 -46.21
CA VAL C 82 12.68 23.05 -47.53
C VAL C 82 14.02 23.10 -48.23
N THR C 83 14.39 21.97 -48.83
CA THR C 83 15.64 21.87 -49.56
C THR C 83 15.42 22.37 -50.97
N THR C 84 16.53 22.70 -51.64
CA THR C 84 16.53 23.08 -53.05
C THR C 84 16.97 21.86 -53.81
N VAL C 85 16.15 21.43 -54.78
CA VAL C 85 16.44 20.25 -55.60
C VAL C 85 16.29 20.59 -57.07
N GLN C 86 17.16 20.00 -57.87
CA GLN C 86 17.18 20.15 -59.31
C GLN C 86 17.15 18.76 -59.97
N TYR C 87 16.30 18.63 -60.99
CA TYR C 87 16.37 17.54 -61.95
C TYR C 87 16.19 18.17 -63.32
N ASP C 88 17.30 18.66 -63.88
CA ASP C 88 17.32 19.54 -65.04
C ASP C 88 17.99 18.76 -66.18
N PRO C 89 17.19 18.22 -67.14
CA PRO C 89 17.73 17.41 -68.22
C PRO C 89 17.83 18.16 -69.54
N ALA C 90 18.76 17.75 -70.38
CA ALA C 90 18.93 18.36 -71.71
C ALA C 90 17.63 18.33 -72.49
N ALA C 91 17.03 17.15 -72.54
CA ALA C 91 15.81 16.91 -73.26
C ALA C 91 15.05 15.84 -72.53
N LEU C 92 13.73 15.94 -72.58
CA LEU C 92 12.89 14.92 -71.96
C LEU C 92 13.11 13.62 -72.70
N SER C 93 13.08 12.51 -71.99
CA SER C 93 13.25 11.18 -72.57
C SER C 93 11.90 10.52 -72.43
N PHE C 94 11.60 9.56 -73.31
CA PHE C 94 10.46 8.66 -73.12
C PHE C 94 10.74 7.27 -73.70
N LEU C 95 10.05 6.27 -73.14
CA LEU C 95 10.07 4.90 -73.68
C LEU C 95 8.76 4.54 -74.37
N LEU C 96 8.89 4.06 -75.60
CA LEU C 96 7.77 3.63 -76.38
C LEU C 96 7.77 2.12 -76.41
N ASN C 97 6.58 1.55 -76.19
CA ASN C 97 6.30 0.15 -76.45
C ASN C 97 5.17 0.19 -77.43
N ALA C 98 5.24 -0.60 -78.50
CA ALA C 98 4.24 -0.48 -79.55
C ALA C 98 4.07 -1.73 -80.40
N ARG C 99 2.82 -1.94 -80.82
CA ARG C 99 2.43 -2.87 -81.88
C ARG C 99 2.26 -2.02 -83.13
N VAL C 100 3.02 -2.34 -84.17
CA VAL C 100 2.79 -1.74 -85.48
C VAL C 100 2.46 -2.85 -86.48
N ASP C 101 1.23 -2.80 -87.00
CA ASP C 101 0.72 -3.78 -87.95
C ASP C 101 0.00 -3.10 -89.10
N TRP C 102 -0.01 -3.79 -90.23
CA TRP C 102 -0.63 -3.27 -91.45
C TRP C 102 -0.58 -4.28 -92.56
N ASP C 103 -1.66 -4.36 -93.31
CA ASP C 103 -1.75 -5.24 -94.47
C ASP C 103 -2.48 -4.46 -95.55
N PHE C 104 -1.76 -4.14 -96.63
CA PHE C 104 -2.33 -3.42 -97.76
C PHE C 104 -2.96 -4.37 -98.80
N GLY C 105 -2.79 -5.68 -98.59
CA GLY C 105 -3.47 -6.72 -99.38
C GLY C 105 -2.64 -7.32 -100.51
N ASN C 106 -1.61 -6.59 -100.94
CA ASN C 106 -0.85 -6.95 -102.13
C ASN C 106 0.50 -7.57 -101.78
N GLY C 107 0.56 -8.31 -100.67
CA GLY C 107 1.82 -8.81 -100.10
C GLY C 107 2.60 -7.79 -99.27
N ASP C 108 2.15 -6.52 -99.25
CA ASP C 108 2.79 -5.44 -98.51
C ASP C 108 2.18 -5.40 -97.11
N SER C 109 2.60 -6.35 -96.28
CA SER C 109 2.06 -6.55 -94.94
C SER C 109 3.11 -6.83 -93.87
N ALA C 110 2.96 -6.16 -92.73
CA ALA C 110 3.77 -6.41 -91.56
C ALA C 110 2.96 -6.43 -90.28
N ASN C 111 3.57 -6.99 -89.25
CA ASN C 111 3.11 -6.84 -87.87
C ASN C 111 4.34 -6.99 -87.02
N LEU C 112 4.72 -5.95 -86.28
CA LEU C 112 5.79 -6.11 -85.30
C LEU C 112 5.61 -5.30 -84.03
N VAL C 113 6.35 -5.74 -83.02
CA VAL C 113 6.26 -5.23 -81.66
C VAL C 113 7.58 -4.57 -81.31
N ILE C 114 7.48 -3.43 -80.64
CA ILE C 114 8.63 -2.67 -80.23
C ILE C 114 8.54 -2.48 -78.73
N ASN C 115 9.65 -2.71 -78.01
CA ASN C 115 9.69 -2.50 -76.57
C ASN C 115 10.89 -1.68 -76.18
N ASP C 116 10.68 -0.75 -75.25
CA ASP C 116 11.73 0.12 -74.69
C ASP C 116 12.47 0.96 -75.71
N PHE C 117 11.77 1.39 -76.76
CA PHE C 117 12.37 2.28 -77.73
C PHE C 117 12.44 3.63 -77.09
N LEU C 118 13.64 4.19 -77.04
CA LEU C 118 13.86 5.46 -76.37
C LEU C 118 14.03 6.53 -77.42
N PHE C 119 13.20 7.56 -77.27
CA PHE C 119 13.34 8.81 -78.00
C PHE C 119 13.15 9.99 -77.05
N ARG C 120 13.85 11.09 -77.36
CA ARG C 120 13.81 12.31 -76.55
C ARG C 120 13.06 13.42 -77.29
N THR C 121 12.62 14.42 -76.53
CA THR C 121 12.00 15.60 -77.12
C THR C 121 12.51 16.85 -76.45
N PHE C 122 12.34 17.96 -77.16
CA PHE C 122 12.62 19.28 -76.62
C PHE C 122 11.88 19.46 -75.29
N ALA C 123 12.63 19.87 -74.26
CA ALA C 123 12.08 20.11 -72.93
C ALA C 123 11.80 21.61 -72.75
N PRO C 124 10.53 22.01 -72.51
CA PRO C 124 10.15 23.43 -72.38
C PRO C 124 10.23 23.93 -70.94
N LYS C 125 11.46 24.00 -70.45
CA LYS C 125 11.77 24.26 -69.02
C LYS C 125 11.36 25.65 -68.51
N GLU C 126 11.30 26.64 -69.40
CA GLU C 126 11.21 28.03 -68.98
C GLU C 126 9.81 28.59 -69.04
N PHE C 127 9.27 28.82 -67.85
CA PHE C 127 7.94 29.37 -67.64
C PHE C 127 7.89 29.89 -66.21
N ASP C 128 7.05 30.89 -65.96
CA ASP C 128 6.93 31.46 -64.63
C ASP C 128 5.51 31.95 -64.49
N PHE C 129 4.73 31.31 -63.62
CA PHE C 129 3.33 31.64 -63.51
C PHE C 129 3.01 32.69 -62.42
N SER C 130 4.04 33.31 -61.85
CA SER C 130 3.89 34.27 -60.76
C SER C 130 2.65 35.15 -60.86
N ASN C 131 2.49 35.82 -62.00
CA ASN C 131 1.31 36.67 -62.31
C ASN C 131 -0.06 36.02 -62.04
N SER C 132 -0.15 34.71 -62.27
CA SER C 132 -1.35 33.92 -61.91
C SER C 132 -1.36 33.49 -60.41
N LEU C 133 -0.16 33.29 -59.84
CA LEU C 133 0.01 32.83 -58.43
C LEU C 133 -0.24 33.88 -57.36
N VAL C 134 0.43 35.03 -57.45
CA VAL C 134 0.33 36.03 -56.40
C VAL C 134 -1.13 36.46 -56.10
N PRO C 135 -2.00 36.65 -57.11
CA PRO C 135 -3.39 36.93 -56.74
C PRO C 135 -3.99 35.97 -55.73
N ARG C 136 -3.62 34.70 -55.85
CA ARG C 136 -4.15 33.64 -54.99
C ARG C 136 -3.50 33.66 -53.62
N TYR C 137 -2.20 34.00 -53.55
CA TYR C 137 -1.55 34.39 -52.28
C TYR C 137 -2.29 35.54 -51.60
N THR C 138 -2.36 36.66 -52.31
CA THR C 138 -3.05 37.87 -51.87
C THR C 138 -4.45 37.57 -51.35
N GLN C 139 -5.22 36.85 -52.15
CA GLN C 139 -6.57 36.45 -51.76
C GLN C 139 -6.62 35.51 -50.55
N ALA C 140 -5.66 34.59 -50.47
CA ALA C 140 -5.56 33.68 -49.32
C ALA C 140 -5.19 34.40 -48.02
N PHE C 141 -4.47 35.51 -48.12
CA PHE C 141 -4.13 36.33 -46.95
C PHE C 141 -5.32 37.15 -46.44
N SER C 142 -6.05 37.83 -47.33
CA SER C 142 -7.24 38.60 -46.92
C SER C 142 -8.38 37.69 -46.44
N ALA C 143 -8.49 36.48 -47.00
CA ALA C 143 -9.50 35.48 -46.61
C ALA C 143 -9.08 34.57 -45.44
N PHE C 144 -7.88 34.80 -44.87
CA PHE C 144 -7.35 33.99 -43.75
C PHE C 144 -8.14 34.19 -42.46
N ASN C 145 -8.32 35.45 -42.08
CA ASN C 145 -9.00 35.79 -40.85
C ASN C 145 -10.42 35.27 -40.86
N ALA C 146 -11.14 35.52 -41.95
CA ALA C 146 -12.49 34.98 -42.14
C ALA C 146 -12.53 33.47 -41.91
N LYS C 147 -11.64 32.75 -42.59
CA LYS C 147 -11.65 31.29 -42.56
C LYS C 147 -11.25 30.67 -41.21
N TYR C 148 -10.26 31.24 -40.53
CA TYR C 148 -9.70 30.64 -39.30
C TYR C 148 -9.97 31.40 -38.00
N GLY C 149 -10.58 32.58 -38.09
CA GLY C 149 -10.68 33.50 -36.94
C GLY C 149 -11.40 32.90 -35.75
N THR C 150 -12.45 32.14 -36.05
CA THR C 150 -13.21 31.43 -35.04
C THR C 150 -12.42 30.23 -34.44
N MET C 151 -11.62 29.52 -35.24
CA MET C 151 -10.76 28.43 -34.69
C MET C 151 -9.65 28.97 -33.76
N ILE C 152 -9.03 30.06 -34.17
CA ILE C 152 -7.99 30.67 -33.36
C ILE C 152 -8.58 31.20 -32.07
N GLY C 153 -9.67 31.96 -32.19
CA GLY C 153 -10.37 32.57 -31.07
C GLY C 153 -10.70 31.58 -29.98
N GLU C 154 -11.28 30.44 -30.39
CA GLU C 154 -11.52 29.30 -29.50
C GLU C 154 -10.23 28.87 -28.79
N GLY C 155 -9.19 28.62 -29.59
CA GLY C 155 -7.89 28.18 -29.06
C GLY C 155 -7.25 29.16 -28.09
N LEU C 156 -7.38 30.45 -28.41
CA LEU C 156 -6.95 31.50 -27.53
C LEU C 156 -7.67 31.40 -26.17
N GLU C 157 -8.98 31.23 -26.19
CA GLU C 157 -9.75 31.16 -24.94
C GLU C 157 -9.34 29.96 -24.04
N THR C 158 -9.06 28.79 -24.64
CA THR C 158 -8.70 27.59 -23.84
C THR C 158 -7.41 27.73 -23.04
N ILE C 159 -6.40 28.40 -23.61
CA ILE C 159 -5.15 28.67 -22.87
C ILE C 159 -5.39 29.67 -21.74
N LYS C 160 -6.27 30.65 -21.96
CA LYS C 160 -6.59 31.62 -20.92
C LYS C 160 -7.31 30.94 -19.77
N TYR C 161 -8.28 30.08 -20.13
CA TYR C 161 -9.01 29.26 -19.15
C TYR C 161 -8.10 28.31 -18.34
N LEU C 162 -7.06 27.79 -19.00
CA LEU C 162 -6.01 27.03 -18.32
C LEU C 162 -5.27 27.89 -17.31
N GLY C 163 -5.00 29.14 -17.69
CA GLY C 163 -4.38 30.12 -16.79
C GLY C 163 -5.19 30.35 -15.53
N LEU C 164 -6.51 30.36 -15.67
CA LEU C 164 -7.42 30.53 -14.55
C LEU C 164 -7.38 29.31 -13.67
N LEU C 165 -7.49 28.12 -14.27
CA LEU C 165 -7.37 26.85 -13.52
C LEU C 165 -6.07 26.73 -12.71
N LEU C 166 -4.96 27.20 -13.28
CA LEU C 166 -3.68 27.19 -12.57
C LEU C 166 -3.63 28.28 -11.50
N ARG C 167 -4.31 29.41 -11.75
CA ARG C 167 -4.47 30.50 -10.76
C ARG C 167 -5.22 29.98 -9.53
N ARG C 168 -6.35 29.34 -9.79
CA ARG C 168 -7.15 28.72 -8.73
C ARG C 168 -6.43 27.59 -8.01
N LEU C 169 -5.73 26.74 -8.75
CA LEU C 169 -4.91 25.72 -8.11
C LEU C 169 -3.89 26.38 -7.17
N ARG C 170 -3.26 27.45 -7.65
CA ARG C 170 -2.27 28.21 -6.88
C ARG C 170 -2.82 28.63 -5.52
N GLU C 171 -3.97 29.31 -5.55
CA GLU C 171 -4.64 29.75 -4.32
C GLU C 171 -4.85 28.59 -3.37
N GLY C 172 -5.31 27.46 -3.91
CA GLY C 172 -5.50 26.25 -3.15
C GLY C 172 -4.22 25.79 -2.52
N TYR C 173 -3.15 25.76 -3.30
CA TYR C 173 -1.83 25.40 -2.79
C TYR C 173 -1.31 26.41 -1.77
N ARG C 174 -1.52 27.69 -2.06
CA ARG C 174 -1.17 28.78 -1.14
C ARG C 174 -1.81 28.60 0.23
N ALA C 175 -3.14 28.49 0.22
CA ALA C 175 -3.93 28.29 1.43
C ALA C 175 -3.41 27.11 2.30
N VAL C 176 -3.04 26.00 1.67
CA VAL C 176 -2.49 24.85 2.41
C VAL C 176 -1.20 25.26 3.12
N LYS C 177 -0.35 26.02 2.42
CA LYS C 177 0.97 26.38 2.95
C LYS C 177 0.88 27.29 4.17
N ARG C 178 -0.12 28.16 4.22
CA ARG C 178 -0.34 29.00 5.40
C ARG C 178 -0.96 28.22 6.56
N GLY C 179 -1.77 27.22 6.24
CA GLY C 179 -2.67 26.59 7.20
C GLY C 179 -3.97 27.38 7.39
N ASP C 180 -4.29 28.21 6.40
CA ASP C 180 -5.55 28.96 6.33
C ASP C 180 -6.57 28.03 5.69
N LEU C 181 -7.26 27.24 6.51
CA LEU C 181 -8.27 26.29 6.04
C LEU C 181 -9.47 27.00 5.43
N ARG C 182 -9.83 28.16 5.97
CA ARG C 182 -10.95 28.95 5.46
C ARG C 182 -10.77 29.40 4.01
N ALA C 183 -9.56 29.83 3.67
CA ALA C 183 -9.23 30.23 2.30
C ALA C 183 -9.23 29.03 1.35
N LEU C 184 -8.70 27.88 1.79
CA LEU C 184 -8.68 26.62 1.00
C LEU C 184 -10.08 26.23 0.56
N ARG C 185 -10.99 26.22 1.52
CA ARG C 185 -12.37 25.89 1.26
C ARG C 185 -13.06 26.89 0.30
N ARG C 186 -12.69 28.18 0.33
CA ARG C 186 -13.24 29.17 -0.62
C ARG C 186 -13.02 28.72 -2.05
N VAL C 187 -11.80 28.24 -2.31
CA VAL C 187 -11.41 27.73 -3.63
C VAL C 187 -12.26 26.52 -3.97
N ILE C 188 -12.26 25.55 -3.05
CA ILE C 188 -12.96 24.27 -3.20
C ILE C 188 -14.43 24.49 -3.47
N GLN C 189 -15.00 25.52 -2.86
CA GLN C 189 -16.42 25.83 -2.97
C GLN C 189 -16.86 26.02 -4.42
N SER C 190 -16.02 26.66 -5.24
CA SER C 190 -16.32 26.84 -6.67
C SER C 190 -16.61 25.53 -7.38
N TYR C 191 -15.89 24.47 -7.03
CA TYR C 191 -16.01 23.20 -7.74
C TYR C 191 -17.08 22.23 -7.19
N HIS C 192 -17.45 22.39 -5.93
CA HIS C 192 -18.58 21.67 -5.37
C HIS C 192 -19.87 22.47 -5.37
N ASN C 193 -19.76 23.76 -5.71
CA ASN C 193 -20.90 24.65 -5.98
C ASN C 193 -22.10 24.29 -5.11
N GLY C 194 -21.86 24.34 -3.81
CA GLY C 194 -22.81 23.87 -2.85
C GLY C 194 -22.05 23.54 -1.62
N LYS C 195 -22.75 23.01 -0.64
CA LYS C 195 -22.13 22.68 0.63
C LYS C 195 -20.93 21.77 0.40
N TRP C 196 -19.75 22.31 0.67
CA TRP C 196 -18.57 21.51 0.90
C TRP C 196 -18.27 21.79 2.35
N LYS C 197 -19.00 21.12 3.22
CA LYS C 197 -18.85 21.27 4.64
C LYS C 197 -18.60 19.87 5.12
N PRO C 198 -17.34 19.41 5.01
CA PRO C 198 -17.00 18.14 5.63
C PRO C 198 -17.49 18.07 7.07
N ALA C 199 -17.64 19.24 7.71
CA ALA C 199 -18.14 19.38 9.06
C ALA C 199 -17.13 18.70 9.99
N THR C 200 -15.85 18.84 9.65
CA THR C 200 -14.75 18.34 10.48
C THR C 200 -13.53 19.19 10.13
N ALA C 201 -12.71 19.48 11.14
CA ALA C 201 -11.41 20.12 10.95
C ALA C 201 -10.41 19.00 10.67
N GLY C 202 -9.36 19.31 9.93
CA GLY C 202 -8.33 18.31 9.73
C GLY C 202 -7.21 18.70 8.80
N ASN C 203 -6.44 17.66 8.44
CA ASN C 203 -5.35 17.75 7.49
C ASN C 203 -5.82 18.44 6.21
N LEU C 204 -5.15 19.53 5.85
CA LEU C 204 -5.54 20.32 4.68
C LEU C 204 -5.13 19.66 3.37
N TRP C 205 -4.14 18.77 3.40
CA TRP C 205 -3.79 17.97 2.22
C TRP C 205 -4.89 17.01 1.82
N LEU C 206 -5.57 16.42 2.81
CA LEU C 206 -6.73 15.56 2.54
C LEU C 206 -7.88 16.40 1.97
N GLU C 207 -8.12 17.57 2.54
CA GLU C 207 -9.15 18.46 2.02
C GLU C 207 -8.79 19.06 0.65
N PHE C 208 -7.52 19.37 0.45
CA PHE C 208 -7.01 19.88 -0.83
C PHE C 208 -7.19 18.86 -1.95
N ARG C 209 -6.77 17.63 -1.66
CA ARG C 209 -6.83 16.54 -2.62
C ARG C 209 -8.28 16.12 -2.92
N TYR C 210 -9.05 15.83 -1.89
CA TYR C 210 -10.46 15.42 -2.06
C TYR C 210 -11.30 16.54 -2.68
N GLY C 211 -11.22 17.74 -2.13
CA GLY C 211 -12.08 18.85 -2.54
C GLY C 211 -11.79 19.44 -3.90
N LEU C 212 -10.56 19.30 -4.39
CA LEU C 212 -10.21 19.80 -5.71
C LEU C 212 -10.09 18.68 -6.74
N MET C 213 -10.66 17.52 -6.44
CA MET C 213 -10.79 16.45 -7.42
C MET C 213 -11.33 16.95 -8.75
N PRO C 214 -12.43 17.70 -8.74
CA PRO C 214 -12.94 18.20 -10.01
C PRO C 214 -11.99 19.18 -10.72
N LEU C 215 -11.31 20.02 -9.95
CA LEU C 215 -10.31 20.94 -10.51
C LEU C 215 -9.20 20.14 -11.21
N PHE C 216 -8.71 19.08 -10.57
CA PHE C 216 -7.63 18.26 -11.15
C PHE C 216 -8.02 17.63 -12.49
N TYR C 217 -9.30 17.32 -12.62
CA TYR C 217 -9.87 16.73 -13.84
C TYR C 217 -10.09 17.76 -14.94
N ASP C 218 -10.59 18.94 -14.59
CA ASP C 218 -10.70 20.02 -15.56
C ASP C 218 -9.31 20.37 -16.11
N ILE C 219 -8.29 20.37 -15.25
CA ILE C 219 -6.93 20.68 -15.68
C ILE C 219 -6.49 19.69 -16.72
N ARG C 220 -6.54 18.40 -16.37
CA ARG C 220 -6.24 17.36 -17.34
C ARG C 220 -7.02 17.59 -18.64
N ASP C 221 -8.33 17.78 -18.55
CA ASP C 221 -9.17 17.95 -19.76
C ASP C 221 -8.80 19.18 -20.60
N VAL C 222 -8.49 20.30 -19.94
CA VAL C 222 -8.11 21.53 -20.62
C VAL C 222 -6.69 21.47 -21.14
N MET C 223 -5.78 20.94 -20.35
CA MET C 223 -4.41 20.79 -20.80
C MET C 223 -4.33 19.99 -22.10
N LEU C 224 -4.95 18.81 -22.12
CA LEU C 224 -4.92 17.93 -23.29
C LEU C 224 -5.67 18.55 -24.45
N ASP C 225 -6.78 19.22 -24.15
CA ASP C 225 -7.51 19.97 -25.15
C ASP C 225 -6.60 21.03 -25.77
N TRP C 226 -5.95 21.85 -24.93
CA TRP C 226 -5.11 22.95 -25.41
C TRP C 226 -3.99 22.49 -26.35
N GLN C 227 -3.31 21.41 -26.00
CA GLN C 227 -2.25 20.91 -26.87
C GLN C 227 -2.80 20.55 -28.25
N ASN C 228 -3.96 19.90 -28.30
CA ASN C 228 -4.59 19.59 -29.59
C ASN C 228 -4.96 20.84 -30.36
N ARG C 229 -5.47 21.86 -29.66
CA ARG C 229 -5.76 23.14 -30.30
C ARG C 229 -4.49 23.87 -30.72
N HIS C 230 -3.46 23.79 -29.88
CA HIS C 230 -2.13 24.36 -30.17
C HIS C 230 -1.49 23.77 -31.42
N ASP C 231 -1.36 22.45 -31.45
CA ASP C 231 -0.78 21.77 -32.62
C ASP C 231 -1.49 22.13 -33.93
N LYS C 232 -2.83 22.21 -33.91
CA LYS C 232 -3.62 22.57 -35.11
C LYS C 232 -3.28 23.95 -35.59
N ILE C 233 -3.19 24.88 -34.65
CA ILE C 233 -2.89 26.26 -34.97
C ILE C 233 -1.48 26.45 -35.57
N GLN C 234 -0.50 25.68 -35.09
CA GLN C 234 0.85 25.73 -35.66
C GLN C 234 0.90 25.38 -37.15
N ARG C 235 -0.01 24.51 -37.59
CA ARG C 235 -0.06 24.09 -39.00
C ARG C 235 -0.54 25.21 -39.91
N LEU C 236 -1.14 26.27 -39.35
CA LEU C 236 -1.56 27.46 -40.13
C LEU C 236 -0.41 28.33 -40.59
N LEU C 237 0.73 28.21 -39.92
CA LEU C 237 1.87 29.03 -40.23
C LEU C 237 2.37 28.80 -41.66
N ARG C 238 2.42 27.56 -42.14
CA ARG C 238 2.74 27.31 -43.56
C ARG C 238 1.67 27.92 -44.50
N PHE C 239 2.10 28.32 -45.69
CA PHE C 239 1.22 28.76 -46.78
C PHE C 239 1.76 28.21 -48.09
N SER C 240 0.86 27.79 -48.98
CA SER C 240 1.25 27.17 -50.25
C SER C 240 0.23 27.49 -51.33
N VAL C 241 0.72 27.99 -52.46
CA VAL C 241 -0.11 28.49 -53.54
C VAL C 241 0.52 28.05 -54.85
N GLY C 242 -0.27 27.53 -55.77
CA GLY C 242 0.26 27.03 -57.05
C GLY C 242 -0.68 27.19 -58.23
N HIS C 243 -0.22 26.72 -59.38
CA HIS C 243 -0.96 26.81 -60.64
C HIS C 243 -0.25 26.00 -61.70
N GLY C 244 -1.04 25.28 -62.48
CA GLY C 244 -0.53 24.46 -63.58
C GLY C 244 -1.43 24.51 -64.79
N GLU C 245 -0.82 24.56 -65.98
CA GLU C 245 -1.53 24.56 -67.23
C GLU C 245 -0.90 23.54 -68.18
N ASP C 246 -1.67 23.11 -69.17
CA ASP C 246 -1.19 22.17 -70.17
C ASP C 246 -0.20 22.82 -71.13
N TYR C 247 0.64 21.99 -71.72
CA TYR C 247 1.55 22.40 -72.77
C TYR C 247 1.77 21.16 -73.58
N VAL C 248 1.90 21.33 -74.90
CA VAL C 248 1.96 20.18 -75.82
C VAL C 248 3.22 20.22 -76.68
N VAL C 249 3.96 19.11 -76.70
CA VAL C 249 5.18 18.98 -77.44
C VAL C 249 4.90 18.05 -78.61
N GLU C 250 5.24 18.49 -79.82
CA GLU C 250 5.22 17.62 -80.99
C GLU C 250 6.41 16.69 -80.93
N PHE C 251 6.21 15.47 -81.37
CA PHE C 251 7.31 14.56 -81.63
C PHE C 251 7.06 13.98 -83.02
N ASP C 252 8.15 13.71 -83.73
CA ASP C 252 8.05 13.34 -85.12
C ASP C 252 9.33 12.66 -85.61
N ASN C 253 9.22 11.96 -86.73
CA ASN C 253 10.36 11.50 -87.52
C ASN C 253 11.21 10.48 -86.80
N LEU C 254 10.56 9.50 -86.18
CA LEU C 254 11.29 8.42 -85.55
C LEU C 254 10.96 7.09 -86.23
N TYR C 255 12.00 6.29 -86.46
CA TYR C 255 11.95 5.07 -87.27
C TYR C 255 12.54 3.89 -86.48
N PRO C 256 11.77 3.28 -85.57
CA PRO C 256 12.28 2.13 -84.79
C PRO C 256 12.61 0.94 -85.68
N ALA C 257 11.69 0.63 -86.58
CA ALA C 257 11.96 -0.26 -87.71
C ALA C 257 12.62 0.65 -88.71
N VAL C 258 13.81 0.24 -89.15
CA VAL C 258 14.76 1.22 -89.65
C VAL C 258 14.24 1.98 -90.86
N ALA C 259 13.65 1.27 -91.82
CA ALA C 259 13.19 1.87 -93.09
C ALA C 259 11.67 1.92 -93.27
N TYR C 260 10.96 1.01 -92.64
CA TYR C 260 9.63 0.64 -93.10
C TYR C 260 8.51 1.63 -92.77
N PHE C 261 8.64 2.39 -91.68
CA PHE C 261 7.62 3.40 -91.33
C PHE C 261 8.12 4.47 -90.38
N LYS C 262 7.39 5.58 -90.38
CA LYS C 262 7.65 6.74 -89.55
C LYS C 262 6.50 6.84 -88.57
N LEU C 263 6.83 7.14 -87.31
CA LEU C 263 5.83 7.40 -86.26
C LEU C 263 5.87 8.88 -85.87
N LYS C 264 4.73 9.37 -85.39
CA LYS C 264 4.46 10.79 -85.26
C LYS C 264 3.51 11.02 -84.10
N GLY C 265 3.41 12.25 -83.62
CA GLY C 265 2.30 12.62 -82.73
C GLY C 265 2.54 13.80 -81.83
N GLU C 266 1.82 13.80 -80.71
CA GLU C 266 1.83 14.90 -79.75
C GLU C 266 1.78 14.36 -78.34
N ILE C 267 2.72 14.80 -77.50
CA ILE C 267 2.69 14.50 -76.06
C ILE C 267 2.08 15.69 -75.31
N THR C 268 1.04 15.42 -74.54
CA THR C 268 0.42 16.43 -73.69
C THR C 268 1.11 16.39 -72.34
N LEU C 269 1.76 17.50 -71.99
CA LEU C 269 2.40 17.67 -70.70
C LEU C 269 1.59 18.62 -69.82
N GLU C 270 1.89 18.57 -68.52
CA GLU C 270 1.40 19.52 -67.53
C GLU C 270 2.63 20.26 -67.03
N ARG C 271 2.52 21.59 -66.98
CA ARG C 271 3.57 22.44 -66.46
C ARG C 271 3.05 23.11 -65.23
N ARG C 272 3.58 22.72 -64.07
CA ARG C 272 3.07 23.19 -62.79
C ARG C 272 4.12 24.03 -62.07
N HIS C 273 3.66 25.13 -61.49
CA HIS C 273 4.47 26.05 -60.72
C HIS C 273 3.79 26.22 -59.39
N ARG C 274 4.48 25.88 -58.30
CA ARG C 274 3.93 26.05 -56.96
C ARG C 274 4.95 26.77 -56.10
N HIS C 275 4.45 27.69 -55.28
CA HIS C 275 5.26 28.48 -54.36
C HIS C 275 4.68 28.37 -52.96
N GLY C 276 5.54 28.42 -51.96
CA GLY C 276 5.11 28.27 -50.57
C GLY C 276 6.05 28.96 -49.61
N ILE C 277 5.54 29.29 -48.43
CA ILE C 277 6.30 29.96 -47.38
C ILE C 277 5.90 29.43 -46.00
N SER C 278 6.77 29.64 -45.03
CA SER C 278 6.55 29.18 -43.64
C SER C 278 6.86 30.31 -42.65
N TYR C 279 5.93 30.56 -41.73
CA TYR C 279 6.19 31.46 -40.63
C TYR C 279 6.75 30.67 -39.47
N ALA C 280 7.57 31.33 -38.67
CA ALA C 280 8.13 30.75 -37.46
C ALA C 280 8.79 31.84 -36.60
N ASN C 281 9.33 31.42 -35.45
CA ASN C 281 10.05 32.33 -34.59
C ASN C 281 11.37 32.70 -35.23
N ARG C 282 11.46 33.98 -35.56
CA ARG C 282 12.50 34.51 -36.45
C ARG C 282 13.93 34.27 -35.97
N GLU C 283 14.19 34.35 -34.67
CA GLU C 283 15.58 34.43 -34.23
C GLU C 283 16.30 33.10 -34.25
N GLY C 284 15.80 32.12 -33.52
CA GLY C 284 16.55 30.88 -33.26
C GLY C 284 16.72 29.83 -34.36
N TYR C 285 15.82 29.84 -35.36
CA TYR C 285 15.56 28.68 -36.23
C TYR C 285 16.79 27.97 -36.81
N ALA C 286 17.75 28.77 -37.24
CA ALA C 286 18.97 28.24 -37.82
C ALA C 286 19.63 27.20 -36.90
N VAL C 287 19.66 27.50 -35.60
CA VAL C 287 20.42 26.74 -34.59
C VAL C 287 19.53 25.95 -33.64
N PHE C 288 18.32 25.61 -34.07
CA PHE C 288 17.39 24.91 -33.19
C PHE C 288 17.86 23.49 -32.85
N ASP C 289 17.95 23.22 -31.55
CA ASP C 289 18.35 21.92 -30.99
C ASP C 289 17.12 21.08 -30.69
N ASN C 290 17.06 19.89 -31.28
CA ASN C 290 15.95 18.95 -31.08
C ASN C 290 16.26 17.95 -29.96
N GLY C 291 17.53 17.74 -29.64
CA GLY C 291 17.90 16.94 -28.48
C GLY C 291 17.28 17.48 -27.21
N SER C 292 17.27 18.80 -27.08
CA SER C 292 16.77 19.47 -25.89
C SER C 292 15.28 19.29 -25.67
N LEU C 293 14.48 19.50 -26.72
CA LEU C 293 13.00 19.55 -26.55
C LEU C 293 12.44 18.31 -25.87
N ARG C 294 11.40 18.53 -25.08
CA ARG C 294 10.75 17.48 -24.31
C ARG C 294 9.74 16.79 -25.23
N PRO C 295 9.57 15.45 -25.05
CA PRO C 295 8.59 14.73 -25.85
C PRO C 295 7.16 15.17 -25.55
N VAL C 296 6.24 14.84 -26.46
CA VAL C 296 4.82 15.11 -26.26
C VAL C 296 4.32 14.36 -25.02
N SER C 297 4.86 13.14 -24.83
CA SER C 297 4.51 12.30 -23.68
C SER C 297 4.58 13.08 -22.36
N ASP C 298 5.66 13.82 -22.15
CA ASP C 298 5.87 14.60 -20.92
C ASP C 298 4.69 15.48 -20.55
N TRP C 299 4.13 16.19 -21.51
CA TRP C 299 2.99 17.08 -21.22
C TRP C 299 1.73 16.29 -20.80
N LYS C 300 1.46 15.18 -21.48
CA LYS C 300 0.33 14.31 -21.12
C LYS C 300 0.50 13.70 -19.73
N GLU C 301 1.71 13.25 -19.42
CA GLU C 301 2.03 12.72 -18.08
C GLU C 301 1.79 13.75 -16.98
N LEU C 302 2.04 15.03 -17.25
CA LEU C 302 1.75 16.09 -16.28
C LEU C 302 0.25 16.31 -16.07
N ALA C 303 -0.54 16.16 -17.11
CA ALA C 303 -2.01 16.31 -17.00
C ALA C 303 -2.63 15.42 -15.92
N THR C 304 -2.16 14.17 -15.97
CA THR C 304 -2.71 13.10 -15.18
C THR C 304 -1.93 12.83 -13.89
N ALA C 305 -1.10 13.78 -13.47
CA ALA C 305 -0.24 13.54 -12.31
C ALA C 305 -1.04 13.63 -11.03
N PHE C 306 -1.95 14.60 -10.98
CA PHE C 306 -2.78 14.83 -9.80
C PHE C 306 -3.85 13.78 -9.63
N ILE C 307 -4.51 13.45 -10.73
CA ILE C 307 -5.51 12.39 -10.74
C ILE C 307 -4.93 10.98 -10.53
N ASN C 308 -3.61 10.83 -10.57
CA ASN C 308 -2.96 9.54 -10.34
C ASN C 308 -3.16 9.05 -8.91
N PRO C 309 -3.78 7.87 -8.72
CA PRO C 309 -4.03 7.31 -7.39
C PRO C 309 -2.85 6.52 -6.80
N HIS C 310 -1.89 6.15 -7.64
CA HIS C 310 -0.76 5.34 -7.23
C HIS C 310 0.43 6.19 -6.71
N GLU C 311 0.23 7.50 -6.50
CA GLU C 311 1.33 8.48 -6.41
C GLU C 311 2.22 8.27 -5.20
N VAL C 312 1.60 8.20 -4.02
CA VAL C 312 2.32 7.91 -2.75
C VAL C 312 3.47 8.91 -2.45
N ALA C 313 3.38 10.10 -3.05
CA ALA C 313 4.14 11.27 -2.64
C ALA C 313 3.22 12.34 -2.09
N TRP C 314 1.90 12.11 -2.11
CA TRP C 314 0.97 13.00 -1.45
C TRP C 314 1.22 13.01 0.06
N GLU C 315 1.13 11.84 0.68
CA GLU C 315 1.28 11.75 2.13
C GLU C 315 2.75 11.71 2.54
N LEU C 316 3.66 11.68 1.58
CA LEU C 316 5.10 11.65 1.84
C LEU C 316 5.79 13.01 1.57
N THR C 317 5.68 13.54 0.35
CA THR C 317 6.38 14.78 -0.06
C THR C 317 5.45 15.77 -0.77
N PRO C 318 4.36 16.16 -0.11
CA PRO C 318 3.29 16.89 -0.82
C PRO C 318 3.72 18.25 -1.34
N TYR C 319 4.57 18.94 -0.59
CA TYR C 319 4.98 20.28 -0.95
C TYR C 319 5.83 20.31 -2.21
N SER C 320 6.84 19.45 -2.24
CA SER C 320 7.72 19.34 -3.40
C SER C 320 6.97 18.88 -4.67
N PHE C 321 6.08 17.91 -4.50
CA PHE C 321 5.29 17.34 -5.59
C PHE C 321 4.57 18.40 -6.41
N VAL C 322 3.80 19.28 -5.77
CA VAL C 322 3.03 20.32 -6.51
C VAL C 322 3.87 21.44 -7.08
N VAL C 323 4.98 21.76 -6.45
CA VAL C 323 5.89 22.78 -6.95
C VAL C 323 6.59 22.25 -8.21
N ASP C 324 7.26 21.11 -8.10
CA ASP C 324 7.86 20.42 -9.25
C ASP C 324 6.92 20.40 -10.43
N TRP C 325 5.68 19.96 -10.16
CA TRP C 325 4.62 19.94 -11.15
C TRP C 325 4.51 21.32 -11.82
N PHE C 326 4.21 22.34 -11.03
CA PHE C 326 4.07 23.70 -11.55
C PHE C 326 5.29 24.13 -12.40
N LEU C 327 6.49 23.81 -11.93
CA LEU C 327 7.70 24.26 -12.61
C LEU C 327 7.93 23.52 -13.90
N ASN C 328 7.62 22.23 -13.92
CA ASN C 328 7.59 21.45 -15.16
C ASN C 328 6.54 21.97 -16.15
N VAL C 329 5.33 22.26 -15.67
CA VAL C 329 4.24 22.77 -16.54
C VAL C 329 4.61 24.12 -17.11
N GLY C 330 5.09 25.01 -16.25
CA GLY C 330 5.59 26.31 -16.67
C GLY C 330 6.64 26.15 -17.74
N ASP C 331 7.66 25.37 -17.43
CA ASP C 331 8.76 25.07 -18.34
C ASP C 331 8.27 24.74 -19.75
N ILE C 332 7.27 23.86 -19.84
CA ILE C 332 6.72 23.46 -21.15
C ILE C 332 5.97 24.60 -21.87
N LEU C 333 5.18 25.37 -21.11
CA LEU C 333 4.44 26.50 -21.67
C LEU C 333 5.34 27.61 -22.24
N ALA C 334 6.55 27.72 -21.70
CA ALA C 334 7.56 28.61 -22.27
C ALA C 334 7.99 28.09 -23.62
N GLN C 335 8.34 26.80 -23.70
CA GLN C 335 8.62 26.15 -24.98
C GLN C 335 7.53 26.47 -26.02
N GLN C 336 6.26 26.38 -25.61
CA GLN C 336 5.12 26.67 -26.50
C GLN C 336 5.03 28.15 -26.82
N GLY C 337 5.34 28.99 -25.82
CA GLY C 337 5.39 30.44 -25.99
C GLY C 337 6.33 30.90 -27.09
N GLN C 338 7.51 30.30 -27.16
CA GLN C 338 8.51 30.59 -28.20
C GLN C 338 7.86 30.59 -29.61
N LEU C 339 6.96 29.66 -29.86
CA LEU C 339 6.38 29.48 -31.20
C LEU C 339 5.41 30.57 -31.62
N TYR C 340 4.96 31.39 -30.69
CA TYR C 340 4.13 32.54 -31.02
C TYR C 340 4.88 33.85 -30.96
N HIS C 341 6.18 33.80 -30.72
CA HIS C 341 6.90 34.96 -30.23
C HIS C 341 7.24 35.97 -31.35
N ASN C 342 8.09 35.62 -32.32
CA ASN C 342 8.52 36.57 -33.37
C ASN C 342 8.17 36.04 -34.72
N ILE C 343 6.88 36.04 -35.00
CA ILE C 343 6.38 35.40 -36.20
C ILE C 343 6.88 36.20 -37.39
N ASP C 344 7.52 35.52 -38.32
CA ASP C 344 7.99 36.13 -39.56
C ASP C 344 8.24 35.01 -40.55
N ILE C 345 8.36 35.36 -41.83
CA ILE C 345 8.68 34.39 -42.88
C ILE C 345 10.12 33.97 -42.70
N VAL C 346 10.37 32.67 -42.50
CA VAL C 346 11.73 32.18 -42.34
C VAL C 346 12.24 31.33 -43.50
N ASP C 347 11.32 30.66 -44.19
CA ASP C 347 11.63 29.73 -45.25
C ASP C 347 10.64 29.93 -46.37
N GLY C 348 11.05 29.59 -47.58
CA GLY C 348 10.16 29.62 -48.72
C GLY C 348 10.72 28.78 -49.84
N PHE C 349 9.85 28.41 -50.77
CA PHE C 349 10.29 27.70 -51.97
C PHE C 349 9.54 28.13 -53.21
N ASP C 350 10.19 27.90 -54.35
CA ASP C 350 9.60 28.10 -55.68
C ASP C 350 9.91 26.82 -56.46
N ARG C 351 8.85 26.13 -56.89
CA ARG C 351 8.95 24.79 -57.48
C ARG C 351 8.21 24.68 -58.81
N ARG C 352 8.92 24.18 -59.83
CA ARG C 352 8.40 24.09 -61.18
C ARG C 352 8.53 22.66 -61.71
N ASP C 353 7.40 22.10 -62.15
CA ASP C 353 7.26 20.72 -62.58
C ASP C 353 7.16 20.60 -64.07
N ILE C 354 7.34 19.37 -64.54
CA ILE C 354 6.79 18.90 -65.82
C ILE C 354 6.32 17.46 -65.62
N ARG C 355 5.05 17.17 -65.93
CA ARG C 355 4.48 15.83 -65.80
C ARG C 355 3.80 15.44 -67.11
N LEU C 356 3.71 14.14 -67.37
CA LEU C 356 3.11 13.61 -68.59
C LEU C 356 1.62 13.33 -68.38
N LYS C 357 0.72 14.10 -69.02
CA LYS C 357 -0.73 13.81 -68.93
C LYS C 357 -1.04 12.62 -69.85
N SER C 358 -0.89 12.83 -71.16
CA SER C 358 -1.34 11.86 -72.16
C SER C 358 -0.60 12.05 -73.47
N PHE C 359 -0.90 11.20 -74.45
CA PHE C 359 -0.26 11.30 -75.76
C PHE C 359 -1.10 10.76 -76.92
N THR C 360 -0.85 11.33 -78.10
CA THR C 360 -1.44 10.96 -79.38
C THR C 360 -0.33 10.28 -80.15
N ILE C 361 -0.64 9.22 -80.88
CA ILE C 361 0.34 8.66 -81.81
C ILE C 361 -0.33 8.25 -83.12
N LYS C 362 0.44 8.36 -84.19
CA LYS C 362 0.04 7.95 -85.54
C LYS C 362 1.28 7.40 -86.17
N GLY C 363 1.10 6.45 -87.07
CA GLY C 363 2.21 5.93 -87.89
C GLY C 363 1.85 6.08 -89.35
N GLU C 364 2.87 6.15 -90.20
CA GLU C 364 2.63 6.09 -91.64
C GLU C 364 3.79 5.50 -92.43
N ARG C 365 3.42 4.79 -93.48
CA ARG C 365 4.34 4.15 -94.40
C ARG C 365 4.01 4.62 -95.81
N ASN C 366 4.90 5.41 -96.41
CA ASN C 366 4.75 5.89 -97.79
C ASN C 366 3.46 6.66 -97.99
N GLY C 367 3.24 7.68 -97.16
CA GLY C 367 2.05 8.51 -97.25
C GLY C 367 0.72 7.82 -96.91
N ARG C 368 0.78 6.56 -96.48
CA ARG C 368 -0.41 5.76 -96.22
C ARG C 368 -0.46 5.45 -94.74
N PRO C 369 -1.55 5.82 -94.06
CA PRO C 369 -1.75 5.43 -92.67
C PRO C 369 -1.48 3.96 -92.38
N VAL C 370 -0.95 3.72 -91.19
CA VAL C 370 -0.56 2.41 -90.72
C VAL C 370 -1.04 2.26 -89.27
N ASN C 371 -1.33 1.04 -88.79
CA ASN C 371 -1.90 0.89 -87.43
C ASN C 371 -0.83 0.87 -86.33
N VAL C 372 -1.06 1.68 -85.30
CA VAL C 372 -0.13 1.83 -84.17
C VAL C 372 -0.89 1.82 -82.83
N SER C 373 -0.73 0.74 -82.06
CA SER C 373 -1.24 0.63 -80.67
C SER C 373 -0.03 0.58 -79.75
N ALA C 374 0.12 1.59 -78.88
CA ALA C 374 1.36 1.78 -78.14
C ALA C 374 1.22 2.40 -76.74
N SER C 375 2.16 2.03 -75.86
CA SER C 375 2.24 2.51 -74.49
C SER C 375 3.50 3.33 -74.36
N LEU C 376 3.37 4.48 -73.71
CA LEU C 376 4.44 5.43 -73.56
C LEU C 376 4.61 5.78 -72.09
N SER C 377 5.81 5.60 -71.56
CA SER C 377 6.14 6.06 -70.20
C SER C 377 7.26 7.11 -70.23
N ALA C 378 7.33 7.94 -69.20
CA ALA C 378 8.34 9.02 -69.14
C ALA C 378 9.62 8.59 -68.36
N VAL C 379 10.79 8.78 -68.98
CA VAL C 379 12.10 8.49 -68.36
C VAL C 379 12.63 9.74 -67.62
N ASP C 380 12.75 10.85 -68.35
CA ASP C 380 13.28 12.11 -67.81
C ASP C 380 12.29 13.23 -67.95
N LEU C 381 11.96 13.86 -66.84
CA LEU C 381 11.14 15.04 -66.89
C LEU C 381 11.92 16.15 -66.21
N PHE C 382 11.25 17.14 -65.63
CA PHE C 382 11.91 18.34 -65.13
C PHE C 382 11.39 18.79 -63.77
N TYR C 383 12.28 18.81 -62.78
CA TYR C 383 11.96 19.27 -61.43
C TYR C 383 12.96 20.33 -60.99
N SER C 384 12.47 21.53 -60.68
CA SER C 384 13.32 22.56 -60.09
C SER C 384 12.60 23.18 -58.92
N ARG C 385 13.06 22.86 -57.73
CA ARG C 385 12.60 23.51 -56.52
C ARG C 385 13.76 24.30 -55.93
N LEU C 386 13.58 25.61 -55.77
CA LEU C 386 14.62 26.49 -55.27
C LEU C 386 14.13 27.15 -54.02
N HIS C 387 15.00 27.19 -53.00
CA HIS C 387 14.72 27.95 -51.80
C HIS C 387 14.77 29.39 -52.21
N THR C 388 13.67 30.10 -51.99
CA THR C 388 13.64 31.52 -52.21
C THR C 388 13.09 32.09 -50.96
N SER C 389 13.76 33.13 -50.47
CA SER C 389 13.21 33.97 -49.40
C SER C 389 13.34 35.44 -49.85
N ASN C 390 12.32 35.87 -50.60
CA ASN C 390 12.07 37.27 -50.91
C ASN C 390 10.59 37.53 -50.90
N LEU C 391 10.25 38.79 -50.68
CA LEU C 391 8.89 39.22 -50.45
C LEU C 391 8.55 40.24 -51.54
N PRO C 392 8.47 39.79 -52.83
CA PRO C 392 8.04 40.66 -53.95
C PRO C 392 6.58 41.10 -53.86
N PHE C 393 5.81 40.41 -53.01
CA PHE C 393 4.42 40.72 -52.72
C PHE C 393 4.23 40.97 -51.24
N ALA C 394 3.21 41.77 -50.91
CA ALA C 394 2.84 41.99 -49.51
C ALA C 394 2.53 40.66 -48.85
N THR C 395 3.18 40.44 -47.72
CA THR C 395 3.03 39.23 -46.96
C THR C 395 2.22 39.59 -45.73
N LEU C 396 1.38 38.68 -45.28
CA LEU C 396 0.50 38.91 -44.12
C LEU C 396 1.29 38.97 -42.81
N ASP C 397 0.90 39.89 -41.92
CA ASP C 397 1.61 40.09 -40.65
C ASP C 397 0.96 39.29 -39.53
N LEU C 398 1.44 38.07 -39.33
CA LEU C 398 0.94 37.19 -38.27
C LEU C 398 1.57 37.47 -36.91
N ASP C 399 2.68 38.23 -36.86
CA ASP C 399 3.30 38.60 -35.58
C ASP C 399 2.31 39.27 -34.65
N THR C 400 1.49 40.15 -35.23
CA THR C 400 0.50 40.88 -34.45
C THR C 400 -0.71 40.00 -34.09
N THR C 401 -1.17 39.15 -35.01
CA THR C 401 -2.32 38.25 -34.74
C THR C 401 -2.05 37.31 -33.56
N PHE C 402 -0.90 36.66 -33.59
CA PHE C 402 -0.50 35.68 -32.58
C PHE C 402 0.20 36.29 -31.37
N SER C 403 0.53 37.58 -31.39
CA SER C 403 1.23 38.21 -30.26
C SER C 403 0.48 37.99 -28.95
N SER C 404 -0.86 38.07 -28.97
CA SER C 404 -1.67 37.82 -27.76
C SER C 404 -1.32 36.51 -27.05
N PHE C 405 -1.01 35.48 -27.84
CA PHE C 405 -0.66 34.17 -27.31
C PHE C 405 0.63 34.23 -26.49
N LYS C 406 1.68 34.92 -26.98
CA LYS C 406 2.93 35.06 -26.17
C LYS C 406 2.66 35.87 -24.91
N HIS C 407 1.84 36.93 -24.99
CA HIS C 407 1.52 37.76 -23.81
C HIS C 407 0.85 36.89 -22.75
N VAL C 408 -0.12 36.08 -23.20
CA VAL C 408 -0.84 35.17 -22.30
C VAL C 408 0.11 34.12 -21.73
N LEU C 409 0.74 33.35 -22.60
CA LEU C 409 1.65 32.30 -22.15
C LEU C 409 2.75 32.86 -21.25
N ASP C 410 3.30 34.03 -21.61
CA ASP C 410 4.34 34.66 -20.80
C ASP C 410 3.84 34.93 -19.37
N SER C 411 2.59 35.37 -19.22
CA SER C 411 2.03 35.64 -17.87
C SER C 411 1.77 34.33 -17.08
N ILE C 412 1.34 33.29 -17.79
CA ILE C 412 1.12 31.98 -17.16
C ILE C 412 2.44 31.38 -16.73
N PHE C 413 3.48 31.51 -17.56
CA PHE C 413 4.80 31.02 -17.19
C PHE C 413 5.20 31.62 -15.86
N LEU C 414 5.11 32.94 -15.77
CA LEU C 414 5.52 33.66 -14.57
C LEU C 414 4.77 33.14 -13.36
N LEU C 415 3.46 32.97 -13.52
CA LEU C 415 2.61 32.37 -12.50
C LEU C 415 3.19 31.10 -11.88
N THR C 416 3.68 30.22 -12.74
CA THR C 416 4.23 28.93 -12.32
C THR C 416 5.52 29.06 -11.53
N GLN C 417 6.29 30.12 -11.78
CA GLN C 417 7.54 30.36 -11.04
C GLN C 417 7.23 30.85 -9.64
N ARG C 418 6.12 31.54 -9.47
CA ARG C 418 5.75 32.18 -8.19
C ARG C 418 4.96 31.23 -7.26
N VAL C 419 5.59 30.09 -6.93
CA VAL C 419 5.09 29.12 -5.95
C VAL C 419 6.34 28.46 -5.37
N LYS C 420 6.45 28.31 -4.05
CA LYS C 420 7.66 27.70 -3.44
C LYS C 420 7.40 26.75 -2.24
N ARG C 421 8.43 26.01 -1.83
CA ARG C 421 8.29 24.85 -0.88
C ARG C 421 8.23 25.23 0.61
N PRO D 3 28.15 38.12 30.79
CA PRO D 3 27.49 38.20 29.49
C PRO D 3 26.00 37.80 29.57
N LYS D 4 25.49 37.13 28.53
CA LYS D 4 24.18 36.54 28.54
C LYS D 4 24.17 35.25 29.35
N LEU D 5 25.34 34.69 29.65
CA LEU D 5 25.40 33.35 30.24
C LEU D 5 25.54 33.28 31.77
N PRO D 6 25.15 32.12 32.36
CA PRO D 6 25.40 31.74 33.75
C PRO D 6 26.84 31.88 34.13
N ARG D 7 27.14 31.67 35.40
CA ARG D 7 28.46 31.98 35.89
C ARG D 7 29.54 31.11 35.24
N GLY D 8 29.34 29.79 35.21
CA GLY D 8 30.41 28.87 34.79
C GLY D 8 30.71 28.74 33.30
N LEU D 9 29.85 29.30 32.45
CA LEU D 9 29.88 29.05 31.02
C LEU D 9 30.46 30.22 30.24
N ARG D 10 30.80 29.94 28.98
CA ARG D 10 31.30 30.93 28.01
C ARG D 10 30.87 30.56 26.59
N PHE D 11 30.73 31.58 25.74
CA PHE D 11 30.47 31.37 24.32
C PHE D 11 31.77 31.09 23.58
N GLY D 12 31.82 29.97 22.88
CA GLY D 12 32.93 29.66 21.97
C GLY D 12 32.85 30.48 20.70
N ALA D 13 33.92 30.44 19.90
CA ALA D 13 33.90 30.99 18.54
C ALA D 13 33.02 30.07 17.71
N ASP D 14 32.01 30.65 17.04
CA ASP D 14 30.90 29.92 16.38
C ASP D 14 29.71 29.60 17.35
N ASN D 15 29.72 30.21 18.55
CA ASN D 15 28.62 30.22 19.54
C ASN D 15 28.15 28.87 20.12
N GLU D 16 29.11 27.98 20.32
CA GLU D 16 28.85 26.75 21.08
C GLU D 16 28.87 27.14 22.55
N ILE D 17 28.07 26.47 23.36
CA ILE D 17 28.05 26.74 24.80
C ILE D 17 29.10 25.84 25.45
N LEU D 18 30.14 26.46 26.02
CA LEU D 18 31.30 25.76 26.57
C LEU D 18 31.61 26.21 27.99
N ASN D 19 32.49 25.48 28.67
CA ASN D 19 32.92 25.85 30.02
C ASN D 19 33.98 26.95 30.04
N ASP D 20 33.84 27.86 31.01
CA ASP D 20 34.83 28.94 31.30
C ASP D 20 35.81 28.42 32.35
N PHE D 21 36.94 27.87 31.91
CA PHE D 21 37.77 27.08 32.81
C PHE D 21 38.46 27.89 33.89
N GLN D 22 38.67 29.18 33.63
CA GLN D 22 39.13 30.13 34.64
C GLN D 22 38.13 30.24 35.78
N GLU D 23 36.88 30.52 35.43
CA GLU D 23 35.79 30.66 36.40
C GLU D 23 35.54 29.38 37.21
N LEU D 24 35.62 28.22 36.55
CA LEU D 24 35.38 26.92 37.20
C LEU D 24 36.48 26.52 38.15
N TRP D 25 37.73 26.78 37.76
CA TRP D 25 38.89 26.29 38.52
C TRP D 25 39.61 27.34 39.38
N PHE D 26 39.71 28.57 38.88
CA PHE D 26 40.40 29.63 39.59
C PHE D 26 39.44 30.81 39.75
N PRO D 27 38.49 30.69 40.69
CA PRO D 27 37.55 31.76 40.92
C PRO D 27 38.10 32.80 41.89
N ASP D 28 37.54 34.01 41.80
CA ASP D 28 37.75 35.05 42.79
C ASP D 28 36.83 34.67 43.96
N LEU D 29 37.41 34.50 45.14
CA LEU D 29 36.65 34.15 46.34
C LEU D 29 36.02 35.41 46.91
N PHE D 30 35.06 35.26 47.81
CA PHE D 30 34.53 36.41 48.55
C PHE D 30 34.42 36.05 50.02
N ILE D 31 34.08 37.04 50.83
CA ILE D 31 33.91 36.86 52.26
C ILE D 31 32.48 37.18 52.62
N GLU D 32 31.81 36.22 53.26
CA GLU D 32 30.49 36.42 53.80
C GLU D 32 30.58 36.51 55.31
N SER D 33 29.79 37.43 55.88
CA SER D 33 29.71 37.62 57.31
C SER D 33 28.28 37.61 57.88
N SER D 34 27.28 37.33 57.05
CA SER D 34 25.89 37.35 57.49
C SER D 34 25.72 36.44 58.67
N ASP D 35 25.20 37.00 59.77
CA ASP D 35 24.96 36.24 60.99
C ASP D 35 23.73 35.41 60.74
N THR D 36 23.96 34.16 60.37
CA THR D 36 22.89 33.22 60.01
C THR D 36 21.91 33.03 61.18
N HIS D 37 22.39 33.04 62.43
CA HIS D 37 21.54 32.88 63.63
C HIS D 37 21.81 33.95 64.66
N PRO D 38 21.15 35.10 64.50
CA PRO D 38 21.50 36.21 65.38
C PRO D 38 20.93 36.15 66.79
N TRP D 39 20.04 35.21 67.10
CA TRP D 39 19.44 35.17 68.43
C TRP D 39 19.38 33.76 68.99
N TYR D 40 19.24 33.67 70.30
CA TYR D 40 18.97 32.43 71.00
C TYR D 40 18.05 32.71 72.17
N THR D 41 17.44 31.66 72.71
CA THR D 41 16.42 31.86 73.73
C THR D 41 16.85 31.21 75.03
N LEU D 42 16.40 31.82 76.13
CA LEU D 42 16.45 31.21 77.45
C LEU D 42 15.03 31.18 77.98
N LYS D 43 14.49 29.98 78.15
CA LYS D 43 13.19 29.79 78.76
C LYS D 43 13.30 28.81 79.91
N GLY D 44 12.75 29.18 81.05
CA GLY D 44 12.77 28.32 82.22
C GLY D 44 12.66 29.07 83.54
N ARG D 45 13.16 28.43 84.59
CA ARG D 45 13.16 28.98 85.93
C ARG D 45 14.55 28.75 86.49
N VAL D 46 15.04 29.72 87.25
CA VAL D 46 16.33 29.58 87.92
C VAL D 46 16.26 30.29 89.27
N LEU D 47 16.41 29.51 90.35
CA LEU D 47 16.40 30.05 91.72
C LEU D 47 15.08 30.77 92.02
N ASN D 48 13.98 30.16 91.62
CA ASN D 48 12.64 30.77 91.64
C ASN D 48 12.59 32.17 90.97
N ALA D 49 13.21 32.29 89.81
CA ALA D 49 13.16 33.49 88.96
C ALA D 49 12.90 33.03 87.52
N HIS D 50 11.80 33.50 86.92
CA HIS D 50 11.30 32.94 85.64
C HIS D 50 11.82 33.68 84.40
N LEU D 51 12.65 32.98 83.62
CA LEU D 51 13.33 33.52 82.44
C LEU D 51 12.55 33.21 81.17
N ASP D 52 12.20 34.24 80.42
CA ASP D 52 11.70 34.11 79.05
C ASP D 52 12.36 35.20 78.23
N ASP D 53 13.58 34.88 77.76
CA ASP D 53 14.47 35.86 77.13
C ASP D 53 14.86 35.48 75.71
N ARG D 54 15.19 36.51 74.94
CA ARG D 54 15.74 36.40 73.58
C ARG D 54 17.03 37.19 73.58
N LEU D 55 18.14 36.47 73.55
CA LEU D 55 19.48 37.02 73.69
C LEU D 55 20.24 36.91 72.38
N PRO D 56 21.12 37.89 72.10
CA PRO D 56 21.92 37.84 70.88
C PRO D 56 23.10 36.87 70.96
N ASN D 57 23.25 36.08 69.89
CA ASN D 57 24.36 35.14 69.73
C ASN D 57 25.64 35.88 69.41
N VAL D 58 26.74 35.16 69.48
CA VAL D 58 28.03 35.69 69.01
C VAL D 58 27.95 36.03 67.52
N GLY D 59 28.60 37.13 67.15
CA GLY D 59 28.74 37.52 65.75
C GLY D 59 30.17 37.33 65.24
N GLY D 60 30.54 38.15 64.28
CA GLY D 60 31.88 38.09 63.70
C GLY D 60 32.12 36.82 62.93
N ARG D 61 31.05 36.32 62.29
CA ARG D 61 31.15 35.21 61.37
C ARG D 61 31.95 35.70 60.18
N GLN D 62 32.85 34.86 59.69
CA GLN D 62 33.70 35.23 58.58
C GLN D 62 34.14 33.99 57.85
N VAL D 63 33.51 33.76 56.71
CA VAL D 63 33.71 32.56 55.93
C VAL D 63 34.00 32.96 54.50
N ARG D 64 35.04 32.35 53.94
CA ARG D 64 35.55 32.63 52.59
C ARG D 64 34.95 31.61 51.65
N ARG D 65 34.38 32.06 50.53
CA ARG D 65 33.63 31.19 49.62
C ARG D 65 33.83 31.51 48.17
N THR D 66 33.35 30.60 47.32
CA THR D 66 33.37 30.76 45.87
C THR D 66 31.94 30.79 45.34
N PRO D 67 31.68 31.63 44.33
CA PRO D 67 30.32 31.78 43.82
C PRO D 67 29.89 30.60 42.97
N HIS D 68 28.58 30.31 42.95
CA HIS D 68 28.08 29.05 42.37
C HIS D 68 28.17 29.15 40.85
N ARG D 69 28.71 28.11 40.24
CA ARG D 69 28.93 28.09 38.80
C ARG D 69 28.41 26.79 38.24
N VAL D 70 28.08 26.83 36.95
CA VAL D 70 27.38 25.74 36.31
C VAL D 70 28.18 25.22 35.12
N THR D 71 28.08 23.93 34.86
CA THR D 71 28.93 23.26 33.87
C THR D 71 28.18 22.43 32.85
N VAL D 72 28.82 22.20 31.72
CA VAL D 72 28.33 21.28 30.70
C VAL D 72 29.40 20.25 30.40
N PRO D 73 29.00 19.03 29.96
CA PRO D 73 29.93 17.90 29.91
C PRO D 73 31.22 18.16 29.15
N ILE D 74 32.26 17.52 29.64
CA ILE D 74 33.59 17.58 29.07
C ILE D 74 33.75 16.56 27.92
N ALA D 75 33.03 15.43 28.04
CA ALA D 75 33.07 14.34 27.08
C ALA D 75 31.75 13.59 27.13
N SER D 76 31.40 12.92 26.02
CA SER D 76 30.12 12.27 25.89
C SER D 76 29.97 11.12 26.91
N SER D 77 28.72 10.92 27.39
CA SER D 77 28.39 9.94 28.44
C SER D 77 29.19 10.11 29.73
N GLY D 78 29.75 11.30 29.92
CA GLY D 78 30.75 11.51 30.95
C GLY D 78 30.52 12.85 31.62
N LEU D 79 30.79 12.88 32.91
CA LEU D 79 30.55 14.09 33.68
C LEU D 79 31.50 15.22 33.23
N ARG D 80 31.23 16.40 33.78
CA ARG D 80 31.86 17.66 33.42
C ARG D 80 33.13 17.81 34.24
N PRO D 81 33.82 18.96 34.13
CA PRO D 81 34.96 19.10 34.99
C PRO D 81 34.47 19.47 36.38
N VAL D 82 35.11 18.87 37.36
CA VAL D 82 34.88 19.13 38.76
C VAL D 82 35.35 20.55 39.10
N THR D 83 34.47 21.37 39.65
CA THR D 83 34.79 22.79 39.91
C THR D 83 35.40 23.01 41.27
N THR D 84 36.40 23.88 41.33
CA THR D 84 37.03 24.34 42.57
C THR D 84 36.04 25.18 43.36
N VAL D 85 35.66 24.68 44.53
CA VAL D 85 34.77 25.41 45.43
C VAL D 85 35.44 25.46 46.80
N GLN D 86 35.07 26.45 47.59
CA GLN D 86 35.58 26.55 48.94
C GLN D 86 34.54 27.12 49.90
N TYR D 87 34.44 26.47 51.05
CA TYR D 87 33.70 26.99 52.20
C TYR D 87 34.70 26.97 53.34
N ASP D 88 35.52 28.02 53.39
CA ASP D 88 36.67 28.13 54.31
C ASP D 88 36.32 29.15 55.41
N PRO D 89 35.85 28.66 56.58
CA PRO D 89 35.44 29.55 57.64
C PRO D 89 36.62 29.90 58.55
N ALA D 90 36.55 31.07 59.17
CA ALA D 90 37.54 31.48 60.16
C ALA D 90 37.62 30.49 61.31
N ALA D 91 36.47 30.02 61.76
CA ALA D 91 36.40 28.97 62.78
C ALA D 91 35.05 28.27 62.74
N LEU D 92 35.01 27.04 63.26
CA LEU D 92 33.83 26.17 63.13
C LEU D 92 32.69 26.65 64.02
N SER D 93 31.50 26.82 63.47
CA SER D 93 30.34 27.30 64.21
C SER D 93 29.39 26.14 64.42
N PHE D 94 28.76 26.09 65.59
CA PHE D 94 27.77 25.05 65.93
C PHE D 94 26.58 25.65 66.66
N LEU D 95 25.47 24.93 66.62
CA LEU D 95 24.26 25.33 67.34
C LEU D 95 23.91 24.32 68.43
N LEU D 96 23.48 24.85 69.56
CA LEU D 96 23.21 24.04 70.74
C LEU D 96 21.79 24.28 71.27
N ASN D 97 21.03 23.19 71.40
CA ASN D 97 19.77 23.16 72.14
C ASN D 97 20.03 22.30 73.36
N ALA D 98 19.60 22.76 74.54
CA ALA D 98 19.91 22.05 75.77
C ALA D 98 18.89 22.28 76.87
N ARG D 99 18.47 21.19 77.51
CA ARG D 99 17.79 21.27 78.80
C ARG D 99 18.87 21.06 79.84
N VAL D 100 19.04 22.06 80.67
CA VAL D 100 19.97 22.02 81.77
C VAL D 100 19.19 22.36 83.03
N ASP D 101 19.23 21.43 83.98
CA ASP D 101 18.59 21.58 85.30
C ASP D 101 19.50 20.95 86.34
N TRP D 102 19.36 21.40 87.59
CA TRP D 102 20.13 20.82 88.68
C TRP D 102 19.29 20.60 89.93
N ASP D 103 19.71 19.58 90.68
CA ASP D 103 18.89 18.87 91.67
C ASP D 103 19.48 19.02 93.07
N PHE D 104 19.68 20.29 93.49
CA PHE D 104 20.38 20.52 94.75
C PHE D 104 19.40 20.45 95.90
N GLY D 105 19.93 20.10 97.07
CA GLY D 105 19.12 19.89 98.25
C GLY D 105 18.62 21.17 98.90
N ASN D 106 19.52 22.14 99.01
CA ASN D 106 19.21 23.47 99.55
C ASN D 106 18.31 24.28 98.62
N GLY D 107 18.26 25.60 98.80
CA GLY D 107 17.46 26.47 97.93
C GLY D 107 17.70 26.53 96.41
N ASP D 108 18.93 26.26 95.94
CA ASP D 108 19.29 26.52 94.52
C ASP D 108 19.08 25.32 93.58
N SER D 109 17.83 24.95 93.33
CA SER D 109 17.49 24.03 92.24
C SER D 109 17.00 24.89 91.10
N ALA D 110 17.27 24.47 89.86
CA ALA D 110 16.85 25.22 88.67
C ALA D 110 16.65 24.31 87.47
N ASN D 111 16.01 24.87 86.45
CA ASN D 111 15.62 24.17 85.23
C ASN D 111 15.33 25.14 84.08
N LEU D 112 16.06 25.02 82.97
CA LEU D 112 15.79 25.87 81.81
C LEU D 112 16.20 25.25 80.47
N VAL D 113 15.58 25.79 79.40
CA VAL D 113 15.71 25.30 78.03
C VAL D 113 16.44 26.38 77.24
N ILE D 114 17.53 25.99 76.58
CA ILE D 114 18.32 26.87 75.73
C ILE D 114 18.06 26.47 74.29
N ASN D 115 17.68 27.40 73.43
CA ASN D 115 17.43 27.04 72.05
C ASN D 115 18.15 27.92 71.05
N ASP D 116 18.81 27.27 70.09
CA ASP D 116 19.61 27.92 69.05
C ASP D 116 20.70 28.83 69.58
N PHE D 117 21.46 28.32 70.56
CA PHE D 117 22.63 29.01 71.08
C PHE D 117 23.85 28.66 70.24
N LEU D 118 24.56 29.68 69.78
CA LEU D 118 25.68 29.51 68.87
C LEU D 118 26.98 29.77 69.60
N PHE D 119 27.83 28.75 69.57
CA PHE D 119 29.22 28.86 69.97
C PHE D 119 30.09 28.28 68.87
N ARG D 120 31.30 28.79 68.73
CA ARG D 120 32.21 28.32 67.71
C ARG D 120 33.53 27.88 68.32
N THR D 121 34.23 27.01 67.59
CA THR D 121 35.50 26.43 68.03
C THR D 121 36.53 26.44 66.93
N PHE D 122 37.78 26.35 67.37
CA PHE D 122 38.93 26.31 66.50
C PHE D 122 38.73 25.27 65.40
N ALA D 123 39.04 25.70 64.18
CA ALA D 123 38.93 24.88 62.98
C ALA D 123 40.27 24.24 62.66
N PRO D 124 40.40 22.91 62.83
CA PRO D 124 41.62 22.21 62.47
C PRO D 124 41.58 21.97 60.97
N LYS D 125 41.80 23.05 60.27
CA LYS D 125 41.45 23.18 58.87
C LYS D 125 42.55 22.60 57.98
N GLU D 126 43.80 22.71 58.41
CA GLU D 126 44.94 22.25 57.63
C GLU D 126 45.28 20.82 57.98
N PHE D 127 45.14 19.94 57.00
CA PHE D 127 45.55 18.56 57.14
C PHE D 127 45.79 18.01 55.75
N ASP D 128 46.85 17.20 55.63
CA ASP D 128 47.20 16.52 54.39
C ASP D 128 47.29 15.01 54.67
N PHE D 129 46.76 14.20 53.77
CA PHE D 129 46.88 12.74 53.86
C PHE D 129 47.45 12.13 52.59
N SER D 130 48.21 12.90 51.81
CA SER D 130 48.84 12.35 50.60
C SER D 130 49.64 11.07 50.86
N ASN D 131 50.23 10.93 52.06
CA ASN D 131 50.89 9.68 52.49
C ASN D 131 50.01 8.45 52.46
N SER D 132 48.77 8.61 52.90
CA SER D 132 47.82 7.51 52.89
C SER D 132 47.20 7.25 51.51
N LEU D 133 47.25 8.24 50.61
CA LEU D 133 46.57 8.19 49.29
C LEU D 133 47.39 7.62 48.13
N VAL D 134 48.62 8.09 47.96
CA VAL D 134 49.48 7.69 46.83
C VAL D 134 49.82 6.17 46.76
N PRO D 135 49.87 5.45 47.93
CA PRO D 135 49.97 3.98 47.83
C PRO D 135 48.67 3.34 47.30
N ARG D 136 47.53 3.91 47.69
CA ARG D 136 46.22 3.47 47.24
C ARG D 136 46.01 3.69 45.74
N TYR D 137 46.56 4.81 45.22
CA TYR D 137 46.58 5.09 43.76
C TYR D 137 47.40 4.06 43.00
N THR D 138 48.60 3.79 43.50
CA THR D 138 49.49 2.79 42.91
C THR D 138 48.93 1.36 43.06
N GLN D 139 48.15 1.07 44.10
CA GLN D 139 47.51 -0.26 44.25
C GLN D 139 46.38 -0.52 43.24
N ALA D 140 45.58 0.50 42.97
CA ALA D 140 44.53 0.41 41.95
C ALA D 140 45.10 0.35 40.52
N PHE D 141 46.12 1.16 40.24
CA PHE D 141 46.82 1.17 38.93
C PHE D 141 47.49 -0.17 38.54
N SER D 142 48.05 -0.86 39.53
CA SER D 142 48.65 -2.19 39.34
C SER D 142 47.59 -3.28 39.23
N ALA D 143 46.52 -3.17 40.01
CA ALA D 143 45.40 -4.14 39.99
C ALA D 143 44.30 -3.78 38.99
N PHE D 144 44.56 -2.85 38.07
CA PHE D 144 43.58 -2.39 37.09
C PHE D 144 43.25 -3.47 36.05
N ASN D 145 44.30 -4.03 35.46
CA ASN D 145 44.19 -5.08 34.46
C ASN D 145 43.43 -6.27 35.01
N ALA D 146 43.67 -6.56 36.30
CA ALA D 146 43.16 -7.77 36.98
C ALA D 146 41.64 -7.95 37.00
N LYS D 147 40.90 -6.85 37.08
CA LYS D 147 39.42 -6.90 37.14
C LYS D 147 38.69 -6.32 35.93
N TYR D 148 39.30 -5.34 35.27
CA TYR D 148 38.67 -4.69 34.11
C TYR D 148 39.24 -5.12 32.73
N GLY D 149 40.40 -5.79 32.71
CA GLY D 149 41.02 -6.30 31.46
C GLY D 149 40.24 -7.36 30.68
N THR D 150 39.32 -8.06 31.36
CA THR D 150 38.35 -8.96 30.71
C THR D 150 37.30 -8.16 29.96
N MET D 151 36.75 -7.14 30.62
CA MET D 151 35.70 -6.30 30.02
C MET D 151 36.22 -5.43 28.88
N ILE D 152 37.47 -4.97 28.94
CA ILE D 152 38.09 -4.20 27.87
C ILE D 152 38.23 -5.03 26.60
N GLY D 153 38.80 -6.23 26.74
CA GLY D 153 38.93 -7.16 25.62
C GLY D 153 37.58 -7.52 25.02
N GLU D 154 36.65 -7.91 25.90
CA GLU D 154 35.26 -8.21 25.53
C GLU D 154 34.56 -7.07 24.78
N GLY D 155 34.87 -5.84 25.20
CA GLY D 155 34.46 -4.65 24.49
C GLY D 155 35.10 -4.50 23.11
N LEU D 156 36.41 -4.74 23.03
CA LEU D 156 37.11 -4.62 21.75
C LEU D 156 36.69 -5.67 20.71
N GLU D 157 36.42 -6.89 21.16
CA GLU D 157 35.96 -7.95 20.27
C GLU D 157 34.55 -7.68 19.73
N THR D 158 33.66 -7.15 20.57
CA THR D 158 32.29 -6.88 20.14
C THR D 158 32.22 -5.71 19.12
N ILE D 159 33.10 -4.72 19.23
CA ILE D 159 33.21 -3.66 18.20
C ILE D 159 33.93 -4.14 16.94
N LYS D 160 34.96 -4.96 17.11
CA LYS D 160 35.67 -5.58 15.97
C LYS D 160 34.75 -6.50 15.16
N TYR D 161 33.91 -7.26 15.87
CA TYR D 161 32.90 -8.13 15.28
C TYR D 161 31.86 -7.35 14.45
N LEU D 162 31.40 -6.21 14.98
CA LEU D 162 30.51 -5.31 14.21
C LEU D 162 31.19 -4.86 12.92
N GLY D 163 32.45 -4.46 13.04
CA GLY D 163 33.25 -4.05 11.89
C GLY D 163 33.30 -5.09 10.81
N LEU D 164 33.42 -6.35 11.22
CA LEU D 164 33.25 -7.46 10.29
C LEU D 164 31.79 -7.53 9.79
N LEU D 165 30.81 -7.55 10.71
CA LEU D 165 29.40 -7.66 10.31
C LEU D 165 28.99 -6.65 9.24
N LEU D 166 29.49 -5.43 9.35
CA LEU D 166 29.21 -4.39 8.36
C LEU D 166 29.93 -4.67 7.04
N ARG D 167 31.15 -5.21 7.14
CA ARG D 167 31.97 -5.56 5.94
C ARG D 167 31.26 -6.61 5.09
N ARG D 168 30.59 -7.57 5.75
CA ARG D 168 29.75 -8.55 5.05
C ARG D 168 28.54 -7.90 4.40
N LEU D 169 27.89 -6.99 5.10
CA LEU D 169 26.77 -6.25 4.54
C LEU D 169 27.21 -5.45 3.34
N ARG D 170 28.39 -4.83 3.43
CA ARG D 170 28.92 -4.06 2.32
C ARG D 170 29.08 -4.96 1.09
N GLU D 171 29.77 -6.10 1.25
CA GLU D 171 29.91 -7.10 0.17
C GLU D 171 28.56 -7.43 -0.44
N GLY D 172 27.60 -7.78 0.41
CA GLY D 172 26.22 -8.08 -0.01
C GLY D 172 25.52 -6.94 -0.74
N TYR D 173 25.78 -5.72 -0.29
CA TYR D 173 25.26 -4.53 -0.95
C TYR D 173 25.89 -4.33 -2.34
N ARG D 174 27.23 -4.34 -2.39
CA ARG D 174 27.96 -4.19 -3.67
C ARG D 174 27.34 -5.05 -4.75
N ALA D 175 27.11 -6.31 -4.42
CA ALA D 175 26.58 -7.27 -5.37
C ALA D 175 25.27 -6.84 -5.99
N VAL D 176 24.39 -6.22 -5.19
CA VAL D 176 23.10 -5.76 -5.72
C VAL D 176 23.35 -4.70 -6.80
N LYS D 177 24.27 -3.77 -6.49
CA LYS D 177 24.68 -2.71 -7.43
C LYS D 177 25.26 -3.32 -8.71
N ARG D 178 26.26 -4.17 -8.54
CA ARG D 178 26.95 -4.82 -9.68
C ARG D 178 26.09 -5.83 -10.47
N GLY D 179 24.88 -6.13 -9.98
CA GLY D 179 23.96 -7.05 -10.65
C GLY D 179 24.44 -8.50 -10.61
N ASP D 180 25.36 -8.80 -9.68
CA ASP D 180 26.00 -10.12 -9.55
C ASP D 180 25.24 -10.97 -8.53
N LEU D 181 24.30 -11.78 -9.02
CA LEU D 181 23.53 -12.69 -8.16
C LEU D 181 24.41 -13.72 -7.44
N ARG D 182 25.41 -14.28 -8.12
CA ARG D 182 26.25 -15.35 -7.57
C ARG D 182 26.99 -14.93 -6.31
N ALA D 183 27.72 -13.83 -6.40
CA ALA D 183 28.47 -13.29 -5.26
C ALA D 183 27.54 -12.93 -4.10
N LEU D 184 26.38 -12.33 -4.41
CA LEU D 184 25.34 -12.00 -3.41
C LEU D 184 24.84 -13.24 -2.69
N ARG D 185 24.56 -14.28 -3.47
CA ARG D 185 24.15 -15.56 -2.92
C ARG D 185 25.19 -16.04 -1.92
N ARG D 186 26.47 -16.00 -2.31
CA ARG D 186 27.56 -16.42 -1.40
C ARG D 186 27.42 -15.79 -0.02
N VAL D 187 27.14 -14.49 -0.01
CA VAL D 187 26.99 -13.73 1.25
C VAL D 187 25.81 -14.28 2.05
N ILE D 188 24.69 -14.47 1.37
CA ILE D 188 23.48 -14.94 2.02
C ILE D 188 23.62 -16.40 2.52
N GLN D 189 24.37 -17.23 1.79
CA GLN D 189 24.51 -18.68 2.10
C GLN D 189 25.19 -18.94 3.45
N SER D 190 26.15 -18.09 3.82
CA SER D 190 26.82 -18.19 5.12
C SER D 190 25.91 -17.90 6.33
N TYR D 191 24.72 -17.32 6.10
CA TYR D 191 23.77 -16.96 7.19
C TYR D 191 22.63 -17.92 7.43
N HIS D 192 22.46 -18.95 6.58
CA HIS D 192 21.55 -20.06 6.92
C HIS D 192 21.67 -21.35 6.07
N ASN D 193 22.76 -22.08 6.29
CA ASN D 193 22.86 -23.52 5.98
C ASN D 193 22.47 -23.94 4.58
N GLY D 194 23.11 -23.38 3.56
CA GLY D 194 22.95 -23.84 2.20
C GLY D 194 21.55 -23.84 1.55
N LYS D 195 20.50 -23.46 2.29
CA LYS D 195 19.10 -23.56 1.81
C LYS D 195 18.68 -22.28 1.06
N TRP D 196 19.64 -21.41 0.77
CA TRP D 196 19.37 -20.30 -0.12
C TRP D 196 19.61 -20.75 -1.57
N LYS D 197 18.53 -21.23 -2.19
CA LYS D 197 18.48 -21.50 -3.62
C LYS D 197 17.04 -21.35 -4.17
N PRO D 198 16.42 -20.16 -4.00
CA PRO D 198 15.09 -19.91 -4.58
C PRO D 198 15.01 -20.28 -6.07
N ALA D 199 13.88 -20.87 -6.47
CA ALA D 199 13.68 -21.32 -7.85
C ALA D 199 14.00 -20.22 -8.87
N THR D 200 13.41 -19.04 -8.66
CA THR D 200 13.57 -17.88 -9.57
C THR D 200 14.82 -17.06 -9.24
N ALA D 201 15.32 -16.34 -10.24
CA ALA D 201 16.41 -15.37 -10.06
C ALA D 201 15.82 -14.03 -9.61
N GLY D 202 14.76 -13.61 -10.30
CA GLY D 202 13.88 -12.52 -9.88
C GLY D 202 14.57 -11.19 -9.65
N ASN D 203 14.08 -10.44 -8.65
CA ASN D 203 14.69 -9.17 -8.22
C ASN D 203 15.78 -9.40 -7.16
N LEU D 204 16.96 -8.81 -7.35
CA LEU D 204 18.07 -8.95 -6.38
C LEU D 204 17.84 -8.27 -5.05
N TRP D 205 16.99 -7.26 -5.04
CA TRP D 205 16.65 -6.55 -3.80
C TRP D 205 15.84 -7.38 -2.82
N LEU D 206 14.89 -8.15 -3.35
CA LEU D 206 14.11 -9.05 -2.49
C LEU D 206 15.00 -10.14 -1.95
N GLU D 207 15.89 -10.69 -2.77
CA GLU D 207 16.86 -11.67 -2.27
C GLU D 207 17.77 -11.01 -1.22
N PHE D 208 18.22 -9.79 -1.48
CA PHE D 208 19.01 -9.02 -0.50
C PHE D 208 18.25 -8.91 0.83
N ARG D 209 17.03 -8.39 0.76
CA ARG D 209 16.21 -8.16 1.93
C ARG D 209 15.96 -9.44 2.74
N TYR D 210 15.20 -10.38 2.16
CA TYR D 210 14.83 -11.64 2.81
C TYR D 210 16.00 -12.54 3.20
N GLY D 211 17.04 -12.51 2.38
CA GLY D 211 18.18 -13.37 2.57
C GLY D 211 19.01 -12.90 3.74
N LEU D 212 19.17 -11.59 3.86
CA LEU D 212 20.04 -11.01 4.87
C LEU D 212 19.30 -10.56 6.13
N MET D 213 18.05 -10.97 6.32
CA MET D 213 17.34 -10.61 7.55
C MET D 213 18.04 -11.14 8.83
N PRO D 214 18.61 -12.37 8.79
CA PRO D 214 19.54 -12.78 9.86
C PRO D 214 20.60 -11.73 10.18
N LEU D 215 21.27 -11.24 9.15
CA LEU D 215 22.31 -10.23 9.32
C LEU D 215 21.80 -8.96 9.97
N PHE D 216 20.62 -8.49 9.58
CA PHE D 216 20.03 -7.28 10.20
C PHE D 216 19.79 -7.51 11.70
N TYR D 217 19.35 -8.73 12.05
CA TYR D 217 19.11 -9.10 13.45
C TYR D 217 20.40 -9.24 14.26
N ASP D 218 21.45 -9.82 13.69
CA ASP D 218 22.78 -9.83 14.34
C ASP D 218 23.31 -8.41 14.52
N ILE D 219 23.18 -7.61 13.46
CA ILE D 219 23.63 -6.21 13.48
C ILE D 219 22.92 -5.42 14.56
N ARG D 220 21.60 -5.48 14.60
CA ARG D 220 20.86 -4.80 15.64
C ARG D 220 21.37 -5.23 17.01
N ASP D 221 21.35 -6.54 17.26
CA ASP D 221 21.81 -7.08 18.56
C ASP D 221 23.20 -6.56 18.91
N VAL D 222 24.15 -6.71 17.99
CA VAL D 222 25.53 -6.28 18.20
C VAL D 222 25.68 -4.78 18.37
N MET D 223 24.94 -4.01 17.58
CA MET D 223 24.98 -2.54 17.71
C MET D 223 24.49 -2.09 19.09
N LEU D 224 23.32 -2.61 19.50
CA LEU D 224 22.78 -2.28 20.82
C LEU D 224 23.72 -2.75 21.90
N ASP D 225 24.22 -3.97 21.74
CA ASP D 225 25.16 -4.55 22.69
C ASP D 225 26.48 -3.77 22.79
N TRP D 226 27.01 -3.31 21.65
CA TRP D 226 28.22 -2.47 21.63
C TRP D 226 28.02 -1.17 22.40
N GLN D 227 26.91 -0.49 22.14
CA GLN D 227 26.55 0.75 22.83
C GLN D 227 26.70 0.61 24.36
N ASN D 228 26.17 -0.49 24.91
CA ASN D 228 26.24 -0.71 26.35
C ASN D 228 27.66 -0.81 26.86
N ARG D 229 28.47 -1.67 26.23
CA ARG D 229 29.86 -1.83 26.66
C ARG D 229 30.63 -0.53 26.51
N HIS D 230 30.35 0.20 25.42
CA HIS D 230 30.93 1.53 25.19
C HIS D 230 30.65 2.47 26.34
N ASP D 231 29.37 2.66 26.66
CA ASP D 231 28.99 3.47 27.81
C ASP D 231 29.69 2.98 29.08
N LYS D 232 29.63 1.67 29.32
CA LYS D 232 30.31 1.06 30.48
C LYS D 232 31.83 1.30 30.52
N ILE D 233 32.50 1.22 29.38
CA ILE D 233 33.95 1.44 29.32
C ILE D 233 34.29 2.92 29.53
N GLN D 234 33.43 3.82 29.08
CA GLN D 234 33.62 5.25 29.31
C GLN D 234 33.59 5.64 30.80
N ARG D 235 32.89 4.86 31.62
CA ARG D 235 32.85 5.09 33.08
C ARG D 235 34.22 4.85 33.76
N LEU D 236 35.11 4.09 33.13
CA LEU D 236 36.43 3.75 33.72
C LEU D 236 37.42 4.89 33.80
N LEU D 237 37.15 6.00 33.11
CA LEU D 237 38.06 7.15 33.05
C LEU D 237 38.16 7.96 34.37
N ARG D 238 37.16 7.85 35.25
CA ARG D 238 37.21 8.50 36.57
C ARG D 238 37.98 7.61 37.53
N PHE D 239 38.87 8.23 38.31
CA PHE D 239 39.53 7.57 39.45
C PHE D 239 39.51 8.49 40.66
N SER D 240 39.15 7.92 41.81
CA SER D 240 38.98 8.68 43.07
C SER D 240 39.43 7.85 44.29
N VAL D 241 40.07 8.51 45.24
CA VAL D 241 40.61 7.89 46.47
C VAL D 241 40.46 8.84 47.67
N GLY D 242 40.30 8.29 48.87
CA GLY D 242 40.17 9.12 50.07
C GLY D 242 40.53 8.44 51.38
N HIS D 243 40.83 9.26 52.40
CA HIS D 243 41.17 8.78 53.75
C HIS D 243 40.46 9.58 54.85
N GLY D 244 39.55 8.92 55.57
CA GLY D 244 38.72 9.57 56.59
C GLY D 244 39.22 9.32 58.00
N GLU D 245 39.74 10.37 58.65
CA GLU D 245 40.40 10.27 59.97
C GLU D 245 39.68 11.12 61.01
N ASP D 246 39.36 10.54 62.17
CA ASP D 246 38.69 11.27 63.27
C ASP D 246 39.63 12.24 63.92
N TYR D 247 39.09 13.38 64.32
CA TYR D 247 39.81 14.36 65.10
C TYR D 247 38.87 14.99 66.10
N VAL D 248 39.40 15.19 67.31
CA VAL D 248 38.61 15.64 68.45
C VAL D 248 39.00 17.08 68.74
N VAL D 249 37.99 17.93 68.87
CA VAL D 249 38.18 19.34 69.20
C VAL D 249 37.44 19.60 70.52
N GLU D 250 37.98 20.51 71.33
CA GLU D 250 37.46 20.77 72.67
C GLU D 250 36.71 22.09 72.67
N PHE D 251 35.62 22.17 73.44
CA PHE D 251 34.94 23.45 73.67
C PHE D 251 34.64 23.66 75.15
N ASP D 252 34.68 24.92 75.56
CA ASP D 252 34.63 25.27 76.98
C ASP D 252 34.28 26.74 77.19
N ASN D 253 33.78 27.06 78.39
CA ASN D 253 33.43 28.43 78.84
C ASN D 253 32.18 28.99 78.16
N LEU D 254 31.14 28.16 78.07
CA LEU D 254 29.88 28.55 77.48
C LEU D 254 28.96 28.93 78.61
N TYR D 255 28.55 30.20 78.65
CA TYR D 255 27.70 30.72 79.72
C TYR D 255 26.39 31.29 79.18
N PRO D 256 25.49 30.42 78.63
CA PRO D 256 24.20 30.89 78.10
C PRO D 256 23.33 31.58 79.14
N ALA D 257 23.38 31.09 80.37
CA ALA D 257 22.89 31.83 81.52
C ALA D 257 24.12 32.47 82.09
N VAL D 258 24.01 33.78 82.27
CA VAL D 258 25.16 34.64 82.43
C VAL D 258 26.22 34.05 83.36
N ALA D 259 25.83 33.74 84.60
CA ALA D 259 26.77 33.25 85.60
C ALA D 259 26.41 31.91 86.19
N TYR D 260 25.25 31.36 85.85
CA TYR D 260 24.70 30.28 86.65
C TYR D 260 25.45 28.98 86.51
N PHE D 261 25.86 28.64 85.31
CA PHE D 261 26.58 27.38 85.10
C PHE D 261 27.46 27.50 83.90
N LYS D 262 28.40 26.57 83.80
CA LYS D 262 29.41 26.50 82.77
C LYS D 262 29.13 25.26 81.96
N LEU D 263 29.30 25.35 80.64
CA LEU D 263 29.25 24.16 79.79
C LEU D 263 30.62 23.86 79.18
N LYS D 264 30.91 22.57 79.07
CA LYS D 264 32.23 22.05 78.76
C LYS D 264 31.95 20.96 77.74
N GLY D 265 32.98 20.48 77.04
CA GLY D 265 32.82 19.27 76.24
C GLY D 265 33.86 18.98 75.17
N GLU D 266 33.59 17.89 74.44
CA GLU D 266 34.44 17.42 73.36
C GLU D 266 33.56 17.10 72.16
N ILE D 267 33.93 17.63 70.99
CA ILE D 267 33.24 17.37 69.72
C ILE D 267 34.11 16.46 68.84
N THR D 268 33.54 15.33 68.41
CA THR D 268 34.21 14.41 67.51
C THR D 268 33.77 14.74 66.09
N LEU D 269 34.68 15.28 65.31
CA LEU D 269 34.43 15.55 63.90
C LEU D 269 35.23 14.56 63.05
N GLU D 270 34.90 14.51 61.75
CA GLU D 270 35.55 13.60 60.79
C GLU D 270 36.27 14.43 59.74
N ARG D 271 37.58 14.19 59.59
CA ARG D 271 38.39 14.83 58.56
C ARG D 271 38.44 13.90 57.38
N ARG D 272 38.17 14.44 56.20
CA ARG D 272 38.16 13.66 54.99
C ARG D 272 38.97 14.38 53.91
N HIS D 273 39.93 13.65 53.37
CA HIS D 273 40.73 14.07 52.25
C HIS D 273 40.43 13.09 51.13
N ARG D 274 40.01 13.60 49.97
CA ARG D 274 39.75 12.77 48.79
C ARG D 274 40.35 13.41 47.54
N HIS D 275 40.96 12.60 46.68
CA HIS D 275 41.61 13.07 45.45
C HIS D 275 41.05 12.33 44.26
N GLY D 276 40.81 13.03 43.16
CA GLY D 276 40.33 12.40 41.93
C GLY D 276 41.02 12.85 40.65
N ILE D 277 40.84 12.06 39.60
CA ILE D 277 41.44 12.31 38.29
C ILE D 277 40.49 11.82 37.19
N SER D 278 40.51 12.51 36.04
CA SER D 278 39.59 12.26 34.94
C SER D 278 40.30 12.17 33.59
N TYR D 279 40.23 11.00 32.96
CA TYR D 279 40.83 10.77 31.66
C TYR D 279 39.88 11.17 30.53
N ALA D 280 40.39 11.85 29.50
CA ALA D 280 39.57 12.22 28.35
C ALA D 280 40.45 12.45 27.14
N ASN D 281 39.87 12.92 26.04
CA ASN D 281 40.65 13.40 24.92
C ASN D 281 41.47 14.60 25.36
N ARG D 282 42.79 14.48 25.24
CA ARG D 282 43.71 15.51 25.74
C ARG D 282 43.49 16.87 25.10
N GLU D 283 43.27 16.90 23.80
CA GLU D 283 43.10 18.17 23.10
C GLU D 283 41.66 18.48 22.76
N GLY D 284 40.75 17.55 23.01
CA GLY D 284 39.34 17.70 22.67
C GLY D 284 38.47 18.29 23.78
N TYR D 285 38.79 17.97 25.03
CA TYR D 285 37.93 18.27 26.18
C TYR D 285 37.44 19.72 26.29
N ALA D 286 38.33 20.67 26.04
CA ALA D 286 38.07 22.10 26.26
C ALA D 286 36.96 22.72 25.40
N VAL D 287 36.93 22.34 24.11
CA VAL D 287 35.95 22.88 23.15
C VAL D 287 34.98 21.77 22.68
N PHE D 288 34.73 20.80 23.56
CA PHE D 288 33.81 19.67 23.27
C PHE D 288 32.38 20.18 23.16
N ASP D 289 31.77 19.97 22.00
CA ASP D 289 30.44 20.53 21.70
C ASP D 289 29.37 19.50 22.04
N ASN D 290 28.54 19.81 23.02
CA ASN D 290 27.33 19.05 23.31
C ASN D 290 26.18 19.37 22.34
N GLY D 291 26.24 20.54 21.71
CA GLY D 291 25.21 20.99 20.75
C GLY D 291 25.13 20.18 19.47
N SER D 292 26.29 19.75 18.96
CA SER D 292 26.36 18.91 17.76
C SER D 292 26.42 17.39 18.07
N LEU D 293 26.39 17.02 19.35
CA LEU D 293 26.37 15.60 19.75
C LEU D 293 25.07 14.95 19.35
N ARG D 294 25.15 13.79 18.72
CA ARG D 294 23.98 13.04 18.32
C ARG D 294 23.48 12.22 19.48
N PRO D 295 22.15 12.25 19.74
CA PRO D 295 21.62 11.51 20.90
C PRO D 295 21.80 10.00 20.73
N VAL D 296 21.58 9.28 21.82
CA VAL D 296 21.69 7.82 21.77
C VAL D 296 20.48 7.26 20.99
N SER D 297 19.34 7.95 21.05
CA SER D 297 18.15 7.57 20.28
C SER D 297 18.45 7.42 18.79
N ASP D 298 19.25 8.33 18.21
CA ASP D 298 19.71 8.24 16.79
C ASP D 298 20.41 6.93 16.45
N TRP D 299 21.25 6.44 17.36
CA TRP D 299 21.95 5.18 17.17
C TRP D 299 20.99 3.98 17.22
N LYS D 300 20.04 4.00 18.15
CA LYS D 300 19.06 2.92 18.27
C LYS D 300 18.21 2.80 17.02
N GLU D 301 17.71 3.93 16.54
CA GLU D 301 16.87 3.95 15.34
C GLU D 301 17.58 3.34 14.13
N LEU D 302 18.90 3.48 14.04
CA LEU D 302 19.65 2.86 12.95
C LEU D 302 19.80 1.34 13.10
N ALA D 303 19.91 0.84 14.32
CA ALA D 303 20.05 -0.61 14.56
C ALA D 303 18.92 -1.41 13.94
N THR D 304 17.72 -0.86 14.09
CA THR D 304 16.50 -1.51 13.70
C THR D 304 15.98 -1.00 12.37
N ALA D 305 16.75 -0.18 11.66
CA ALA D 305 16.24 0.55 10.49
C ALA D 305 15.96 -0.39 9.33
N PHE D 306 16.81 -1.41 9.19
CA PHE D 306 16.57 -2.47 8.20
C PHE D 306 15.38 -3.36 8.54
N ILE D 307 15.19 -3.59 9.82
CA ILE D 307 14.21 -4.55 10.33
C ILE D 307 12.79 -3.97 10.32
N ASN D 308 12.66 -2.65 10.21
CA ASN D 308 11.36 -1.96 10.08
C ASN D 308 10.53 -2.49 8.89
N PRO D 309 9.39 -3.19 9.15
CA PRO D 309 8.50 -3.69 8.09
C PRO D 309 7.67 -2.63 7.36
N HIS D 310 7.44 -1.54 8.07
CA HIS D 310 6.59 -0.46 7.60
C HIS D 310 7.36 0.36 6.53
N GLU D 311 8.70 0.29 6.55
CA GLU D 311 9.59 1.14 5.73
C GLU D 311 9.26 1.15 4.25
N VAL D 312 9.16 2.35 3.69
CA VAL D 312 8.73 2.56 2.30
C VAL D 312 9.93 2.48 1.36
N ALA D 313 11.04 3.02 1.85
CA ALA D 313 12.27 3.23 1.08
C ALA D 313 12.66 2.12 0.11
N TRP D 314 12.56 0.86 0.53
CA TRP D 314 13.01 -0.28 -0.28
C TRP D 314 12.45 -0.25 -1.68
N GLU D 315 11.16 0.05 -1.77
CA GLU D 315 10.49 0.13 -3.07
C GLU D 315 10.96 1.33 -3.90
N LEU D 316 11.14 2.47 -3.24
CA LEU D 316 11.36 3.73 -3.92
C LEU D 316 12.83 4.04 -4.16
N THR D 317 13.61 4.06 -3.09
CA THR D 317 14.97 4.62 -3.10
C THR D 317 15.96 3.72 -2.37
N PRO D 318 16.01 2.43 -2.71
CA PRO D 318 16.74 1.44 -1.91
C PRO D 318 18.24 1.66 -1.87
N TYR D 319 18.79 2.22 -2.94
CA TYR D 319 20.22 2.53 -2.98
C TYR D 319 20.54 3.68 -2.01
N SER D 320 19.74 4.75 -2.10
CA SER D 320 19.84 5.90 -1.19
C SER D 320 19.78 5.40 0.24
N PHE D 321 18.74 4.60 0.52
CA PHE D 321 18.48 4.05 1.84
C PHE D 321 19.74 3.49 2.52
N VAL D 322 20.40 2.57 1.84
CA VAL D 322 21.53 1.85 2.43
C VAL D 322 22.73 2.77 2.57
N VAL D 323 22.98 3.58 1.55
CA VAL D 323 24.09 4.52 1.60
C VAL D 323 23.88 5.47 2.78
N ASP D 324 22.72 6.12 2.83
CA ASP D 324 22.41 7.05 3.94
C ASP D 324 22.61 6.39 5.30
N TRP D 325 22.13 5.16 5.44
CA TRP D 325 22.31 4.37 6.65
C TRP D 325 23.81 4.22 6.99
N PHE D 326 24.58 3.68 6.05
CA PHE D 326 26.02 3.48 6.26
C PHE D 326 26.71 4.73 6.76
N LEU D 327 26.39 5.88 6.14
CA LEU D 327 27.04 7.15 6.47
C LEU D 327 26.69 7.58 7.87
N ASN D 328 25.42 7.49 8.20
CA ASN D 328 24.98 7.82 9.55
C ASN D 328 25.73 6.97 10.55
N VAL D 329 25.74 5.65 10.38
CA VAL D 329 26.46 4.76 11.32
C VAL D 329 27.90 5.22 11.52
N GLY D 330 28.60 5.47 10.42
CA GLY D 330 29.96 5.99 10.48
C GLY D 330 30.03 7.28 11.29
N ASP D 331 29.21 8.25 10.89
CA ASP D 331 29.16 9.56 11.55
C ASP D 331 29.10 9.42 13.07
N ILE D 332 28.24 8.51 13.56
CA ILE D 332 28.16 8.19 15.00
C ILE D 332 29.43 7.43 15.45
N LEU D 333 29.86 6.44 14.68
CA LEU D 333 31.10 5.70 14.97
C LEU D 333 32.33 6.61 15.11
N ALA D 334 32.36 7.69 14.33
CA ALA D 334 33.43 8.70 14.38
C ALA D 334 33.42 9.50 15.67
N GLN D 335 32.25 10.02 16.05
CA GLN D 335 32.08 10.68 17.34
C GLN D 335 32.49 9.75 18.48
N GLN D 336 32.13 8.46 18.39
CA GLN D 336 32.57 7.45 19.36
C GLN D 336 34.09 7.27 19.33
N GLY D 337 34.67 7.35 18.13
CA GLY D 337 36.12 7.35 17.95
C GLY D 337 36.86 8.44 18.73
N GLN D 338 36.30 9.64 18.73
CA GLN D 338 36.93 10.79 19.39
C GLN D 338 37.15 10.60 20.90
N LEU D 339 36.33 9.74 21.52
CA LEU D 339 36.44 9.45 22.96
C LEU D 339 37.56 8.49 23.32
N TYR D 340 38.05 7.72 22.36
CA TYR D 340 39.20 6.88 22.61
C TYR D 340 40.51 7.51 22.14
N HIS D 341 40.43 8.69 21.55
CA HIS D 341 41.57 9.37 20.96
C HIS D 341 42.32 10.20 22.00
N ASN D 342 43.66 10.14 21.96
CA ASN D 342 44.56 10.94 22.80
C ASN D 342 44.20 10.90 24.27
N ILE D 343 43.79 9.73 24.75
CA ILE D 343 43.30 9.61 26.12
C ILE D 343 44.40 10.01 27.08
N ASP D 344 44.04 10.84 28.06
CA ASP D 344 45.00 11.45 28.97
C ASP D 344 44.21 12.08 30.14
N ILE D 345 44.87 12.19 31.30
CA ILE D 345 44.27 12.90 32.45
C ILE D 345 44.19 14.37 32.08
N VAL D 346 42.98 14.89 31.97
CA VAL D 346 42.77 16.29 31.60
C VAL D 346 42.31 17.16 32.76
N ASP D 347 41.94 16.52 33.88
CA ASP D 347 41.37 17.19 35.04
C ASP D 347 41.67 16.36 36.27
N GLY D 348 42.12 17.05 37.32
CA GLY D 348 42.29 16.46 38.64
C GLY D 348 41.70 17.39 39.68
N PHE D 349 41.43 16.82 40.87
CA PHE D 349 40.99 17.60 42.03
C PHE D 349 41.45 17.02 43.36
N ASP D 350 41.40 17.87 44.38
CA ASP D 350 41.83 17.54 45.73
C ASP D 350 40.79 18.10 46.71
N ARG D 351 40.08 17.22 47.42
CA ARG D 351 39.07 17.62 48.40
C ARG D 351 39.53 17.38 49.82
N ARG D 352 39.46 18.42 50.64
CA ARG D 352 39.63 18.28 52.08
C ARG D 352 38.37 18.87 52.70
N ASP D 353 37.72 18.11 53.57
CA ASP D 353 36.52 18.60 54.26
C ASP D 353 36.40 18.07 55.69
N ILE D 354 35.44 18.64 56.43
CA ILE D 354 35.19 18.29 57.83
C ILE D 354 33.70 18.17 58.11
N ARG D 355 33.27 16.96 58.49
CA ARG D 355 31.88 16.72 58.88
C ARG D 355 31.80 16.58 60.40
N LEU D 356 30.59 16.48 60.93
CA LEU D 356 30.39 16.34 62.37
C LEU D 356 29.93 14.93 62.73
N LYS D 357 30.83 14.13 63.30
CA LYS D 357 30.48 12.76 63.71
C LYS D 357 29.62 12.74 64.97
N SER D 358 30.21 13.14 66.09
CA SER D 358 29.54 13.05 67.38
C SER D 358 30.05 14.13 68.30
N PHE D 359 29.59 14.11 69.54
CA PHE D 359 30.06 15.02 70.58
C PHE D 359 29.72 14.51 71.97
N THR D 360 30.28 15.16 72.98
CA THR D 360 29.89 14.97 74.39
C THR D 360 29.80 16.34 75.05
N ILE D 361 29.11 16.41 76.18
CA ILE D 361 28.90 17.67 76.88
C ILE D 361 28.77 17.46 78.39
N LYS D 362 29.30 18.41 79.16
CA LYS D 362 29.22 18.40 80.61
C LYS D 362 28.77 19.77 81.09
N GLY D 363 27.99 19.78 82.16
CA GLY D 363 27.65 21.01 82.86
C GLY D 363 28.35 21.01 84.21
N GLU D 364 28.81 22.18 84.63
CA GLU D 364 29.28 22.38 86.01
C GLU D 364 28.80 23.75 86.52
N ARG D 365 28.40 23.76 87.79
CA ARG D 365 28.00 24.98 88.50
C ARG D 365 28.66 25.05 89.88
N ASN D 366 29.58 26.00 90.04
CA ASN D 366 30.32 26.20 91.29
C ASN D 366 31.03 24.92 91.71
N GLY D 367 31.84 24.37 90.80
CA GLY D 367 32.57 23.12 91.05
C GLY D 367 31.76 21.83 91.22
N ARG D 368 30.48 21.85 90.83
CA ARG D 368 29.57 20.71 90.95
C ARG D 368 28.89 20.52 89.61
N PRO D 369 28.67 19.26 89.20
CA PRO D 369 28.01 19.01 87.90
C PRO D 369 26.51 19.31 87.92
N VAL D 370 25.93 19.48 86.73
CA VAL D 370 24.48 19.72 86.58
C VAL D 370 23.91 18.92 85.39
N ASN D 371 22.63 18.58 85.44
CA ASN D 371 22.06 17.68 84.43
C ASN D 371 21.91 18.38 83.09
N VAL D 372 22.54 17.83 82.05
CA VAL D 372 22.52 18.42 80.73
C VAL D 372 22.01 17.38 79.76
N SER D 373 20.98 17.74 79.00
CA SER D 373 20.44 16.91 77.93
C SER D 373 20.44 17.77 76.68
N ALA D 374 21.33 17.47 75.72
CA ALA D 374 21.56 18.40 74.60
C ALA D 374 21.88 17.75 73.26
N SER D 375 21.54 18.51 72.21
CA SER D 375 21.71 18.13 70.82
C SER D 375 22.54 19.18 70.10
N LEU D 376 23.43 18.72 69.22
CA LEU D 376 24.39 19.59 68.55
C LEU D 376 24.21 19.48 67.04
N SER D 377 23.99 20.62 66.40
CA SER D 377 23.83 20.72 64.93
C SER D 377 24.87 21.72 64.37
N ALA D 378 25.55 21.33 63.29
CA ALA D 378 26.63 22.16 62.71
C ALA D 378 26.09 23.38 61.97
N VAL D 379 26.93 24.41 61.83
CA VAL D 379 26.58 25.63 61.07
C VAL D 379 27.62 25.94 60.00
N ASP D 380 28.82 26.31 60.43
CA ASP D 380 29.92 26.60 59.52
C ASP D 380 30.90 25.46 59.66
N LEU D 381 31.20 24.75 58.59
CA LEU D 381 32.23 23.71 58.63
C LEU D 381 33.23 23.97 57.54
N PHE D 382 34.22 23.08 57.39
CA PHE D 382 35.26 23.25 56.38
C PHE D 382 35.05 22.35 55.18
N TYR D 383 35.01 22.97 53.99
CA TYR D 383 35.01 22.27 52.72
C TYR D 383 35.94 22.98 51.74
N SER D 384 36.93 22.25 51.22
CA SER D 384 37.83 22.78 50.18
C SER D 384 38.09 21.75 49.10
N ARG D 385 37.57 22.03 47.91
CA ARG D 385 37.88 21.27 46.73
C ARG D 385 38.69 22.18 45.81
N LEU D 386 39.85 21.69 45.39
CA LEU D 386 40.78 22.46 44.58
C LEU D 386 41.28 21.62 43.39
N HIS D 387 41.25 22.22 42.21
CA HIS D 387 41.65 21.57 40.96
C HIS D 387 43.17 21.46 40.89
N THR D 388 43.67 20.28 40.53
CA THR D 388 45.10 19.97 40.52
C THR D 388 45.58 19.56 39.12
N SER D 389 46.65 20.22 38.65
CA SER D 389 47.36 19.87 37.41
C SER D 389 48.71 19.14 37.64
N ASN D 390 49.21 19.14 38.89
CA ASN D 390 50.43 18.42 39.24
C ASN D 390 50.22 16.93 39.14
N LEU D 391 51.33 16.23 39.04
CA LEU D 391 51.32 14.82 38.75
C LEU D 391 51.44 13.99 40.05
N PRO D 392 50.42 13.15 40.36
CA PRO D 392 50.65 12.10 41.37
C PRO D 392 51.65 11.16 40.78
N PHE D 393 52.64 10.74 41.55
CA PHE D 393 53.88 10.25 40.94
C PHE D 393 53.63 9.04 40.02
N ALA D 394 52.78 8.11 40.45
CA ALA D 394 52.32 7.02 39.58
C ALA D 394 51.15 7.52 38.71
N THR D 395 51.38 7.61 37.39
CA THR D 395 50.33 7.92 36.40
C THR D 395 50.19 6.73 35.46
N LEU D 396 48.96 6.26 35.28
CA LEU D 396 48.71 5.14 34.38
C LEU D 396 48.59 5.70 32.96
N ASP D 397 48.96 4.88 31.97
CA ASP D 397 48.86 5.22 30.55
C ASP D 397 47.78 4.33 29.92
N LEU D 398 46.59 4.90 29.73
CA LEU D 398 45.47 4.21 29.05
C LEU D 398 45.50 4.38 27.53
N ASP D 399 46.16 5.44 27.06
CA ASP D 399 46.25 5.75 25.62
C ASP D 399 46.73 4.57 24.81
N THR D 400 47.69 3.80 25.34
CA THR D 400 48.21 2.62 24.66
C THR D 400 47.19 1.45 24.61
N THR D 401 46.43 1.22 25.69
CA THR D 401 45.34 0.19 25.66
C THR D 401 44.18 0.63 24.77
N PHE D 402 43.89 1.92 24.76
CA PHE D 402 42.70 2.46 24.11
C PHE D 402 42.94 3.00 22.70
N SER D 403 44.19 3.24 22.30
CA SER D 403 44.47 3.60 20.89
C SER D 403 43.93 2.51 19.97
N SER D 404 44.08 1.25 20.39
CA SER D 404 43.47 0.07 19.76
C SER D 404 42.03 0.31 19.30
N PHE D 405 41.20 0.83 20.20
CA PHE D 405 39.81 1.14 19.88
C PHE D 405 39.68 2.15 18.73
N LYS D 406 40.44 3.25 18.77
CA LYS D 406 40.37 4.28 17.71
C LYS D 406 40.71 3.71 16.34
N HIS D 407 41.74 2.86 16.29
CA HIS D 407 42.17 2.24 15.03
C HIS D 407 41.05 1.39 14.42
N VAL D 408 40.38 0.60 15.26
CA VAL D 408 39.24 -0.19 14.83
C VAL D 408 38.11 0.72 14.34
N LEU D 409 37.81 1.77 15.10
CA LEU D 409 36.70 2.67 14.78
C LEU D 409 37.00 3.57 13.58
N ASP D 410 38.26 3.99 13.41
CA ASP D 410 38.67 4.75 12.22
C ASP D 410 38.66 3.91 10.95
N SER D 411 38.99 2.62 11.06
CA SER D 411 38.96 1.71 9.91
C SER D 411 37.52 1.45 9.48
N ILE D 412 36.65 1.16 10.44
CA ILE D 412 35.21 1.02 10.19
C ILE D 412 34.66 2.34 9.65
N PHE D 413 35.08 3.45 10.26
CA PHE D 413 34.66 4.77 9.80
C PHE D 413 34.99 4.95 8.33
N LEU D 414 36.18 4.53 7.92
CA LEU D 414 36.55 4.59 6.51
C LEU D 414 35.67 3.64 5.67
N LEU D 415 35.41 2.44 6.18
CA LEU D 415 34.48 1.49 5.50
C LEU D 415 33.10 2.07 5.19
N THR D 416 32.54 2.82 6.13
CA THR D 416 31.23 3.45 5.95
C THR D 416 31.23 4.48 4.82
N GLN D 417 32.36 5.16 4.65
CA GLN D 417 32.54 6.11 3.57
C GLN D 417 32.57 5.37 2.25
N ARG D 418 33.31 4.26 2.18
CA ARG D 418 33.52 3.52 0.92
C ARG D 418 32.27 2.68 0.49
N VAL D 419 31.17 3.39 0.21
CA VAL D 419 29.95 2.85 -0.42
C VAL D 419 29.42 3.92 -1.37
N LYS D 420 28.97 3.53 -2.54
CA LYS D 420 28.55 4.48 -3.57
C LYS D 420 27.07 4.29 -3.90
N ARG D 421 26.43 5.34 -4.43
CA ARG D 421 25.00 5.28 -4.79
C ARG D 421 24.73 4.51 -6.10
#